data_6SNJ
#
_entry.id   6SNJ
#
loop_
_entity.id
_entity.type
_entity.pdbx_description
1 polymer 'RNA-binding protein FUS'
2 polymer 'U1 snRNA stem loop III, RNA (28-MER)'
#
loop_
_entity_poly.entity_id
_entity_poly.type
_entity_poly.pdbx_seq_one_letter_code
_entity_poly.pdbx_strand_id
1 'polypeptide(L)'
;GGFNKFGGPRDQGSRHDSEQDNSDNNTIFVQGLGENVTIESVADYFKQIGIIKTNKKTGQPMINLYTDRETGKLKGEATV
SFDDPPSAKAAIDWFDGKEFSGNPIKVSFATRRADFNRGGGNGRGGRGRGG
;
A
2 'polyribonucleotide' GGGAUUUCCCCAAAUGUGGGAAACUCCC B
#
# COMPACT_ATOMS: atom_id res chain seq x y z
N GLY A 1 15.15 9.93 9.40
CA GLY A 1 14.92 8.66 10.12
C GLY A 1 13.44 8.35 10.26
N GLY A 2 13.10 7.40 11.13
CA GLY A 2 11.71 7.00 11.36
C GLY A 2 11.16 6.23 10.18
N PHE A 3 9.85 5.96 10.20
CA PHE A 3 9.18 5.22 9.15
C PHE A 3 9.20 5.91 7.78
N ASN A 4 8.72 7.16 7.76
CA ASN A 4 8.53 7.93 6.54
C ASN A 4 8.54 9.42 6.90
N LYS A 5 8.35 10.29 5.90
CA LYS A 5 8.26 11.73 6.13
C LYS A 5 7.00 12.10 6.90
N PHE A 6 6.09 11.14 7.12
CA PHE A 6 4.93 11.34 7.97
C PHE A 6 5.07 10.56 9.29
N GLY A 7 6.15 9.79 9.43
CA GLY A 7 6.52 9.15 10.68
C GLY A 7 5.84 7.80 10.93
N GLY A 8 5.04 7.29 9.99
CA GLY A 8 4.35 6.02 10.20
C GLY A 8 3.30 6.16 11.31
N PRO A 9 2.92 5.04 11.94
CA PRO A 9 1.96 5.02 13.04
C PRO A 9 2.56 5.59 14.33
N ARG A 10 3.57 6.46 14.23
CA ARG A 10 4.26 6.98 15.39
C ARG A 10 3.44 8.09 16.06
N ASP A 11 2.82 8.95 15.25
CA ASP A 11 2.07 10.10 15.74
C ASP A 11 0.57 9.85 15.61
N GLN A 12 0.19 8.63 15.24
CA GLN A 12 -1.20 8.28 14.95
C GLN A 12 -2.13 8.40 16.16
N GLY A 13 -1.57 8.49 17.38
CA GLY A 13 -2.39 8.63 18.57
C GLY A 13 -2.66 7.29 19.23
N SER A 14 -3.93 6.89 19.31
CA SER A 14 -4.36 5.73 20.10
C SER A 14 -4.10 4.40 19.38
N ARG A 15 -3.24 4.41 18.35
CA ARG A 15 -2.99 3.22 17.54
C ARG A 15 -2.34 2.09 18.33
N HIS A 16 -1.98 2.34 19.59
CA HIS A 16 -1.34 1.34 20.45
C HIS A 16 -2.38 0.48 21.15
N ASP A 17 -3.63 0.96 21.25
CA ASP A 17 -4.73 0.26 21.90
C ASP A 17 -5.96 0.08 21.01
N SER A 18 -5.86 0.50 19.74
CA SER A 18 -6.97 0.45 18.80
C SER A 18 -6.43 0.22 17.40
N GLU A 19 -7.21 -0.47 16.57
CA GLU A 19 -6.83 -0.81 15.22
C GLU A 19 -7.31 0.26 14.22
N GLN A 20 -7.81 1.39 14.73
CA GLN A 20 -8.28 2.48 13.89
C GLN A 20 -7.23 3.60 13.84
N ASP A 21 -7.51 4.74 14.48
CA ASP A 21 -6.62 5.89 14.51
C ASP A 21 -6.14 6.36 13.13
N ASN A 22 -6.89 6.01 12.08
CA ASN A 22 -6.63 6.45 10.73
C ASN A 22 -7.94 6.45 9.95
N SER A 23 -7.98 7.17 8.83
CA SER A 23 -9.16 7.20 7.97
C SER A 23 -8.78 7.55 6.54
N ASP A 24 -7.78 8.44 6.39
CA ASP A 24 -7.26 8.82 5.08
C ASP A 24 -6.04 7.97 4.69
N ASN A 25 -5.82 6.86 5.42
CA ASN A 25 -4.65 6.01 5.24
C ASN A 25 -5.04 4.53 5.15
N ASN A 26 -6.07 4.24 4.37
CA ASN A 26 -6.50 2.86 4.14
C ASN A 26 -5.48 2.09 3.30
N THR A 27 -4.40 2.74 2.88
CA THR A 27 -3.34 2.12 2.09
C THR A 27 -2.11 1.75 2.91
N ILE A 28 -1.43 0.66 2.52
CA ILE A 28 -0.22 0.21 3.19
C ILE A 28 0.88 -0.01 2.16
N PHE A 29 2.13 0.19 2.58
CA PHE A 29 3.29 -0.06 1.74
C PHE A 29 3.88 -1.38 2.24
N VAL A 30 4.50 -2.14 1.34
CA VAL A 30 5.06 -3.45 1.66
C VAL A 30 6.46 -3.60 1.08
N GLN A 31 7.31 -4.37 1.76
CA GLN A 31 8.68 -4.60 1.33
C GLN A 31 9.05 -6.06 1.57
N GLY A 32 9.92 -6.62 0.73
CA GLY A 32 10.46 -7.96 0.92
C GLY A 32 9.73 -9.02 0.10
N LEU A 33 8.78 -8.60 -0.74
CA LEU A 33 7.98 -9.50 -1.55
C LEU A 33 8.87 -10.41 -2.40
N GLY A 34 9.75 -9.80 -3.17
CA GLY A 34 10.58 -10.52 -4.13
C GLY A 34 9.85 -10.65 -5.46
N GLU A 35 10.49 -11.30 -6.42
CA GLU A 35 10.02 -11.38 -7.80
C GLU A 35 8.91 -12.42 -7.98
N ASN A 36 8.66 -13.23 -6.95
CA ASN A 36 7.69 -14.31 -7.02
C ASN A 36 6.27 -13.80 -6.79
N VAL A 37 6.13 -12.49 -6.53
CA VAL A 37 4.85 -11.89 -6.18
C VAL A 37 4.20 -11.17 -7.38
N THR A 38 2.87 -11.01 -7.32
CA THR A 38 2.09 -10.40 -8.40
C THR A 38 0.79 -9.89 -7.77
N ILE A 39 0.02 -9.08 -8.50
CA ILE A 39 -1.19 -8.43 -8.03
C ILE A 39 -2.14 -9.42 -7.35
N GLU A 40 -2.26 -10.62 -7.90
CA GLU A 40 -3.16 -11.62 -7.35
C GLU A 40 -2.61 -12.21 -6.05
N SER A 41 -1.29 -12.24 -5.92
CA SER A 41 -0.64 -12.81 -4.74
C SER A 41 -0.78 -11.86 -3.54
N VAL A 42 -0.45 -10.58 -3.73
CA VAL A 42 -0.51 -9.57 -2.67
C VAL A 42 -1.95 -9.45 -2.17
N ALA A 43 -2.91 -9.20 -3.08
CA ALA A 43 -4.29 -9.03 -2.68
C ALA A 43 -4.81 -10.27 -1.96
N ASP A 44 -4.40 -11.47 -2.42
CA ASP A 44 -4.81 -12.72 -1.81
C ASP A 44 -4.07 -12.96 -0.49
N TYR A 45 -2.98 -12.22 -0.27
CA TYR A 45 -2.16 -12.36 0.92
C TYR A 45 -2.54 -11.36 2.01
N PHE A 46 -3.10 -10.22 1.60
CA PHE A 46 -3.50 -9.15 2.50
C PHE A 46 -4.99 -9.17 2.85
N LYS A 47 -5.80 -9.85 2.03
CA LYS A 47 -7.25 -9.82 2.18
C LYS A 47 -7.70 -10.50 3.46
N GLN A 48 -6.84 -11.33 4.05
CA GLN A 48 -7.17 -12.03 5.29
C GLN A 48 -7.37 -11.06 6.45
N ILE A 49 -6.85 -9.83 6.36
CA ILE A 49 -7.06 -8.83 7.39
C ILE A 49 -8.34 -8.04 7.11
N GLY A 50 -8.70 -7.94 5.84
CA GLY A 50 -9.88 -7.21 5.39
C GLY A 50 -9.84 -7.07 3.88
N ILE A 51 -10.94 -6.60 3.31
CA ILE A 51 -11.11 -6.57 1.86
C ILE A 51 -10.16 -5.56 1.22
N ILE A 52 -9.52 -5.97 0.13
CA ILE A 52 -8.65 -5.09 -0.66
C ILE A 52 -9.53 -4.17 -1.51
N LYS A 53 -9.18 -2.88 -1.58
CA LYS A 53 -9.95 -1.91 -2.35
C LYS A 53 -9.79 -2.18 -3.84
N THR A 54 -10.89 -2.05 -4.59
CA THR A 54 -10.89 -2.26 -6.04
C THR A 54 -10.83 -0.96 -6.82
N ASN A 55 -10.09 -0.96 -7.93
CA ASN A 55 -9.99 0.20 -8.81
C ASN A 55 -11.32 0.42 -9.54
N LYS A 56 -11.64 1.68 -9.83
CA LYS A 56 -12.95 2.07 -10.34
C LYS A 56 -13.11 1.85 -11.85
N LYS A 57 -12.06 1.37 -12.55
CA LYS A 57 -12.16 1.14 -13.99
C LYS A 57 -11.32 -0.05 -14.46
N THR A 58 -10.27 -0.42 -13.72
CA THR A 58 -9.42 -1.54 -14.12
C THR A 58 -9.90 -2.88 -13.54
N GLY A 59 -10.77 -2.84 -12.53
CA GLY A 59 -11.43 -4.02 -12.00
C GLY A 59 -10.51 -4.87 -11.11
N GLN A 60 -9.20 -4.68 -11.22
CA GLN A 60 -8.24 -5.37 -10.37
C GLN A 60 -8.14 -4.66 -9.02
N PRO A 61 -7.61 -5.32 -7.98
CA PRO A 61 -7.36 -4.68 -6.70
C PRO A 61 -6.32 -3.58 -6.89
N MET A 62 -6.36 -2.57 -6.03
CA MET A 62 -5.48 -1.40 -6.14
C MET A 62 -4.08 -1.71 -5.63
N ILE A 63 -3.29 -2.39 -6.46
CA ILE A 63 -1.93 -2.78 -6.13
C ILE A 63 -0.98 -2.47 -7.28
N ASN A 64 0.32 -2.39 -6.97
CA ASN A 64 1.37 -2.28 -7.96
C ASN A 64 2.67 -2.79 -7.35
N LEU A 65 3.37 -3.68 -8.06
CA LEU A 65 4.65 -4.19 -7.60
C LEU A 65 5.76 -3.31 -8.17
N TYR A 66 6.54 -2.69 -7.30
CA TYR A 66 7.57 -1.75 -7.72
C TYR A 66 8.87 -2.44 -8.13
N THR A 67 9.69 -1.75 -8.92
CA THR A 67 10.85 -2.37 -9.55
C THR A 67 12.10 -1.52 -9.39
N ASP A 68 13.25 -2.17 -9.48
CA ASP A 68 14.55 -1.51 -9.51
C ASP A 68 14.76 -0.73 -10.80
N ARG A 69 15.11 0.55 -10.69
CA ARG A 69 15.33 1.41 -11.84
C ARG A 69 16.68 1.12 -12.50
N GLU A 70 17.48 0.27 -11.86
CA GLU A 70 18.82 -0.07 -12.34
C GLU A 70 18.84 -1.36 -13.16
N THR A 71 17.72 -2.10 -13.20
CA THR A 71 17.70 -3.38 -13.90
C THR A 71 16.31 -3.67 -14.47
N GLY A 72 15.26 -3.05 -13.91
CA GLY A 72 13.92 -3.13 -14.48
C GLY A 72 13.14 -4.35 -14.02
N LYS A 73 13.45 -4.89 -12.83
CA LYS A 73 12.74 -6.04 -12.29
C LYS A 73 12.36 -5.79 -10.83
N LEU A 74 11.52 -6.68 -10.28
CA LEU A 74 10.96 -6.52 -8.94
C LEU A 74 12.03 -6.10 -7.93
N LYS A 75 11.78 -4.98 -7.25
CA LYS A 75 12.60 -4.48 -6.16
C LYS A 75 12.21 -5.16 -4.86
N GLY A 76 11.00 -5.73 -4.83
CA GLY A 76 10.44 -6.36 -3.63
C GLY A 76 9.49 -5.41 -2.91
N GLU A 77 9.29 -4.22 -3.45
CA GLU A 77 8.34 -3.25 -2.90
C GLU A 77 6.98 -3.38 -3.57
N ALA A 78 5.92 -3.04 -2.84
CA ALA A 78 4.57 -3.02 -3.36
C ALA A 78 3.69 -2.14 -2.47
N THR A 79 2.50 -1.79 -2.97
CA THR A 79 1.53 -1.01 -2.20
C THR A 79 0.11 -1.55 -2.36
N VAL A 80 -0.52 -1.90 -1.24
CA VAL A 80 -1.83 -2.52 -1.24
C VAL A 80 -2.84 -1.59 -0.58
N SER A 81 -3.92 -1.25 -1.28
CA SER A 81 -4.96 -0.40 -0.68
C SER A 81 -6.08 -1.26 -0.12
N PHE A 82 -6.41 -1.07 1.16
CA PHE A 82 -7.56 -1.70 1.77
C PHE A 82 -8.87 -0.96 1.51
N ASP A 83 -9.98 -1.68 1.42
CA ASP A 83 -11.28 -1.06 1.21
C ASP A 83 -11.74 -0.41 2.52
N ASP A 84 -11.14 -0.83 3.63
CA ASP A 84 -11.48 -0.36 4.96
C ASP A 84 -10.23 0.13 5.70
N PRO A 85 -10.30 1.31 6.35
CA PRO A 85 -9.15 1.91 7.02
C PRO A 85 -8.64 1.13 8.24
N PRO A 86 -9.48 0.44 9.03
CA PRO A 86 -9.01 -0.25 10.21
C PRO A 86 -8.28 -1.54 9.82
N SER A 87 -8.51 -2.03 8.61
CA SER A 87 -7.84 -3.24 8.13
C SER A 87 -6.41 -2.93 7.73
N ALA A 88 -6.16 -1.70 7.27
CA ALA A 88 -4.82 -1.29 6.89
C ALA A 88 -3.91 -1.24 8.13
N LYS A 89 -4.39 -0.66 9.22
CA LYS A 89 -3.57 -0.51 10.43
C LYS A 89 -3.27 -1.87 11.03
N ALA A 90 -4.24 -2.79 10.98
CA ALA A 90 -4.06 -4.15 11.47
C ALA A 90 -3.07 -4.92 10.61
N ALA A 91 -3.13 -4.73 9.29
CA ALA A 91 -2.26 -5.44 8.37
C ALA A 91 -0.82 -4.96 8.53
N ILE A 92 -0.63 -3.72 9.00
CA ILE A 92 0.70 -3.21 9.26
C ILE A 92 1.27 -3.87 10.51
N ASP A 93 0.53 -3.77 11.62
CA ASP A 93 0.96 -4.36 12.89
C ASP A 93 1.11 -5.88 12.84
N TRP A 94 0.45 -6.51 11.87
CA TRP A 94 0.47 -7.96 11.73
C TRP A 94 1.55 -8.45 10.76
N PHE A 95 1.50 -7.99 9.50
CA PHE A 95 2.40 -8.50 8.48
C PHE A 95 3.86 -8.04 8.64
N ASP A 96 4.09 -6.84 9.17
CA ASP A 96 5.44 -6.36 9.40
C ASP A 96 6.23 -7.31 10.30
N GLY A 97 7.25 -7.96 9.72
CA GLY A 97 8.16 -8.82 10.47
C GLY A 97 7.99 -10.31 10.14
N LYS A 98 6.87 -10.70 9.52
CA LYS A 98 6.67 -12.10 9.14
C LYS A 98 7.11 -12.32 7.70
N GLU A 99 6.86 -13.50 7.13
CA GLU A 99 7.25 -13.83 5.77
C GLU A 99 6.06 -13.73 4.82
N PHE A 100 6.31 -13.88 3.52
CA PHE A 100 5.25 -13.78 2.51
C PHE A 100 5.27 -15.01 1.61
N SER A 101 6.47 -15.50 1.27
CA SER A 101 6.62 -16.68 0.43
C SER A 101 7.79 -17.54 0.92
N GLY A 102 8.38 -17.16 2.06
CA GLY A 102 9.53 -17.84 2.63
C GLY A 102 10.60 -16.82 3.03
N ASN A 103 10.57 -15.63 2.43
CA ASN A 103 11.43 -14.52 2.79
C ASN A 103 10.68 -13.56 3.70
N PRO A 104 11.39 -12.88 4.63
CA PRO A 104 10.79 -11.92 5.53
C PRO A 104 10.33 -10.68 4.77
N ILE A 105 9.30 -10.01 5.29
CA ILE A 105 8.74 -8.82 4.67
C ILE A 105 8.45 -7.75 5.72
N LYS A 106 8.14 -6.53 5.24
CA LYS A 106 7.78 -5.41 6.10
C LYS A 106 6.56 -4.69 5.56
N VAL A 107 5.86 -4.01 6.46
CA VAL A 107 4.65 -3.26 6.12
C VAL A 107 4.56 -2.01 6.97
N SER A 108 4.01 -0.94 6.40
CA SER A 108 3.79 0.32 7.08
C SER A 108 2.64 1.06 6.40
N PHE A 109 2.21 2.18 6.96
CA PHE A 109 1.27 3.06 6.28
C PHE A 109 1.82 3.53 4.93
N ALA A 110 0.93 3.97 4.05
CA ALA A 110 1.32 4.48 2.75
C ALA A 110 0.70 5.83 2.51
N THR A 111 1.46 6.75 1.91
CA THR A 111 1.01 8.08 1.55
C THR A 111 1.60 8.51 0.22
N ARG A 112 0.77 9.08 -0.66
CA ARG A 112 1.16 9.33 -2.05
C ARG A 112 2.51 10.02 -2.12
N ARG A 113 3.48 9.36 -2.77
CA ARG A 113 4.85 9.86 -2.86
C ARG A 113 4.88 11.11 -3.71
N ALA A 114 3.98 11.21 -4.69
CA ALA A 114 3.95 12.33 -5.61
C ALA A 114 3.70 13.63 -4.87
N ASP A 115 2.90 13.59 -3.80
CA ASP A 115 2.54 14.78 -3.05
C ASP A 115 3.77 15.34 -2.34
N PHE A 116 4.88 14.60 -2.35
CA PHE A 116 6.10 15.02 -1.67
C PHE A 116 7.20 15.49 -2.63
N ASN A 117 7.02 15.29 -3.95
CA ASN A 117 8.01 15.77 -4.90
C ASN A 117 7.43 16.04 -6.29
N ARG A 118 6.56 15.16 -6.79
CA ARG A 118 6.02 15.28 -8.14
C ARG A 118 4.87 16.30 -8.21
N GLY A 119 4.50 16.89 -7.07
CA GLY A 119 3.42 17.86 -7.02
C GLY A 119 2.05 17.18 -6.88
N GLY A 120 2.05 15.87 -6.61
CA GLY A 120 0.83 15.10 -6.44
C GLY A 120 0.20 14.75 -7.80
N GLY A 121 -1.04 14.26 -7.77
CA GLY A 121 -1.75 13.87 -8.98
C GLY A 121 -2.29 15.09 -9.72
N ASN A 122 -2.82 14.87 -10.93
CA ASN A 122 -3.36 15.93 -11.78
C ASN A 122 -4.56 15.43 -12.56
N GLY A 123 -5.43 16.35 -12.97
CA GLY A 123 -6.64 16.02 -13.72
C GLY A 123 -6.35 15.80 -15.20
N ARG A 124 -7.34 15.27 -15.92
CA ARG A 124 -7.23 14.99 -17.35
C ARG A 124 -8.56 15.25 -18.06
N GLY A 125 -8.51 15.29 -19.39
CA GLY A 125 -9.67 15.58 -20.22
C GLY A 125 -10.68 14.43 -20.20
N GLY A 126 -11.87 14.68 -20.75
CA GLY A 126 -12.96 13.72 -20.80
C GLY A 126 -14.25 14.44 -21.13
N ARG A 127 -15.40 13.88 -20.71
CA ARG A 127 -16.69 14.53 -20.86
C ARG A 127 -16.73 15.84 -20.08
N GLY A 128 -17.70 16.70 -20.40
CA GLY A 128 -17.84 18.00 -19.78
C GLY A 128 -19.30 18.32 -19.48
N ARG A 129 -19.54 19.42 -18.76
CA ARG A 129 -20.88 19.83 -18.37
C ARG A 129 -21.74 20.09 -19.61
N GLY A 130 -23.03 19.73 -19.52
CA GLY A 130 -23.96 19.88 -20.62
C GLY A 130 -23.75 18.84 -21.72
N GLY A 131 -22.79 17.93 -21.51
CA GLY A 131 -22.49 16.86 -22.46
C GLY A 131 -23.41 15.66 -22.26
N GLY A 1 18.12 3.50 10.19
CA GLY A 1 16.82 3.08 9.64
C GLY A 1 15.67 3.67 10.44
N GLY A 2 14.51 3.86 9.80
CA GLY A 2 13.32 4.40 10.44
C GLY A 2 12.16 4.50 9.45
N PHE A 3 11.02 5.04 9.93
CA PHE A 3 9.84 5.22 9.11
C PHE A 3 10.00 6.26 8.00
N ASN A 4 8.97 6.41 7.17
CA ASN A 4 8.94 7.36 6.07
C ASN A 4 8.91 8.79 6.60
N LYS A 5 8.77 9.76 5.69
CA LYS A 5 8.75 11.18 6.02
C LYS A 5 7.57 11.56 6.90
N PHE A 6 6.56 10.68 7.02
CA PHE A 6 5.43 10.94 7.91
C PHE A 6 5.61 10.25 9.26
N GLY A 7 6.66 9.42 9.38
CA GLY A 7 7.10 8.86 10.65
C GLY A 7 6.36 7.59 11.09
N GLY A 8 5.52 6.99 10.23
CA GLY A 8 4.78 5.78 10.59
C GLY A 8 3.74 6.08 11.66
N PRO A 9 3.25 5.05 12.37
CA PRO A 9 2.29 5.19 13.46
C PRO A 9 2.91 5.84 14.70
N ARG A 10 3.92 6.68 14.52
CA ARG A 10 4.66 7.29 15.62
C ARG A 10 3.95 8.55 16.11
N ASP A 11 3.06 9.10 15.29
CA ASP A 11 2.33 10.31 15.63
C ASP A 11 0.94 10.23 14.98
N GLN A 12 0.46 9.01 14.77
CA GLN A 12 -0.83 8.76 14.13
C GLN A 12 -1.99 9.25 15.02
N GLY A 13 -1.72 9.53 16.29
CA GLY A 13 -2.74 9.95 17.22
C GLY A 13 -3.10 8.83 18.19
N SER A 14 -4.37 8.39 18.16
CA SER A 14 -4.93 7.45 19.13
C SER A 14 -4.45 6.01 18.92
N ARG A 15 -3.34 5.79 18.19
CA ARG A 15 -2.89 4.44 17.85
C ARG A 15 -2.40 3.66 19.07
N HIS A 16 -2.38 4.31 20.24
CA HIS A 16 -1.95 3.67 21.48
C HIS A 16 -3.15 3.09 22.24
N ASP A 17 -4.37 3.50 21.87
CA ASP A 17 -5.60 3.07 22.54
C ASP A 17 -6.66 2.53 21.57
N SER A 18 -6.30 2.38 20.29
CA SER A 18 -7.20 1.92 19.26
C SER A 18 -6.41 1.31 18.11
N GLU A 19 -7.06 0.46 17.32
CA GLU A 19 -6.46 -0.15 16.15
C GLU A 19 -6.90 0.59 14.87
N GLN A 20 -7.69 1.66 15.04
CA GLN A 20 -8.15 2.48 13.93
C GLN A 20 -7.09 3.57 13.63
N ASP A 21 -7.10 4.64 14.43
CA ASP A 21 -6.17 5.76 14.32
C ASP A 21 -5.99 6.36 12.92
N ASN A 22 -6.87 6.04 11.98
CA ASN A 22 -6.74 6.52 10.61
C ASN A 22 -8.10 6.52 9.91
N SER A 23 -8.17 7.19 8.75
CA SER A 23 -9.37 7.18 7.92
C SER A 23 -9.00 7.47 6.46
N ASP A 24 -8.01 8.34 6.25
CA ASP A 24 -7.50 8.67 4.92
C ASP A 24 -6.28 7.84 4.54
N ASN A 25 -5.93 6.85 5.37
CA ASN A 25 -4.73 6.05 5.19
C ASN A 25 -5.05 4.56 5.16
N ASN A 26 -6.09 4.19 4.41
CA ASN A 26 -6.48 2.81 4.21
C ASN A 26 -5.45 2.05 3.36
N THR A 27 -4.40 2.74 2.90
CA THR A 27 -3.34 2.14 2.10
C THR A 27 -2.11 1.76 2.91
N ILE A 28 -1.43 0.68 2.51
CA ILE A 28 -0.21 0.22 3.16
C ILE A 28 0.88 0.00 2.13
N PHE A 29 2.13 0.19 2.55
CA PHE A 29 3.29 -0.06 1.71
C PHE A 29 3.90 -1.37 2.22
N VAL A 30 4.53 -2.14 1.31
CA VAL A 30 5.09 -3.44 1.63
C VAL A 30 6.49 -3.58 1.06
N GLN A 31 7.35 -4.33 1.75
CA GLN A 31 8.72 -4.56 1.32
C GLN A 31 9.08 -6.03 1.54
N GLY A 32 9.97 -6.57 0.69
CA GLY A 32 10.52 -7.91 0.87
C GLY A 32 9.78 -8.97 0.04
N LEU A 33 8.85 -8.54 -0.82
CA LEU A 33 8.04 -9.44 -1.63
C LEU A 33 8.91 -10.39 -2.45
N GLY A 34 9.83 -9.81 -3.22
CA GLY A 34 10.61 -10.55 -4.20
C GLY A 34 9.88 -10.54 -5.55
N GLU A 35 10.44 -11.23 -6.53
CA GLU A 35 9.93 -11.26 -7.90
C GLU A 35 8.84 -12.31 -8.09
N ASN A 36 8.62 -13.17 -7.10
CA ASN A 36 7.65 -14.25 -7.21
C ASN A 36 6.22 -13.74 -6.99
N VAL A 37 6.09 -12.44 -6.64
CA VAL A 37 4.82 -11.83 -6.30
C VAL A 37 4.14 -11.16 -7.50
N THR A 38 2.83 -10.97 -7.41
CA THR A 38 2.04 -10.35 -8.48
C THR A 38 0.74 -9.84 -7.83
N ILE A 39 -0.03 -9.02 -8.55
CA ILE A 39 -1.23 -8.37 -8.04
C ILE A 39 -2.17 -9.36 -7.36
N GLU A 40 -2.29 -10.56 -7.92
CA GLU A 40 -3.19 -11.57 -7.37
C GLU A 40 -2.62 -12.16 -6.07
N SER A 41 -1.29 -12.17 -5.95
CA SER A 41 -0.63 -12.74 -4.78
C SER A 41 -0.75 -11.80 -3.58
N VAL A 42 -0.44 -10.52 -3.78
CA VAL A 42 -0.50 -9.53 -2.70
C VAL A 42 -1.95 -9.40 -2.21
N ALA A 43 -2.91 -9.15 -3.10
CA ALA A 43 -4.29 -9.00 -2.70
C ALA A 43 -4.79 -10.25 -1.99
N ASP A 44 -4.37 -11.44 -2.45
CA ASP A 44 -4.77 -12.70 -1.83
C ASP A 44 -4.02 -12.94 -0.51
N TYR A 45 -2.93 -12.20 -0.31
CA TYR A 45 -2.10 -12.33 0.87
C TYR A 45 -2.49 -11.34 1.98
N PHE A 46 -3.05 -10.20 1.57
CA PHE A 46 -3.45 -9.15 2.48
C PHE A 46 -4.93 -9.18 2.84
N LYS A 47 -5.75 -9.85 2.03
CA LYS A 47 -7.20 -9.84 2.18
C LYS A 47 -7.64 -10.51 3.49
N GLN A 48 -6.77 -11.32 4.08
CA GLN A 48 -7.07 -12.02 5.32
C GLN A 48 -7.30 -11.06 6.49
N ILE A 49 -6.78 -9.83 6.38
CA ILE A 49 -6.98 -8.83 7.41
C ILE A 49 -8.26 -8.05 7.15
N GLY A 50 -8.66 -7.99 5.87
CA GLY A 50 -9.84 -7.28 5.44
C GLY A 50 -9.82 -7.14 3.93
N ILE A 51 -10.93 -6.70 3.35
CA ILE A 51 -11.09 -6.66 1.91
C ILE A 51 -10.15 -5.64 1.28
N ILE A 52 -9.50 -6.03 0.18
CA ILE A 52 -8.64 -5.14 -0.60
C ILE A 52 -9.52 -4.20 -1.42
N LYS A 53 -9.16 -2.92 -1.49
CA LYS A 53 -9.92 -1.94 -2.26
C LYS A 53 -9.74 -2.22 -3.75
N THR A 54 -10.79 -1.93 -4.53
CA THR A 54 -10.80 -2.15 -5.98
C THR A 54 -11.20 -0.91 -6.75
N ASN A 55 -10.43 -0.56 -7.78
CA ASN A 55 -10.75 0.58 -8.62
C ASN A 55 -11.95 0.25 -9.51
N LYS A 56 -12.74 1.27 -9.84
CA LYS A 56 -14.01 1.08 -10.55
C LYS A 56 -13.80 0.94 -12.07
N LYS A 57 -12.58 1.12 -12.58
CA LYS A 57 -12.36 1.05 -14.02
C LYS A 57 -11.04 0.36 -14.42
N THR A 58 -10.23 -0.08 -13.45
CA THR A 58 -9.06 -0.89 -13.76
C THR A 58 -9.35 -2.39 -13.75
N GLY A 59 -10.42 -2.80 -13.05
CA GLY A 59 -10.84 -4.19 -13.04
C GLY A 59 -9.91 -5.06 -12.19
N GLN A 60 -9.10 -4.44 -11.32
CA GLN A 60 -8.16 -5.14 -10.46
C GLN A 60 -8.06 -4.43 -9.11
N PRO A 61 -7.59 -5.12 -8.07
CA PRO A 61 -7.37 -4.52 -6.76
C PRO A 61 -6.32 -3.41 -6.89
N MET A 62 -6.36 -2.44 -5.98
CA MET A 62 -5.47 -1.28 -6.03
C MET A 62 -4.08 -1.64 -5.56
N ILE A 63 -3.30 -2.30 -6.42
CA ILE A 63 -1.95 -2.74 -6.12
C ILE A 63 -1.02 -2.46 -7.29
N ASN A 64 0.28 -2.32 -7.00
CA ASN A 64 1.33 -2.22 -7.99
C ASN A 64 2.64 -2.75 -7.38
N LEU A 65 3.34 -3.62 -8.12
CA LEU A 65 4.61 -4.14 -7.67
C LEU A 65 5.72 -3.26 -8.24
N TYR A 66 6.50 -2.63 -7.36
CA TYR A 66 7.54 -1.71 -7.77
C TYR A 66 8.81 -2.42 -8.20
N THR A 67 9.65 -1.73 -8.99
CA THR A 67 10.81 -2.37 -9.58
C THR A 67 12.06 -1.53 -9.44
N ASP A 68 13.20 -2.22 -9.31
CA ASP A 68 14.48 -1.57 -9.23
C ASP A 68 14.85 -0.84 -10.51
N ARG A 69 15.22 0.43 -10.40
CA ARG A 69 15.54 1.26 -11.56
C ARG A 69 16.87 0.85 -12.19
N GLU A 70 17.57 -0.10 -11.55
CA GLU A 70 18.88 -0.55 -12.01
C GLU A 70 18.81 -1.88 -12.76
N THR A 71 17.64 -2.53 -12.81
CA THR A 71 17.54 -3.85 -13.44
C THR A 71 16.15 -4.07 -14.03
N GLY A 72 15.14 -3.36 -13.53
CA GLY A 72 13.80 -3.38 -14.12
C GLY A 72 12.94 -4.55 -13.63
N LYS A 73 13.30 -5.15 -12.48
CA LYS A 73 12.53 -6.25 -11.91
C LYS A 73 12.13 -5.91 -10.48
N LEU A 74 11.24 -6.71 -9.88
CA LEU A 74 10.70 -6.39 -8.56
C LEU A 74 11.81 -6.10 -7.58
N LYS A 75 11.79 -4.88 -7.00
CA LYS A 75 12.72 -4.48 -5.96
C LYS A 75 12.23 -4.98 -4.60
N GLY A 76 11.11 -5.72 -4.61
CA GLY A 76 10.52 -6.28 -3.41
C GLY A 76 9.49 -5.35 -2.78
N GLU A 77 9.24 -4.19 -3.40
CA GLU A 77 8.28 -3.23 -2.89
C GLU A 77 6.94 -3.33 -3.60
N ALA A 78 5.87 -3.04 -2.87
CA ALA A 78 4.52 -2.99 -3.41
C ALA A 78 3.64 -2.13 -2.50
N THR A 79 2.47 -1.75 -3.00
CA THR A 79 1.50 -0.95 -2.24
C THR A 79 0.09 -1.49 -2.37
N VAL A 80 -0.53 -1.85 -1.25
CA VAL A 80 -1.84 -2.49 -1.23
C VAL A 80 -2.84 -1.56 -0.54
N SER A 81 -3.95 -1.23 -1.22
CA SER A 81 -4.98 -0.42 -0.59
C SER A 81 -6.08 -1.30 -0.02
N PHE A 82 -6.45 -1.08 1.24
CA PHE A 82 -7.58 -1.75 1.85
C PHE A 82 -8.90 -1.03 1.61
N ASP A 83 -10.00 -1.78 1.51
CA ASP A 83 -11.31 -1.19 1.28
C ASP A 83 -11.79 -0.60 2.60
N ASP A 84 -11.19 -1.02 3.71
CA ASP A 84 -11.53 -0.58 5.04
C ASP A 84 -10.30 -0.01 5.77
N PRO A 85 -10.40 1.18 6.37
CA PRO A 85 -9.27 1.84 6.99
C PRO A 85 -8.71 1.12 8.22
N PRO A 86 -9.50 0.42 9.05
CA PRO A 86 -8.96 -0.22 10.24
C PRO A 86 -8.18 -1.49 9.88
N SER A 87 -8.44 -2.06 8.69
CA SER A 87 -7.76 -3.25 8.24
C SER A 87 -6.32 -2.92 7.82
N ALA A 88 -6.10 -1.70 7.33
CA ALA A 88 -4.77 -1.27 6.92
C ALA A 88 -3.83 -1.22 8.12
N LYS A 89 -4.27 -0.61 9.21
CA LYS A 89 -3.45 -0.45 10.40
C LYS A 89 -3.12 -1.82 11.01
N ALA A 90 -4.10 -2.73 10.99
CA ALA A 90 -3.91 -4.07 11.49
C ALA A 90 -2.94 -4.86 10.61
N ALA A 91 -3.06 -4.70 9.29
CA ALA A 91 -2.20 -5.41 8.36
C ALA A 91 -0.76 -4.93 8.49
N ILE A 92 -0.57 -3.69 8.96
CA ILE A 92 0.78 -3.18 9.20
C ILE A 92 1.36 -3.84 10.44
N ASP A 93 0.67 -3.70 11.57
CA ASP A 93 1.11 -4.27 12.84
C ASP A 93 1.26 -5.79 12.80
N TRP A 94 0.57 -6.44 11.86
CA TRP A 94 0.59 -7.88 11.73
C TRP A 94 1.65 -8.38 10.75
N PHE A 95 1.58 -7.96 9.48
CA PHE A 95 2.48 -8.47 8.46
C PHE A 95 3.92 -8.02 8.59
N ASP A 96 4.15 -6.81 9.11
CA ASP A 96 5.52 -6.35 9.34
C ASP A 96 6.32 -7.30 10.24
N GLY A 97 7.33 -7.95 9.66
CA GLY A 97 8.24 -8.81 10.40
C GLY A 97 8.07 -10.30 10.08
N LYS A 98 6.95 -10.68 9.45
CA LYS A 98 6.74 -12.09 9.07
C LYS A 98 7.17 -12.30 7.62
N GLU A 99 6.90 -13.48 7.06
CA GLU A 99 7.29 -13.82 5.71
C GLU A 99 6.09 -13.69 4.76
N PHE A 100 6.33 -13.85 3.46
CA PHE A 100 5.28 -13.75 2.44
C PHE A 100 5.32 -14.96 1.51
N SER A 101 6.52 -15.45 1.18
CA SER A 101 6.69 -16.58 0.30
C SER A 101 7.89 -17.43 0.76
N GLY A 102 8.32 -17.20 2.00
CA GLY A 102 9.50 -17.86 2.57
C GLY A 102 10.58 -16.83 2.92
N ASN A 103 10.50 -15.64 2.32
CA ASN A 103 11.39 -14.53 2.64
C ASN A 103 10.66 -13.56 3.57
N PRO A 104 11.40 -12.89 4.47
CA PRO A 104 10.84 -11.92 5.40
C PRO A 104 10.37 -10.68 4.65
N ILE A 105 9.35 -10.00 5.20
CA ILE A 105 8.78 -8.81 4.59
C ILE A 105 8.50 -7.75 5.65
N LYS A 106 8.19 -6.53 5.19
CA LYS A 106 7.83 -5.42 6.06
C LYS A 106 6.62 -4.69 5.52
N VAL A 107 5.90 -4.01 6.42
CA VAL A 107 4.70 -3.26 6.08
C VAL A 107 4.62 -1.97 6.91
N SER A 108 4.04 -0.94 6.32
CA SER A 108 3.82 0.35 6.98
C SER A 108 2.66 1.06 6.30
N PHE A 109 2.26 2.22 6.82
CA PHE A 109 1.31 3.06 6.12
C PHE A 109 1.81 3.48 4.74
N ALA A 110 0.91 3.96 3.88
CA ALA A 110 1.30 4.46 2.58
C ALA A 110 0.65 5.82 2.34
N THR A 111 1.42 6.75 1.79
CA THR A 111 0.95 8.08 1.43
C THR A 111 1.57 8.52 0.11
N ARG A 112 0.75 9.08 -0.79
CA ARG A 112 1.17 9.35 -2.16
C ARG A 112 2.52 10.05 -2.17
N ARG A 113 3.52 9.37 -2.75
CA ARG A 113 4.90 9.86 -2.73
C ARG A 113 5.04 11.05 -3.68
N ALA A 114 4.16 11.14 -4.68
CA ALA A 114 4.21 12.22 -5.64
C ALA A 114 3.99 13.57 -4.94
N ASP A 115 3.15 13.57 -3.90
CA ASP A 115 2.88 14.78 -3.12
C ASP A 115 4.13 15.30 -2.41
N PHE A 116 5.21 14.51 -2.43
CA PHE A 116 6.44 14.86 -1.72
C PHE A 116 7.58 15.28 -2.65
N ASN A 117 7.42 15.10 -3.97
CA ASN A 117 8.44 15.51 -4.91
C ASN A 117 7.90 15.82 -6.30
N ARG A 118 6.98 14.99 -6.82
CA ARG A 118 6.46 15.14 -8.17
C ARG A 118 5.35 16.20 -8.25
N GLY A 119 4.99 16.79 -7.12
CA GLY A 119 3.91 17.78 -7.07
C GLY A 119 2.54 17.09 -7.04
N GLY A 120 2.52 15.78 -6.80
CA GLY A 120 1.30 15.00 -6.74
C GLY A 120 0.91 14.46 -8.11
N GLY A 121 -0.09 13.57 -8.14
CA GLY A 121 -0.56 12.96 -9.37
C GLY A 121 -1.25 13.97 -10.28
N ASN A 122 -1.24 13.71 -11.57
CA ASN A 122 -1.83 14.61 -12.55
C ASN A 122 -2.17 13.85 -13.84
N GLY A 123 -2.88 14.52 -14.76
CA GLY A 123 -3.25 13.96 -16.04
C GLY A 123 -3.73 15.07 -16.97
N ARG A 124 -3.76 14.77 -18.28
CA ARG A 124 -4.19 15.74 -19.28
C ARG A 124 -5.71 15.89 -19.24
N GLY A 125 -6.21 16.95 -19.87
CA GLY A 125 -7.64 17.21 -19.92
C GLY A 125 -8.35 16.21 -20.82
N GLY A 126 -9.53 15.76 -20.40
CA GLY A 126 -10.32 14.81 -21.17
C GLY A 126 -11.28 15.53 -22.11
N ARG A 127 -11.99 14.75 -22.94
CA ARG A 127 -12.96 15.30 -23.86
C ARG A 127 -14.13 15.89 -23.07
N GLY A 128 -14.58 17.08 -23.47
CA GLY A 128 -15.67 17.78 -22.79
C GLY A 128 -16.98 17.63 -23.54
N ARG A 129 -18.04 18.27 -23.01
CA ARG A 129 -19.37 18.27 -23.62
C ARG A 129 -20.01 19.65 -23.49
N GLY A 130 -21.09 19.87 -24.24
CA GLY A 130 -21.80 21.15 -24.22
C GLY A 130 -21.03 22.21 -25.00
N GLY A 131 -21.52 23.45 -24.97
CA GLY A 131 -20.90 24.57 -25.67
C GLY A 131 -21.70 25.84 -25.47
N GLY A 1 15.83 7.25 10.08
CA GLY A 1 14.50 7.18 10.72
C GLY A 1 13.87 5.82 10.51
N GLY A 2 13.13 5.34 11.52
CA GLY A 2 12.47 4.04 11.46
C GLY A 2 11.20 4.09 10.62
N PHE A 3 10.77 5.29 10.21
CA PHE A 3 9.56 5.48 9.42
C PHE A 3 9.69 6.58 8.37
N ASN A 4 8.64 6.74 7.56
CA ASN A 4 8.58 7.74 6.50
C ASN A 4 8.51 9.15 7.09
N LYS A 5 8.33 10.14 6.23
CA LYS A 5 8.28 11.55 6.61
C LYS A 5 7.08 11.85 7.52
N PHE A 6 6.09 10.95 7.57
CA PHE A 6 4.94 11.12 8.46
C PHE A 6 5.16 10.38 9.79
N GLY A 7 6.25 9.63 9.89
CA GLY A 7 6.71 9.03 11.14
C GLY A 7 6.01 7.72 11.49
N GLY A 8 5.23 7.14 10.58
CA GLY A 8 4.52 5.89 10.88
C GLY A 8 3.43 6.11 11.94
N PRO A 9 2.97 5.05 12.61
CA PRO A 9 1.98 5.12 13.67
C PRO A 9 2.51 5.83 14.93
N ARG A 10 3.57 6.64 14.78
CA ARG A 10 4.17 7.33 15.92
C ARG A 10 3.29 8.50 16.35
N ASP A 11 2.76 9.23 15.37
CA ASP A 11 1.96 10.43 15.61
C ASP A 11 0.47 10.15 15.37
N GLN A 12 0.12 8.87 15.21
CA GLN A 12 -1.24 8.46 14.87
C GLN A 12 -2.24 8.72 15.99
N GLY A 13 -1.76 9.11 17.19
CA GLY A 13 -2.66 9.46 18.27
C GLY A 13 -3.12 8.22 19.04
N SER A 14 -4.40 7.86 18.87
CA SER A 14 -5.06 6.82 19.66
C SER A 14 -4.60 5.40 19.34
N ARG A 15 -3.50 5.23 18.60
CA ARG A 15 -3.07 3.90 18.15
C ARG A 15 -2.55 3.03 19.28
N HIS A 16 -2.49 3.58 20.49
CA HIS A 16 -2.02 2.82 21.66
C HIS A 16 -3.16 2.06 22.33
N ASP A 17 -4.41 2.28 21.89
CA ASP A 17 -5.57 1.67 22.51
C ASP A 17 -6.67 1.46 21.47
N SER A 18 -6.30 1.39 20.18
CA SER A 18 -7.25 1.18 19.10
C SER A 18 -6.53 0.57 17.90
N GLU A 19 -7.29 -0.15 17.06
CA GLU A 19 -6.80 -0.71 15.82
C GLU A 19 -7.16 0.22 14.65
N GLN A 20 -7.84 1.33 14.94
CA GLN A 20 -8.26 2.29 13.94
C GLN A 20 -7.18 3.35 13.73
N ASP A 21 -7.19 4.39 14.59
CA ASP A 21 -6.24 5.51 14.56
C ASP A 21 -6.01 6.15 13.19
N ASN A 22 -6.91 5.92 12.23
CA ASN A 22 -6.77 6.48 10.90
C ASN A 22 -8.16 6.58 10.24
N SER A 23 -8.25 7.29 9.11
CA SER A 23 -9.52 7.43 8.41
C SER A 23 -9.30 7.57 6.89
N ASP A 24 -8.16 8.14 6.48
CA ASP A 24 -7.83 8.30 5.07
C ASP A 24 -6.67 7.40 4.64
N ASN A 25 -5.99 6.78 5.61
CA ASN A 25 -4.84 5.93 5.36
C ASN A 25 -5.24 4.47 5.20
N ASN A 26 -6.18 4.21 4.28
CA ASN A 26 -6.62 2.86 3.97
C ASN A 26 -5.51 2.08 3.26
N THR A 27 -4.44 2.77 2.84
CA THR A 27 -3.35 2.14 2.10
C THR A 27 -2.15 1.78 2.95
N ILE A 28 -1.44 0.71 2.57
CA ILE A 28 -0.23 0.27 3.25
C ILE A 28 0.89 0.07 2.23
N PHE A 29 2.13 0.28 2.65
CA PHE A 29 3.30 0.04 1.82
C PHE A 29 3.89 -1.28 2.30
N VAL A 30 4.51 -2.02 1.40
CA VAL A 30 5.06 -3.34 1.68
C VAL A 30 6.47 -3.47 1.11
N GLN A 31 7.33 -4.25 1.78
CA GLN A 31 8.70 -4.47 1.33
C GLN A 31 9.07 -5.94 1.53
N GLY A 32 9.97 -6.46 0.69
CA GLY A 32 10.53 -7.79 0.87
C GLY A 32 9.82 -8.85 0.04
N LEU A 33 8.86 -8.43 -0.81
CA LEU A 33 8.07 -9.34 -1.64
C LEU A 33 8.97 -10.24 -2.48
N GLY A 34 9.85 -9.62 -3.26
CA GLY A 34 10.65 -10.32 -4.26
C GLY A 34 9.88 -10.35 -5.57
N GLU A 35 10.45 -11.01 -6.58
CA GLU A 35 9.91 -11.05 -7.94
C GLU A 35 8.89 -12.18 -8.12
N ASN A 36 8.74 -13.04 -7.12
CA ASN A 36 7.83 -14.18 -7.20
C ASN A 36 6.38 -13.72 -6.97
N VAL A 37 6.21 -12.45 -6.60
CA VAL A 37 4.91 -11.88 -6.27
C VAL A 37 4.22 -11.25 -7.48
N THR A 38 2.90 -11.08 -7.39
CA THR A 38 2.10 -10.52 -8.48
C THR A 38 0.85 -9.92 -7.82
N ILE A 39 0.13 -9.06 -8.55
CA ILE A 39 -1.04 -8.35 -8.04
C ILE A 39 -2.04 -9.29 -7.37
N GLU A 40 -2.20 -10.49 -7.92
CA GLU A 40 -3.12 -11.47 -7.35
C GLU A 40 -2.55 -12.08 -6.06
N SER A 41 -1.23 -12.14 -5.95
CA SER A 41 -0.58 -12.72 -4.78
C SER A 41 -0.69 -11.78 -3.58
N VAL A 42 -0.36 -10.50 -3.77
CA VAL A 42 -0.42 -9.50 -2.71
C VAL A 42 -1.86 -9.38 -2.22
N ALA A 43 -2.81 -9.14 -3.12
CA ALA A 43 -4.20 -8.98 -2.73
C ALA A 43 -4.71 -10.24 -2.03
N ASP A 44 -4.29 -11.43 -2.48
CA ASP A 44 -4.70 -12.68 -1.87
C ASP A 44 -3.96 -12.93 -0.55
N TYR A 45 -2.87 -12.18 -0.34
CA TYR A 45 -2.06 -12.31 0.86
C TYR A 45 -2.46 -11.33 1.95
N PHE A 46 -3.01 -10.19 1.53
CA PHE A 46 -3.44 -9.13 2.43
C PHE A 46 -4.92 -9.17 2.78
N LYS A 47 -5.72 -9.85 1.96
CA LYS A 47 -7.17 -9.84 2.10
C LYS A 47 -7.62 -10.51 3.39
N GLN A 48 -6.76 -11.34 3.99
CA GLN A 48 -7.09 -12.04 5.22
C GLN A 48 -7.31 -11.08 6.39
N ILE A 49 -6.80 -9.86 6.30
CA ILE A 49 -7.01 -8.85 7.32
C ILE A 49 -8.28 -8.06 7.04
N GLY A 50 -8.70 -8.05 5.77
CA GLY A 50 -9.87 -7.33 5.31
C GLY A 50 -9.81 -7.15 3.81
N ILE A 51 -10.91 -6.70 3.21
CA ILE A 51 -11.04 -6.65 1.77
C ILE A 51 -10.06 -5.63 1.16
N ILE A 52 -9.45 -6.01 0.04
CA ILE A 52 -8.58 -5.11 -0.71
C ILE A 52 -9.44 -4.17 -1.55
N LYS A 53 -9.11 -2.88 -1.56
CA LYS A 53 -9.87 -1.89 -2.30
C LYS A 53 -9.66 -2.10 -3.79
N THR A 54 -10.73 -1.97 -4.57
CA THR A 54 -10.71 -2.21 -6.01
C THR A 54 -10.79 -0.94 -6.85
N ASN A 55 -10.07 -0.90 -7.97
CA ASN A 55 -10.13 0.21 -8.90
C ASN A 55 -11.48 0.20 -9.62
N LYS A 56 -12.02 1.39 -9.88
CA LYS A 56 -13.37 1.54 -10.41
C LYS A 56 -13.44 1.28 -11.92
N LYS A 57 -12.30 1.25 -12.61
CA LYS A 57 -12.27 1.14 -14.06
C LYS A 57 -11.43 -0.05 -14.52
N THR A 58 -10.33 -0.32 -13.83
CA THR A 58 -9.43 -1.41 -14.19
C THR A 58 -9.84 -2.77 -13.60
N GLY A 59 -10.70 -2.75 -12.58
CA GLY A 59 -11.32 -3.96 -12.03
C GLY A 59 -10.36 -4.79 -11.17
N GLN A 60 -9.05 -4.56 -11.29
CA GLN A 60 -8.07 -5.23 -10.45
C GLN A 60 -7.99 -4.54 -9.08
N PRO A 61 -7.47 -5.23 -8.06
CA PRO A 61 -7.24 -4.62 -6.77
C PRO A 61 -6.22 -3.50 -6.91
N MET A 62 -6.29 -2.50 -6.03
CA MET A 62 -5.44 -1.33 -6.12
C MET A 62 -4.04 -1.64 -5.59
N ILE A 63 -3.23 -2.29 -6.41
CA ILE A 63 -1.87 -2.66 -6.08
C ILE A 63 -0.92 -2.28 -7.21
N ASN A 64 0.34 -2.03 -6.85
CA ASN A 64 1.41 -1.80 -7.82
C ASN A 64 2.71 -2.36 -7.26
N LEU A 65 3.38 -3.22 -8.01
CA LEU A 65 4.63 -3.82 -7.58
C LEU A 65 5.80 -3.02 -8.15
N TYR A 66 6.55 -2.36 -7.26
CA TYR A 66 7.63 -1.48 -7.66
C TYR A 66 8.90 -2.23 -8.04
N THR A 67 9.75 -1.61 -8.86
CA THR A 67 10.88 -2.31 -9.46
C THR A 67 12.18 -1.56 -9.29
N ASP A 68 13.28 -2.33 -9.35
CA ASP A 68 14.61 -1.81 -9.41
C ASP A 68 14.90 -1.15 -10.76
N ARG A 69 15.28 0.13 -10.74
CA ARG A 69 15.53 0.89 -11.96
C ARG A 69 16.85 0.46 -12.61
N GLU A 70 17.57 -0.45 -11.95
CA GLU A 70 18.86 -0.94 -12.41
C GLU A 70 18.76 -2.30 -13.12
N THR A 71 17.57 -2.91 -13.13
CA THR A 71 17.43 -4.23 -13.74
C THR A 71 16.02 -4.44 -14.29
N GLY A 72 15.03 -3.72 -13.75
CA GLY A 72 13.68 -3.72 -14.30
C GLY A 72 12.80 -4.84 -13.73
N LYS A 73 13.17 -5.39 -12.57
CA LYS A 73 12.36 -6.42 -11.91
C LYS A 73 11.98 -5.97 -10.50
N LEU A 74 11.07 -6.70 -9.85
CA LEU A 74 10.54 -6.29 -8.56
C LEU A 74 11.66 -5.95 -7.58
N LYS A 75 11.59 -4.75 -7.01
CA LYS A 75 12.50 -4.29 -5.97
C LYS A 75 12.12 -4.95 -4.64
N GLY A 76 10.92 -5.53 -4.60
CA GLY A 76 10.35 -6.11 -3.39
C GLY A 76 9.39 -5.14 -2.73
N GLU A 77 9.30 -3.92 -3.26
CA GLU A 77 8.36 -2.92 -2.76
C GLU A 77 7.02 -3.06 -3.46
N ALA A 78 5.94 -2.80 -2.72
CA ALA A 78 4.59 -2.81 -3.26
C ALA A 78 3.69 -1.96 -2.38
N THR A 79 2.49 -1.64 -2.88
CA THR A 79 1.52 -0.84 -2.14
C THR A 79 0.11 -1.39 -2.31
N VAL A 80 -0.52 -1.80 -1.20
CA VAL A 80 -1.83 -2.44 -1.22
C VAL A 80 -2.83 -1.52 -0.55
N SER A 81 -3.95 -1.20 -1.23
CA SER A 81 -4.99 -0.39 -0.62
C SER A 81 -6.10 -1.28 -0.06
N PHE A 82 -6.51 -1.02 1.18
CA PHE A 82 -7.64 -1.71 1.80
C PHE A 82 -8.99 -1.02 1.58
N ASP A 83 -10.06 -1.81 1.48
CA ASP A 83 -11.41 -1.29 1.30
C ASP A 83 -11.88 -0.68 2.62
N ASP A 84 -11.25 -1.09 3.73
CA ASP A 84 -11.61 -0.65 5.06
C ASP A 84 -10.40 -0.05 5.78
N PRO A 85 -10.55 1.11 6.42
CA PRO A 85 -9.45 1.83 7.04
C PRO A 85 -8.84 1.09 8.26
N PRO A 86 -9.60 0.35 9.08
CA PRO A 86 -9.04 -0.30 10.25
C PRO A 86 -8.26 -1.56 9.86
N SER A 87 -8.50 -2.09 8.65
CA SER A 87 -7.81 -3.28 8.19
C SER A 87 -6.38 -2.93 7.77
N ALA A 88 -6.16 -1.70 7.31
CA ALA A 88 -4.83 -1.26 6.93
C ALA A 88 -3.90 -1.25 8.14
N LYS A 89 -4.35 -0.67 9.25
CA LYS A 89 -3.52 -0.55 10.45
C LYS A 89 -3.20 -1.93 11.02
N ALA A 90 -4.18 -2.84 10.99
CA ALA A 90 -3.99 -4.19 11.48
C ALA A 90 -3.02 -4.96 10.60
N ALA A 91 -3.10 -4.77 9.28
CA ALA A 91 -2.23 -5.45 8.35
C ALA A 91 -0.79 -4.97 8.51
N ILE A 92 -0.61 -3.73 8.99
CA ILE A 92 0.72 -3.22 9.26
C ILE A 92 1.30 -3.89 10.50
N ASP A 93 0.58 -3.77 11.62
CA ASP A 93 1.01 -4.35 12.88
C ASP A 93 1.17 -5.87 12.82
N TRP A 94 0.51 -6.50 11.85
CA TRP A 94 0.54 -7.95 11.71
C TRP A 94 1.62 -8.42 10.74
N PHE A 95 1.55 -7.99 9.48
CA PHE A 95 2.46 -8.49 8.45
C PHE A 95 3.90 -8.03 8.60
N ASP A 96 4.12 -6.83 9.14
CA ASP A 96 5.48 -6.36 9.37
C ASP A 96 6.29 -7.31 10.24
N GLY A 97 7.32 -7.95 9.66
CA GLY A 97 8.24 -8.79 10.39
C GLY A 97 8.06 -10.28 10.09
N LYS A 98 6.95 -10.68 9.44
CA LYS A 98 6.76 -12.07 9.06
C LYS A 98 7.19 -12.29 7.61
N GLU A 99 6.92 -13.49 7.06
CA GLU A 99 7.32 -13.83 5.71
C GLU A 99 6.13 -13.71 4.75
N PHE A 100 6.37 -13.91 3.45
CA PHE A 100 5.33 -13.80 2.43
C PHE A 100 5.38 -15.02 1.52
N SER A 101 6.58 -15.50 1.18
CA SER A 101 6.76 -16.65 0.30
C SER A 101 7.92 -17.51 0.80
N GLY A 102 8.28 -17.34 2.07
CA GLY A 102 9.45 -17.98 2.65
C GLY A 102 10.56 -16.97 2.91
N ASN A 103 10.37 -15.74 2.42
CA ASN A 103 11.27 -14.63 2.63
C ASN A 103 10.60 -13.59 3.53
N PRO A 104 11.38 -12.90 4.38
CA PRO A 104 10.86 -11.90 5.31
C PRO A 104 10.37 -10.67 4.56
N ILE A 105 9.36 -9.99 5.13
CA ILE A 105 8.78 -8.80 4.54
C ILE A 105 8.49 -7.74 5.61
N LYS A 106 8.16 -6.53 5.17
CA LYS A 106 7.80 -5.43 6.06
C LYS A 106 6.58 -4.70 5.54
N VAL A 107 5.88 -4.02 6.45
CA VAL A 107 4.67 -3.26 6.12
C VAL A 107 4.58 -2.01 6.97
N SER A 108 4.00 -0.95 6.42
CA SER A 108 3.79 0.32 7.09
C SER A 108 2.63 1.05 6.43
N PHE A 109 2.22 2.19 6.98
CA PHE A 109 1.27 3.05 6.30
C PHE A 109 1.79 3.53 4.95
N ALA A 110 0.91 4.04 4.10
CA ALA A 110 1.31 4.58 2.82
C ALA A 110 0.58 5.89 2.58
N THR A 111 1.29 6.85 1.98
CA THR A 111 0.74 8.13 1.58
C THR A 111 1.37 8.61 0.29
N ARG A 112 0.57 9.18 -0.61
CA ARG A 112 1.02 9.54 -1.96
C ARG A 112 2.35 10.26 -1.87
N ARG A 113 3.40 9.64 -2.41
CA ARG A 113 4.76 10.15 -2.30
C ARG A 113 4.93 11.37 -3.19
N ALA A 114 4.13 11.45 -4.27
CA ALA A 114 4.21 12.56 -5.21
C ALA A 114 3.78 13.85 -4.53
N ASP A 115 2.87 13.76 -3.56
CA ASP A 115 2.42 14.92 -2.80
C ASP A 115 3.53 15.53 -1.96
N PHE A 116 4.69 14.85 -1.89
CA PHE A 116 5.81 15.30 -1.08
C PHE A 116 6.97 15.88 -1.89
N ASN A 117 6.96 15.71 -3.22
CA ASN A 117 8.05 16.24 -4.04
C ASN A 117 7.66 16.46 -5.50
N ARG A 118 6.90 15.54 -6.10
CA ARG A 118 6.58 15.61 -7.52
C ARG A 118 5.42 16.56 -7.80
N GLY A 119 4.82 17.15 -6.77
CA GLY A 119 3.65 18.00 -6.94
C GLY A 119 2.44 17.12 -7.28
N GLY A 120 2.28 16.02 -6.53
CA GLY A 120 1.26 15.01 -6.80
C GLY A 120 -0.16 15.57 -6.74
N GLY A 121 -0.33 16.82 -6.27
CA GLY A 121 -1.63 17.46 -6.21
C GLY A 121 -2.11 17.91 -7.59
N ASN A 122 -1.23 17.84 -8.59
CA ASN A 122 -1.54 18.23 -9.96
C ASN A 122 -2.50 17.24 -10.61
N GLY A 123 -3.03 17.59 -11.78
CA GLY A 123 -3.97 16.76 -12.51
C GLY A 123 -4.16 17.27 -13.94
N ARG A 124 -5.18 16.77 -14.63
CA ARG A 124 -5.46 17.12 -16.01
C ARG A 124 -6.96 17.21 -16.26
N GLY A 125 -7.35 17.92 -17.33
CA GLY A 125 -8.74 18.02 -17.74
C GLY A 125 -9.13 16.80 -18.56
N GLY A 126 -10.37 16.78 -19.06
CA GLY A 126 -10.87 15.68 -19.88
C GLY A 126 -12.26 16.00 -20.42
N ARG A 127 -12.61 15.37 -21.55
CA ARG A 127 -13.90 15.57 -22.17
C ARG A 127 -14.99 14.92 -21.32
N GLY A 128 -15.95 15.72 -20.85
CA GLY A 128 -17.06 15.22 -20.05
C GLY A 128 -18.12 14.59 -20.95
N ARG A 129 -18.86 13.62 -20.41
CA ARG A 129 -19.91 12.95 -21.16
C ARG A 129 -21.09 13.90 -21.35
N GLY A 130 -21.84 13.72 -22.44
CA GLY A 130 -22.99 14.55 -22.76
C GLY A 130 -22.58 15.96 -23.19
N GLY A 131 -21.28 16.24 -23.24
CA GLY A 131 -20.76 17.54 -23.63
C GLY A 131 -20.91 17.76 -25.14
N GLY A 1 15.40 9.78 9.46
CA GLY A 1 15.20 8.34 9.69
C GLY A 1 13.72 8.04 9.96
N GLY A 2 13.46 7.04 10.81
CA GLY A 2 12.10 6.65 11.16
C GLY A 2 11.42 5.91 10.02
N PHE A 3 10.11 5.66 10.16
CA PHE A 3 9.32 4.97 9.16
C PHE A 3 9.21 5.71 7.84
N ASN A 4 8.76 6.97 7.90
CA ASN A 4 8.46 7.80 6.75
C ASN A 4 8.52 9.27 7.15
N LYS A 5 8.25 10.18 6.20
CA LYS A 5 8.20 11.60 6.51
C LYS A 5 7.01 11.94 7.41
N PHE A 6 6.13 10.96 7.66
CA PHE A 6 5.05 11.13 8.63
C PHE A 6 5.30 10.31 9.90
N GLY A 7 6.39 9.53 9.91
CA GLY A 7 6.88 8.85 11.11
C GLY A 7 6.16 7.53 11.42
N GLY A 8 5.28 7.05 10.54
CA GLY A 8 4.57 5.80 10.80
C GLY A 8 3.60 5.97 11.96
N PRO A 9 3.16 4.86 12.60
CA PRO A 9 2.27 4.88 13.75
C PRO A 9 2.95 5.46 15.00
N ARG A 10 4.03 6.22 14.83
CA ARG A 10 4.78 6.76 15.97
C ARG A 10 4.05 7.97 16.55
N ASP A 11 3.36 8.73 15.71
CA ASP A 11 2.62 9.93 16.11
C ASP A 11 1.11 9.74 15.93
N GLN A 12 0.68 8.51 15.68
CA GLN A 12 -0.72 8.20 15.38
C GLN A 12 -1.63 8.42 16.59
N GLY A 13 -1.06 8.62 17.78
CA GLY A 13 -1.86 8.91 18.96
C GLY A 13 -2.37 7.64 19.62
N SER A 14 -3.67 7.35 19.45
CA SER A 14 -4.37 6.27 20.15
C SER A 14 -4.00 4.87 19.66
N ARG A 15 -2.92 4.72 18.89
CA ARG A 15 -2.57 3.43 18.30
C ARG A 15 -2.10 2.41 19.33
N HIS A 16 -2.05 2.80 20.61
CA HIS A 16 -1.65 1.89 21.67
C HIS A 16 -2.89 1.26 22.33
N ASP A 17 -4.07 1.82 22.08
CA ASP A 17 -5.33 1.36 22.66
C ASP A 17 -6.42 1.05 21.63
N SER A 18 -6.08 1.12 20.34
CA SER A 18 -7.04 0.87 19.28
C SER A 18 -6.35 0.36 18.03
N GLU A 19 -7.09 -0.41 17.22
CA GLU A 19 -6.60 -0.92 15.94
C GLU A 19 -6.93 0.06 14.81
N GLN A 20 -7.58 1.18 15.14
CA GLN A 20 -7.96 2.19 14.17
C GLN A 20 -6.85 3.25 14.04
N ASP A 21 -6.82 4.20 14.97
CA ASP A 21 -5.87 5.31 15.02
C ASP A 21 -5.66 6.06 13.70
N ASN A 22 -6.55 5.87 12.72
CA ASN A 22 -6.42 6.49 11.41
C ASN A 22 -7.80 6.68 10.81
N SER A 23 -7.93 7.54 9.80
CA SER A 23 -9.20 7.77 9.14
C SER A 23 -9.00 8.30 7.73
N ASP A 24 -7.93 9.08 7.51
CA ASP A 24 -7.61 9.61 6.19
C ASP A 24 -6.71 8.68 5.38
N ASN A 25 -6.36 7.52 5.98
CA ASN A 25 -5.53 6.52 5.33
C ASN A 25 -6.33 5.23 5.17
N ASN A 26 -5.94 4.43 4.16
CA ASN A 26 -6.54 3.12 3.92
C ASN A 26 -5.60 2.25 3.09
N THR A 27 -4.32 2.62 3.05
CA THR A 27 -3.34 1.95 2.19
C THR A 27 -2.07 1.64 2.97
N ILE A 28 -1.38 0.57 2.57
CA ILE A 28 -0.14 0.14 3.21
C ILE A 28 0.95 -0.05 2.18
N PHE A 29 2.20 0.18 2.57
CA PHE A 29 3.36 -0.07 1.74
C PHE A 29 3.94 -1.39 2.25
N VAL A 30 4.58 -2.16 1.35
CA VAL A 30 5.11 -3.47 1.66
C VAL A 30 6.52 -3.63 1.09
N GLN A 31 7.35 -4.42 1.77
CA GLN A 31 8.72 -4.65 1.35
C GLN A 31 9.07 -6.13 1.55
N GLY A 32 9.95 -6.67 0.71
CA GLY A 32 10.50 -8.00 0.90
C GLY A 32 9.78 -9.07 0.07
N LEU A 33 8.84 -8.65 -0.78
CA LEU A 33 8.04 -9.56 -1.59
C LEU A 33 8.90 -10.48 -2.43
N GLY A 34 9.77 -9.88 -3.25
CA GLY A 34 10.58 -10.62 -4.20
C GLY A 34 9.87 -10.76 -5.54
N GLU A 35 10.51 -11.43 -6.48
CA GLU A 35 10.04 -11.56 -7.86
C GLU A 35 8.91 -12.58 -7.99
N ASN A 36 8.66 -13.35 -6.92
CA ASN A 36 7.66 -14.41 -6.95
C ASN A 36 6.26 -13.87 -6.71
N VAL A 37 6.12 -12.54 -6.58
CA VAL A 37 4.87 -11.91 -6.22
C VAL A 37 4.22 -11.17 -7.40
N THR A 38 2.90 -11.00 -7.34
CA THR A 38 2.13 -10.36 -8.41
C THR A 38 0.83 -9.86 -7.78
N ILE A 39 0.07 -9.04 -8.52
CA ILE A 39 -1.16 -8.39 -8.04
C ILE A 39 -2.09 -9.37 -7.36
N GLU A 40 -2.24 -10.57 -7.92
CA GLU A 40 -3.15 -11.57 -7.38
C GLU A 40 -2.61 -12.16 -6.09
N SER A 41 -1.28 -12.19 -5.94
CA SER A 41 -0.64 -12.77 -4.76
C SER A 41 -0.77 -11.83 -3.56
N VAL A 42 -0.42 -10.55 -3.75
CA VAL A 42 -0.48 -9.55 -2.69
C VAL A 42 -1.93 -9.41 -2.20
N ALA A 43 -2.88 -9.16 -3.11
CA ALA A 43 -4.26 -8.99 -2.72
C ALA A 43 -4.79 -10.24 -2.00
N ASP A 44 -4.38 -11.42 -2.46
CA ASP A 44 -4.83 -12.68 -1.85
C ASP A 44 -4.09 -12.93 -0.53
N TYR A 45 -2.98 -12.21 -0.31
CA TYR A 45 -2.16 -12.34 0.88
C TYR A 45 -2.55 -11.35 1.98
N PHE A 46 -3.08 -10.21 1.57
CA PHE A 46 -3.48 -9.14 2.47
C PHE A 46 -4.96 -9.15 2.82
N LYS A 47 -5.79 -9.81 1.99
CA LYS A 47 -7.23 -9.78 2.14
C LYS A 47 -7.69 -10.44 3.43
N GLN A 48 -6.83 -11.28 4.03
CA GLN A 48 -7.17 -11.98 5.26
C GLN A 48 -7.38 -11.01 6.43
N ILE A 49 -6.84 -9.79 6.33
CA ILE A 49 -7.03 -8.78 7.36
C ILE A 49 -8.29 -7.97 7.09
N GLY A 50 -8.69 -7.90 5.82
CA GLY A 50 -9.86 -7.16 5.38
C GLY A 50 -9.82 -7.02 3.87
N ILE A 51 -10.91 -6.52 3.29
CA ILE A 51 -11.08 -6.48 1.85
C ILE A 51 -10.12 -5.48 1.21
N ILE A 52 -9.47 -5.91 0.13
CA ILE A 52 -8.60 -5.03 -0.67
C ILE A 52 -9.46 -4.10 -1.51
N LYS A 53 -9.09 -2.83 -1.59
CA LYS A 53 -9.84 -1.85 -2.39
C LYS A 53 -9.69 -2.16 -3.87
N THR A 54 -10.75 -1.86 -4.64
CA THR A 54 -10.79 -2.12 -6.07
C THR A 54 -11.03 -0.86 -6.89
N ASN A 55 -10.31 -0.71 -8.01
CA ASN A 55 -10.46 0.44 -8.88
C ASN A 55 -11.79 0.34 -9.62
N LYS A 56 -12.43 1.49 -9.87
CA LYS A 56 -13.76 1.54 -10.46
C LYS A 56 -13.74 1.37 -11.99
N LYS A 57 -12.56 1.25 -12.59
CA LYS A 57 -12.45 1.22 -14.04
C LYS A 57 -11.37 0.25 -14.53
N THR A 58 -10.77 -0.51 -13.62
CA THR A 58 -9.78 -1.53 -13.99
C THR A 58 -10.10 -2.93 -13.47
N GLY A 59 -11.00 -3.01 -12.47
CA GLY A 59 -11.53 -4.27 -11.98
C GLY A 59 -10.53 -5.05 -11.12
N GLN A 60 -9.24 -4.70 -11.20
CA GLN A 60 -8.21 -5.33 -10.38
C GLN A 60 -8.10 -4.60 -9.04
N PRO A 61 -7.56 -5.26 -8.01
CA PRO A 61 -7.30 -4.62 -6.74
C PRO A 61 -6.25 -3.53 -6.93
N MET A 62 -6.27 -2.53 -6.06
CA MET A 62 -5.40 -1.37 -6.18
C MET A 62 -3.99 -1.68 -5.67
N ILE A 63 -3.21 -2.38 -6.50
CA ILE A 63 -1.86 -2.79 -6.15
C ILE A 63 -0.90 -2.49 -7.30
N ASN A 64 0.38 -2.37 -6.97
CA ASN A 64 1.46 -2.24 -7.94
C ASN A 64 2.76 -2.78 -7.34
N LEU A 65 3.47 -3.64 -8.08
CA LEU A 65 4.73 -4.17 -7.61
C LEU A 65 5.85 -3.31 -8.18
N TYR A 66 6.65 -2.69 -7.30
CA TYR A 66 7.70 -1.77 -7.71
C TYR A 66 8.99 -2.48 -8.09
N THR A 67 9.86 -1.80 -8.85
CA THR A 67 11.04 -2.46 -9.43
C THR A 67 12.26 -1.57 -9.26
N ASP A 68 13.43 -2.22 -9.34
CA ASP A 68 14.71 -1.56 -9.36
C ASP A 68 14.91 -0.75 -10.65
N ARG A 69 15.20 0.54 -10.52
CA ARG A 69 15.35 1.43 -11.66
C ARG A 69 16.64 1.15 -12.43
N GLU A 70 17.51 0.29 -11.87
CA GLU A 70 18.80 -0.03 -12.46
C GLU A 70 18.69 -1.17 -13.47
N THR A 71 17.58 -1.90 -13.48
CA THR A 71 17.46 -3.07 -14.34
C THR A 71 16.02 -3.46 -14.65
N GLY A 72 15.06 -2.98 -13.84
CA GLY A 72 13.65 -3.16 -14.10
C GLY A 72 13.08 -4.42 -13.44
N LYS A 73 13.83 -5.07 -12.55
CA LYS A 73 13.37 -6.27 -11.87
C LYS A 73 12.67 -5.92 -10.57
N LEU A 74 11.90 -6.86 -10.02
CA LEU A 74 11.18 -6.68 -8.77
C LEU A 74 12.16 -6.27 -7.67
N LYS A 75 11.94 -5.08 -7.12
CA LYS A 75 12.73 -4.56 -6.01
C LYS A 75 12.27 -5.21 -4.70
N GLY A 76 11.06 -5.77 -4.71
CA GLY A 76 10.45 -6.38 -3.55
C GLY A 76 9.50 -5.42 -2.85
N GLU A 77 9.35 -4.20 -3.38
CA GLU A 77 8.41 -3.22 -2.84
C GLU A 77 7.06 -3.34 -3.53
N ALA A 78 5.99 -3.02 -2.81
CA ALA A 78 4.63 -3.01 -3.32
C ALA A 78 3.75 -2.14 -2.45
N THR A 79 2.57 -1.79 -2.95
CA THR A 79 1.60 -1.01 -2.20
C THR A 79 0.18 -1.54 -2.35
N VAL A 80 -0.46 -1.91 -1.24
CA VAL A 80 -1.77 -2.54 -1.24
C VAL A 80 -2.78 -1.60 -0.58
N SER A 81 -3.83 -1.21 -1.31
CA SER A 81 -4.87 -0.38 -0.73
C SER A 81 -5.99 -1.24 -0.16
N PHE A 82 -6.32 -1.03 1.12
CA PHE A 82 -7.48 -1.65 1.74
C PHE A 82 -8.77 -0.88 1.49
N ASP A 83 -9.89 -1.59 1.39
CA ASP A 83 -11.17 -0.94 1.16
C ASP A 83 -11.65 -0.32 2.47
N ASP A 84 -11.03 -0.70 3.59
CA ASP A 84 -11.40 -0.22 4.92
C ASP A 84 -10.17 0.32 5.67
N PRO A 85 -10.31 1.48 6.33
CA PRO A 85 -9.20 2.14 7.00
C PRO A 85 -8.62 1.36 8.19
N PRO A 86 -9.41 0.63 9.01
CA PRO A 86 -8.89 -0.05 10.17
C PRO A 86 -8.14 -1.32 9.78
N SER A 87 -8.40 -1.85 8.57
CA SER A 87 -7.75 -3.06 8.12
C SER A 87 -6.30 -2.78 7.74
N ALA A 88 -6.02 -1.57 7.27
CA ALA A 88 -4.67 -1.17 6.91
C ALA A 88 -3.76 -1.19 8.14
N LYS A 89 -4.24 -0.64 9.26
CA LYS A 89 -3.45 -0.56 10.48
C LYS A 89 -3.15 -1.95 11.03
N ALA A 90 -4.14 -2.84 10.98
CA ALA A 90 -3.99 -4.20 11.47
C ALA A 90 -3.02 -4.98 10.59
N ALA A 91 -3.07 -4.77 9.28
CA ALA A 91 -2.19 -5.48 8.36
C ALA A 91 -0.75 -5.01 8.54
N ILE A 92 -0.54 -3.79 9.04
CA ILE A 92 0.79 -3.29 9.32
C ILE A 92 1.34 -3.97 10.56
N ASP A 93 0.60 -3.86 11.67
CA ASP A 93 1.00 -4.47 12.93
C ASP A 93 1.14 -5.99 12.88
N TRP A 94 0.49 -6.60 11.89
CA TRP A 94 0.50 -8.04 11.73
C TRP A 94 1.58 -8.53 10.76
N PHE A 95 1.53 -8.08 9.51
CA PHE A 95 2.44 -8.58 8.49
C PHE A 95 3.89 -8.14 8.63
N ASP A 96 4.13 -6.94 9.15
CA ASP A 96 5.49 -6.48 9.36
C ASP A 96 6.30 -7.43 10.26
N GLY A 97 7.31 -8.07 9.69
CA GLY A 97 8.23 -8.93 10.44
C GLY A 97 8.04 -10.41 10.12
N LYS A 98 6.91 -10.81 9.50
CA LYS A 98 6.70 -12.20 9.12
C LYS A 98 7.14 -12.40 7.67
N GLU A 99 6.87 -13.58 7.11
CA GLU A 99 7.25 -13.91 5.74
C GLU A 99 6.05 -13.77 4.81
N PHE A 100 6.30 -13.91 3.50
CA PHE A 100 5.24 -13.79 2.50
C PHE A 100 5.24 -15.02 1.59
N SER A 101 6.43 -15.52 1.25
CA SER A 101 6.58 -16.69 0.38
C SER A 101 7.76 -17.56 0.86
N GLY A 102 8.35 -17.19 2.00
CA GLY A 102 9.51 -17.87 2.54
C GLY A 102 10.58 -16.87 2.96
N ASN A 103 10.54 -15.66 2.37
CA ASN A 103 11.43 -14.56 2.74
C ASN A 103 10.68 -13.60 3.66
N PRO A 104 11.38 -12.93 4.58
CA PRO A 104 10.80 -11.96 5.50
C PRO A 104 10.34 -10.72 4.74
N ILE A 105 9.31 -10.05 5.27
CA ILE A 105 8.75 -8.85 4.64
C ILE A 105 8.47 -7.78 5.69
N LYS A 106 8.17 -6.56 5.23
CA LYS A 106 7.82 -5.45 6.08
C LYS A 106 6.58 -4.74 5.56
N VAL A 107 5.88 -4.06 6.46
CA VAL A 107 4.66 -3.33 6.13
C VAL A 107 4.55 -2.06 6.97
N SER A 108 3.98 -1.02 6.39
CA SER A 108 3.78 0.27 7.05
C SER A 108 2.61 0.99 6.39
N PHE A 109 2.16 2.11 6.97
CA PHE A 109 1.18 2.96 6.31
C PHE A 109 1.68 3.46 4.97
N ALA A 110 0.78 3.93 4.12
CA ALA A 110 1.14 4.49 2.82
C ALA A 110 0.34 5.75 2.51
N THR A 111 1.01 6.69 1.83
CA THR A 111 0.42 7.93 1.37
C THR A 111 1.10 8.37 0.08
N ARG A 112 0.32 8.87 -0.88
CA ARG A 112 0.80 9.20 -2.22
C ARG A 112 2.15 9.91 -2.14
N ARG A 113 3.17 9.31 -2.78
CA ARG A 113 4.53 9.82 -2.74
C ARG A 113 4.60 11.14 -3.49
N ALA A 114 3.79 11.28 -4.54
CA ALA A 114 3.81 12.46 -5.38
C ALA A 114 3.40 13.70 -4.58
N ASP A 115 2.53 13.52 -3.59
CA ASP A 115 2.08 14.62 -2.76
C ASP A 115 3.20 15.24 -1.92
N PHE A 116 4.36 14.58 -1.89
CA PHE A 116 5.48 15.03 -1.09
C PHE A 116 6.60 15.67 -1.92
N ASN A 117 6.58 15.52 -3.25
CA ASN A 117 7.63 16.09 -4.09
C ASN A 117 7.19 16.36 -5.53
N ARG A 118 6.43 15.44 -6.13
CA ARG A 118 6.06 15.55 -7.54
C ARG A 118 4.91 16.53 -7.77
N GLY A 119 4.40 17.14 -6.69
CA GLY A 119 3.28 18.07 -6.79
C GLY A 119 1.95 17.33 -6.80
N GLY A 120 1.98 16.02 -6.49
CA GLY A 120 0.79 15.19 -6.46
C GLY A 120 0.40 14.71 -7.85
N GLY A 121 -0.66 13.91 -7.94
CA GLY A 121 -1.13 13.36 -9.20
C GLY A 121 -1.80 14.42 -10.05
N ASN A 122 -2.00 14.11 -11.34
CA ASN A 122 -2.62 15.02 -12.30
C ASN A 122 -3.19 14.25 -13.49
N GLY A 123 -3.92 14.94 -14.36
CA GLY A 123 -4.53 14.32 -15.53
C GLY A 123 -5.01 15.37 -16.52
N ARG A 124 -5.81 14.94 -17.51
CA ARG A 124 -6.30 15.81 -18.55
C ARG A 124 -7.78 15.52 -18.81
N GLY A 125 -8.47 16.43 -19.50
CA GLY A 125 -9.89 16.27 -19.81
C GLY A 125 -10.07 15.18 -20.86
N GLY A 126 -11.20 14.49 -20.82
CA GLY A 126 -11.52 13.44 -21.78
C GLY A 126 -11.89 14.03 -23.13
N ARG A 127 -11.61 13.28 -24.21
CA ARG A 127 -11.96 13.69 -25.56
C ARG A 127 -13.47 13.55 -25.79
N GLY A 128 -13.95 14.08 -26.93
CA GLY A 128 -15.37 14.03 -27.26
C GLY A 128 -15.84 12.59 -27.44
N ARG A 129 -17.17 12.39 -27.40
CA ARG A 129 -17.77 11.07 -27.52
C ARG A 129 -17.61 10.53 -28.94
N GLY A 130 -17.76 9.22 -29.10
CA GLY A 130 -17.65 8.58 -30.41
C GLY A 130 -18.92 8.76 -31.24
N GLY A 131 -19.96 9.37 -30.65
CA GLY A 131 -21.21 9.61 -31.34
C GLY A 131 -22.17 10.39 -30.45
N GLY A 1 16.26 5.40 11.17
CA GLY A 1 15.40 6.49 10.71
C GLY A 1 13.93 6.15 10.95
N GLY A 2 13.07 7.17 10.85
CA GLY A 2 11.63 7.01 11.04
C GLY A 2 11.00 6.28 9.86
N PHE A 3 9.71 5.96 9.98
CA PHE A 3 8.97 5.25 8.94
C PHE A 3 8.89 6.00 7.61
N ASN A 4 8.45 7.25 7.66
CA ASN A 4 8.23 8.09 6.50
C ASN A 4 8.30 9.56 6.92
N LYS A 5 8.11 10.47 5.97
CA LYS A 5 8.07 11.89 6.27
C LYS A 5 6.85 12.25 7.13
N PHE A 6 5.91 11.32 7.30
CA PHE A 6 4.78 11.49 8.21
C PHE A 6 4.96 10.66 9.49
N GLY A 7 6.03 9.86 9.54
CA GLY A 7 6.45 9.16 10.77
C GLY A 7 5.75 7.83 11.00
N GLY A 8 4.93 7.34 10.06
CA GLY A 8 4.23 6.08 10.27
C GLY A 8 3.19 6.23 11.39
N PRO A 9 2.80 5.13 12.04
CA PRO A 9 1.85 5.12 13.14
C PRO A 9 2.44 5.74 14.41
N ARG A 10 3.46 6.57 14.29
CA ARG A 10 4.14 7.14 15.45
C ARG A 10 3.31 8.26 16.07
N ASP A 11 2.71 9.10 15.23
CA ASP A 11 1.93 10.24 15.69
C ASP A 11 0.43 9.99 15.54
N GLN A 12 0.06 8.74 15.21
CA GLN A 12 -1.33 8.39 14.91
C GLN A 12 -2.27 8.54 16.11
N GLY A 13 -1.73 8.65 17.32
CA GLY A 13 -2.55 8.84 18.50
C GLY A 13 -2.83 7.50 19.19
N SER A 14 -4.12 7.11 19.25
CA SER A 14 -4.56 5.96 20.04
C SER A 14 -4.30 4.62 19.34
N ARG A 15 -3.41 4.60 18.33
CA ARG A 15 -3.14 3.39 17.56
C ARG A 15 -2.50 2.30 18.41
N HIS A 16 -2.16 2.60 19.67
CA HIS A 16 -1.55 1.64 20.57
C HIS A 16 -2.61 0.79 21.28
N ASP A 17 -3.89 1.13 21.10
CA ASP A 17 -4.98 0.42 21.76
C ASP A 17 -6.21 0.40 20.84
N SER A 18 -5.99 0.60 19.53
CA SER A 18 -7.05 0.57 18.55
C SER A 18 -6.50 0.20 17.19
N GLU A 19 -7.27 -0.56 16.42
CA GLU A 19 -6.93 -0.92 15.04
C GLU A 19 -7.36 0.19 14.09
N GLN A 20 -7.85 1.32 14.63
CA GLN A 20 -8.33 2.42 13.82
C GLN A 20 -7.29 3.55 13.78
N ASP A 21 -7.58 4.69 14.41
CA ASP A 21 -6.73 5.86 14.41
C ASP A 21 -6.25 6.32 13.02
N ASN A 22 -7.00 5.96 11.98
CA ASN A 22 -6.73 6.39 10.63
C ASN A 22 -8.04 6.40 9.84
N SER A 23 -8.09 7.13 8.72
CA SER A 23 -9.27 7.20 7.87
C SER A 23 -8.89 7.51 6.43
N ASP A 24 -7.87 8.36 6.25
CA ASP A 24 -7.35 8.72 4.95
C ASP A 24 -6.11 7.90 4.58
N ASN A 25 -5.85 6.82 5.33
CA ASN A 25 -4.66 6.00 5.17
C ASN A 25 -5.01 4.52 5.12
N ASN A 26 -6.06 4.18 4.36
CA ASN A 26 -6.46 2.79 4.15
C ASN A 26 -5.42 2.03 3.30
N THR A 27 -4.35 2.71 2.88
CA THR A 27 -3.29 2.10 2.09
C THR A 27 -2.08 1.69 2.93
N ILE A 28 -1.39 0.62 2.52
CA ILE A 28 -0.19 0.14 3.21
C ILE A 28 0.93 -0.11 2.20
N PHE A 29 2.18 0.13 2.65
CA PHE A 29 3.35 -0.13 1.84
C PHE A 29 3.92 -1.45 2.32
N VAL A 30 4.57 -2.20 1.43
CA VAL A 30 5.12 -3.52 1.73
C VAL A 30 6.54 -3.67 1.19
N GLN A 31 7.37 -4.43 1.91
CA GLN A 31 8.74 -4.69 1.51
C GLN A 31 9.07 -6.17 1.72
N GLY A 32 9.98 -6.72 0.92
CA GLY A 32 10.48 -8.07 1.11
C GLY A 32 9.76 -9.10 0.25
N LEU A 33 8.87 -8.64 -0.64
CA LEU A 33 8.07 -9.50 -1.49
C LEU A 33 8.94 -10.44 -2.31
N GLY A 34 9.85 -9.85 -3.09
CA GLY A 34 10.66 -10.58 -4.04
C GLY A 34 9.96 -10.66 -5.39
N GLU A 35 10.60 -11.34 -6.34
CA GLU A 35 10.14 -11.44 -7.72
C GLU A 35 9.01 -12.46 -7.87
N ASN A 36 8.75 -13.25 -6.83
CA ASN A 36 7.76 -14.31 -6.89
C ASN A 36 6.34 -13.78 -6.68
N VAL A 37 6.21 -12.46 -6.49
CA VAL A 37 4.94 -11.83 -6.15
C VAL A 37 4.30 -11.12 -7.34
N THR A 38 2.96 -10.97 -7.30
CA THR A 38 2.19 -10.34 -8.37
C THR A 38 0.88 -9.86 -7.76
N ILE A 39 0.11 -9.05 -8.50
CA ILE A 39 -1.11 -8.41 -8.02
C ILE A 39 -2.04 -9.41 -7.33
N GLU A 40 -2.16 -10.62 -7.90
CA GLU A 40 -3.06 -11.62 -7.35
C GLU A 40 -2.50 -12.20 -6.05
N SER A 41 -1.17 -12.22 -5.90
CA SER A 41 -0.55 -12.79 -4.72
C SER A 41 -0.70 -11.85 -3.52
N VAL A 42 -0.37 -10.57 -3.71
CA VAL A 42 -0.45 -9.56 -2.65
C VAL A 42 -1.89 -9.44 -2.17
N ALA A 43 -2.83 -9.20 -3.08
CA ALA A 43 -4.23 -9.03 -2.70
C ALA A 43 -4.75 -10.28 -2.00
N ASP A 44 -4.33 -11.48 -2.45
CA ASP A 44 -4.75 -12.72 -1.83
C ASP A 44 -4.01 -12.97 -0.50
N TYR A 45 -2.92 -12.22 -0.27
CA TYR A 45 -2.12 -12.36 0.92
C TYR A 45 -2.52 -11.37 2.02
N PHE A 46 -3.07 -10.24 1.59
CA PHE A 46 -3.49 -9.17 2.48
C PHE A 46 -4.97 -9.19 2.82
N LYS A 47 -5.78 -9.86 2.00
CA LYS A 47 -7.23 -9.84 2.13
C LYS A 47 -7.69 -10.50 3.42
N GLN A 48 -6.82 -11.33 4.03
CA GLN A 48 -7.16 -12.02 5.27
C GLN A 48 -7.38 -11.05 6.43
N ILE A 49 -6.86 -9.83 6.32
CA ILE A 49 -7.07 -8.81 7.36
C ILE A 49 -8.34 -8.03 7.06
N GLY A 50 -8.74 -7.98 5.79
CA GLY A 50 -9.92 -7.27 5.34
C GLY A 50 -9.86 -7.11 3.83
N ILE A 51 -10.95 -6.65 3.23
CA ILE A 51 -11.09 -6.61 1.79
C ILE A 51 -10.14 -5.61 1.16
N ILE A 52 -9.47 -6.01 0.07
CA ILE A 52 -8.61 -5.12 -0.69
C ILE A 52 -9.48 -4.19 -1.53
N LYS A 53 -9.11 -2.90 -1.59
CA LYS A 53 -9.86 -1.93 -2.37
C LYS A 53 -9.69 -2.22 -3.87
N THR A 54 -10.70 -1.90 -4.66
CA THR A 54 -10.70 -2.17 -6.10
C THR A 54 -10.92 -0.91 -6.93
N ASN A 55 -10.12 -0.74 -7.98
CA ASN A 55 -10.23 0.41 -8.87
C ASN A 55 -11.46 0.24 -9.76
N LYS A 56 -12.24 1.31 -9.91
CA LYS A 56 -13.46 1.29 -10.70
C LYS A 56 -13.14 1.29 -12.20
N LYS A 57 -11.95 1.76 -12.57
CA LYS A 57 -11.60 1.97 -13.97
C LYS A 57 -10.72 0.84 -14.51
N THR A 58 -10.26 -0.05 -13.63
CA THR A 58 -9.39 -1.15 -14.03
C THR A 58 -9.84 -2.52 -13.51
N GLY A 59 -10.70 -2.54 -12.49
CA GLY A 59 -11.34 -3.75 -12.00
C GLY A 59 -10.41 -4.64 -11.16
N GLN A 60 -9.09 -4.41 -11.23
CA GLN A 60 -8.14 -5.13 -10.41
C GLN A 60 -8.01 -4.46 -9.04
N PRO A 61 -7.52 -5.18 -8.02
CA PRO A 61 -7.27 -4.59 -6.72
C PRO A 61 -6.20 -3.50 -6.87
N MET A 62 -6.25 -2.50 -5.99
CA MET A 62 -5.37 -1.34 -6.07
C MET A 62 -3.97 -1.67 -5.55
N ILE A 63 -3.17 -2.35 -6.39
CA ILE A 63 -1.82 -2.76 -6.05
C ILE A 63 -0.86 -2.42 -7.17
N ASN A 64 0.42 -2.26 -6.82
CA ASN A 64 1.50 -2.06 -7.79
C ASN A 64 2.80 -2.64 -7.23
N LEU A 65 3.41 -3.58 -7.94
CA LEU A 65 4.69 -4.13 -7.54
C LEU A 65 5.81 -3.26 -8.12
N TYR A 66 6.65 -2.72 -7.25
CA TYR A 66 7.73 -1.85 -7.67
C TYR A 66 8.91 -2.61 -8.26
N THR A 67 9.77 -1.90 -8.98
CA THR A 67 10.92 -2.51 -9.63
C THR A 67 12.13 -1.61 -9.51
N ASP A 68 13.30 -2.21 -9.62
CA ASP A 68 14.57 -1.52 -9.71
C ASP A 68 14.68 -0.73 -11.01
N ARG A 69 14.79 0.59 -10.93
CA ARG A 69 14.83 1.45 -12.11
C ARG A 69 16.11 1.26 -12.91
N GLU A 70 17.06 0.49 -12.37
CA GLU A 70 18.32 0.24 -13.02
C GLU A 70 18.24 -0.91 -14.04
N THR A 71 17.17 -1.71 -13.99
CA THR A 71 17.08 -2.89 -14.85
C THR A 71 15.64 -3.34 -15.10
N GLY A 72 14.70 -2.93 -14.23
CA GLY A 72 13.29 -3.17 -14.43
C GLY A 72 12.78 -4.42 -13.74
N LYS A 73 13.58 -5.04 -12.87
CA LYS A 73 13.17 -6.26 -12.17
C LYS A 73 12.52 -5.91 -10.83
N LEU A 74 11.78 -6.85 -10.26
CA LEU A 74 11.11 -6.67 -8.97
C LEU A 74 12.13 -6.25 -7.93
N LYS A 75 11.91 -5.07 -7.34
CA LYS A 75 12.75 -4.54 -6.26
C LYS A 75 12.40 -5.24 -4.95
N GLY A 76 11.21 -5.86 -4.90
CA GLY A 76 10.74 -6.56 -3.71
C GLY A 76 9.83 -5.67 -2.87
N GLU A 77 9.30 -4.59 -3.44
CA GLU A 77 8.41 -3.68 -2.73
C GLU A 77 7.07 -3.58 -3.46
N ALA A 78 6.02 -3.20 -2.72
CA ALA A 78 4.69 -3.04 -3.29
C ALA A 78 3.83 -2.15 -2.38
N THR A 79 2.65 -1.77 -2.87
CA THR A 79 1.68 -1.03 -2.07
C THR A 79 0.29 -1.61 -2.27
N VAL A 80 -0.41 -1.91 -1.18
CA VAL A 80 -1.73 -2.53 -1.20
C VAL A 80 -2.75 -1.59 -0.56
N SER A 81 -3.86 -1.29 -1.23
CA SER A 81 -4.89 -0.46 -0.64
C SER A 81 -6.03 -1.32 -0.10
N PHE A 82 -6.39 -1.11 1.17
CA PHE A 82 -7.55 -1.75 1.77
C PHE A 82 -8.85 -1.00 1.50
N ASP A 83 -9.96 -1.73 1.39
CA ASP A 83 -11.25 -1.12 1.14
C ASP A 83 -11.74 -0.48 2.45
N ASP A 84 -11.14 -0.89 3.58
CA ASP A 84 -11.51 -0.43 4.90
C ASP A 84 -10.29 0.08 5.66
N PRO A 85 -10.38 1.26 6.31
CA PRO A 85 -9.24 1.88 6.98
C PRO A 85 -8.73 1.11 8.20
N PRO A 86 -9.57 0.42 9.00
CA PRO A 86 -9.08 -0.27 10.17
C PRO A 86 -8.33 -1.55 9.79
N SER A 87 -8.57 -2.06 8.57
CA SER A 87 -7.88 -3.26 8.10
C SER A 87 -6.44 -2.93 7.71
N ALA A 88 -6.19 -1.70 7.27
CA ALA A 88 -4.86 -1.27 6.89
C ALA A 88 -3.94 -1.24 8.12
N LYS A 89 -4.41 -0.63 9.21
CA LYS A 89 -3.61 -0.49 10.41
C LYS A 89 -3.31 -1.85 11.03
N ALA A 90 -4.28 -2.75 10.96
CA ALA A 90 -4.11 -4.11 11.47
C ALA A 90 -3.11 -4.88 10.62
N ALA A 91 -3.18 -4.72 9.29
CA ALA A 91 -2.29 -5.43 8.38
C ALA A 91 -0.86 -4.93 8.56
N ILE A 92 -0.68 -3.69 9.02
CA ILE A 92 0.66 -3.18 9.31
C ILE A 92 1.20 -3.83 10.57
N ASP A 93 0.46 -3.73 11.67
CA ASP A 93 0.86 -4.30 12.94
C ASP A 93 1.03 -5.81 12.91
N TRP A 94 0.38 -6.46 11.93
CA TRP A 94 0.39 -7.90 11.80
C TRP A 94 1.48 -8.40 10.85
N PHE A 95 1.43 -7.99 9.58
CA PHE A 95 2.35 -8.49 8.58
C PHE A 95 3.80 -8.05 8.75
N ASP A 96 4.02 -6.84 9.26
CA ASP A 96 5.38 -6.37 9.49
C ASP A 96 6.17 -7.30 10.41
N GLY A 97 7.17 -8.00 9.86
CA GLY A 97 8.05 -8.86 10.63
C GLY A 97 7.88 -10.35 10.30
N LYS A 98 6.78 -10.74 9.65
CA LYS A 98 6.58 -12.13 9.26
C LYS A 98 7.04 -12.34 7.81
N GLU A 99 6.77 -13.53 7.25
CA GLU A 99 7.17 -13.86 5.89
C GLU A 99 5.99 -13.72 4.94
N PHE A 100 6.26 -13.87 3.63
CA PHE A 100 5.22 -13.75 2.60
C PHE A 100 5.24 -14.97 1.68
N SER A 101 6.43 -15.48 1.37
CA SER A 101 6.60 -16.64 0.51
C SER A 101 7.78 -17.49 0.98
N GLY A 102 8.29 -17.19 2.18
CA GLY A 102 9.45 -17.88 2.74
C GLY A 102 10.53 -16.88 3.14
N ASN A 103 10.47 -15.66 2.59
CA ASN A 103 11.36 -14.57 2.95
C ASN A 103 10.61 -13.58 3.85
N PRO A 104 11.31 -12.93 4.77
CA PRO A 104 10.72 -11.95 5.69
C PRO A 104 10.27 -10.72 4.93
N ILE A 105 9.25 -10.02 5.45
CA ILE A 105 8.69 -8.83 4.82
C ILE A 105 8.39 -7.76 5.85
N LYS A 106 8.12 -6.54 5.38
CA LYS A 106 7.74 -5.43 6.23
C LYS A 106 6.51 -4.72 5.69
N VAL A 107 5.79 -4.02 6.57
CA VAL A 107 4.59 -3.28 6.21
C VAL A 107 4.50 -2.01 7.03
N SER A 108 3.95 -0.96 6.42
CA SER A 108 3.75 0.34 7.08
C SER A 108 2.60 1.06 6.39
N PHE A 109 2.20 2.22 6.91
CA PHE A 109 1.26 3.08 6.21
C PHE A 109 1.79 3.54 4.86
N ALA A 110 0.88 3.80 3.91
CA ALA A 110 1.24 4.29 2.60
C ALA A 110 0.56 5.63 2.36
N THR A 111 1.31 6.57 1.79
CA THR A 111 0.82 7.91 1.51
C THR A 111 1.37 8.41 0.19
N ARG A 112 0.50 8.99 -0.65
CA ARG A 112 0.83 9.35 -2.03
C ARG A 112 2.17 10.06 -2.09
N ARG A 113 3.17 9.39 -2.66
CA ARG A 113 4.54 9.89 -2.68
C ARG A 113 4.64 11.09 -3.62
N ALA A 114 3.81 11.14 -4.64
CA ALA A 114 3.85 12.20 -5.62
C ALA A 114 3.48 13.53 -4.98
N ASP A 115 2.61 13.50 -3.96
CA ASP A 115 2.20 14.70 -3.26
C ASP A 115 3.34 15.34 -2.49
N PHE A 116 4.48 14.63 -2.39
CA PHE A 116 5.64 15.13 -1.65
C PHE A 116 6.76 15.64 -2.54
N ASN A 117 6.69 15.40 -3.86
CA ASN A 117 7.73 15.89 -4.77
C ASN A 117 7.26 16.07 -6.21
N ARG A 118 6.48 15.12 -6.75
CA ARG A 118 6.08 15.15 -8.15
C ARG A 118 4.95 16.16 -8.39
N GLY A 119 4.42 16.76 -7.32
CA GLY A 119 3.29 17.68 -7.43
C GLY A 119 1.96 16.91 -7.45
N GLY A 120 2.02 15.61 -7.11
CA GLY A 120 0.84 14.76 -7.07
C GLY A 120 0.49 14.22 -8.47
N GLY A 121 -0.62 13.49 -8.55
CA GLY A 121 -1.06 12.89 -9.80
C GLY A 121 -1.67 13.93 -10.75
N ASN A 122 -1.90 13.53 -12.00
CA ASN A 122 -2.44 14.41 -13.02
C ASN A 122 -3.05 13.57 -14.15
N GLY A 123 -3.76 14.22 -15.07
CA GLY A 123 -4.34 13.54 -16.22
C GLY A 123 -4.71 14.55 -17.31
N ARG A 124 -4.98 14.04 -18.51
CA ARG A 124 -5.36 14.86 -19.66
C ARG A 124 -6.82 15.30 -19.53
N GLY A 125 -7.25 16.18 -20.44
CA GLY A 125 -8.61 16.69 -20.44
C GLY A 125 -9.58 15.67 -21.04
N GLY A 126 -10.85 15.73 -20.60
CA GLY A 126 -11.89 14.84 -21.09
C GLY A 126 -12.50 15.39 -22.37
N ARG A 127 -13.19 14.53 -23.13
CA ARG A 127 -13.88 14.93 -24.35
C ARG A 127 -15.19 15.64 -24.01
N GLY A 128 -15.71 16.42 -24.96
CA GLY A 128 -16.99 17.09 -24.82
C GLY A 128 -18.14 16.09 -25.04
N ARG A 129 -19.38 16.58 -24.92
CA ARG A 129 -20.57 15.75 -25.10
C ARG A 129 -21.58 16.49 -25.98
N GLY A 130 -22.57 15.75 -26.49
CA GLY A 130 -23.61 16.32 -27.34
C GLY A 130 -24.59 15.25 -27.77
N GLY A 131 -25.62 15.65 -28.55
CA GLY A 131 -26.63 14.74 -29.03
C GLY A 131 -27.63 15.47 -29.93
N GLY A 1 17.70 3.72 9.67
CA GLY A 1 16.38 3.36 9.15
C GLY A 1 15.28 3.93 10.04
N GLY A 2 14.08 4.10 9.48
CA GLY A 2 12.94 4.63 10.21
C GLY A 2 11.72 4.76 9.30
N PHE A 3 10.62 5.29 9.84
CA PHE A 3 9.39 5.48 9.08
C PHE A 3 9.48 6.61 8.04
N ASN A 4 8.40 6.77 7.26
CA ASN A 4 8.31 7.77 6.20
C ASN A 4 8.31 9.18 6.80
N LYS A 5 8.12 10.18 5.93
CA LYS A 5 8.11 11.59 6.31
C LYS A 5 6.96 11.92 7.26
N PHE A 6 5.96 11.04 7.37
CA PHE A 6 4.86 11.24 8.31
C PHE A 6 5.10 10.47 9.61
N GLY A 7 6.17 9.65 9.66
CA GLY A 7 6.66 9.03 10.88
C GLY A 7 5.93 7.73 11.25
N GLY A 8 5.11 7.15 10.36
CA GLY A 8 4.42 5.91 10.68
C GLY A 8 3.38 6.13 11.78
N PRO A 9 2.96 5.06 12.46
CA PRO A 9 2.02 5.13 13.57
C PRO A 9 2.59 5.85 14.80
N ARG A 10 3.67 6.62 14.62
CA ARG A 10 4.31 7.31 15.73
C ARG A 10 3.46 8.50 16.18
N ASP A 11 2.92 9.23 15.20
CA ASP A 11 2.14 10.44 15.46
C ASP A 11 0.64 10.19 15.25
N GLN A 12 0.26 8.92 15.12
CA GLN A 12 -1.11 8.52 14.82
C GLN A 12 -2.08 8.81 15.97
N GLY A 13 -1.56 9.16 17.15
CA GLY A 13 -2.40 9.53 18.27
C GLY A 13 -2.88 8.31 19.05
N SER A 14 -4.16 7.96 18.88
CA SER A 14 -4.84 6.94 19.68
C SER A 14 -4.41 5.51 19.34
N ARG A 15 -3.33 5.32 18.58
CA ARG A 15 -2.95 4.00 18.10
C ARG A 15 -2.45 3.08 19.23
N HIS A 16 -2.39 3.59 20.46
CA HIS A 16 -1.97 2.80 21.61
C HIS A 16 -3.16 2.12 22.29
N ASP A 17 -4.38 2.59 21.98
CA ASP A 17 -5.62 2.08 22.57
C ASP A 17 -6.67 1.68 21.54
N SER A 18 -6.31 1.69 20.25
CA SER A 18 -7.23 1.37 19.18
C SER A 18 -6.49 0.80 17.97
N GLU A 19 -7.19 0.02 17.15
CA GLU A 19 -6.66 -0.53 15.92
C GLU A 19 -7.05 0.37 14.74
N GLN A 20 -7.76 1.47 15.01
CA GLN A 20 -8.19 2.40 13.98
C GLN A 20 -7.13 3.47 13.75
N ASP A 21 -7.14 4.51 14.59
CA ASP A 21 -6.18 5.62 14.56
C ASP A 21 -5.98 6.26 13.19
N ASN A 22 -6.87 6.01 12.24
CA ASN A 22 -6.75 6.55 10.89
C ASN A 22 -8.14 6.59 10.25
N SER A 23 -8.25 7.23 9.08
CA SER A 23 -9.52 7.30 8.34
C SER A 23 -9.28 7.37 6.84
N ASP A 24 -8.20 8.03 6.43
CA ASP A 24 -7.83 8.15 5.02
C ASP A 24 -6.51 7.43 4.72
N ASN A 25 -5.92 6.78 5.72
CA ASN A 25 -4.64 6.11 5.60
C ASN A 25 -4.86 4.62 5.31
N ASN A 26 -5.91 4.30 4.55
CA ASN A 26 -6.32 2.92 4.27
C ASN A 26 -5.32 2.16 3.41
N THR A 27 -4.22 2.79 3.00
CA THR A 27 -3.19 2.14 2.20
C THR A 27 -1.97 1.73 3.02
N ILE A 28 -1.30 0.65 2.60
CA ILE A 28 -0.10 0.16 3.28
C ILE A 28 1.02 -0.06 2.27
N PHE A 29 2.26 0.14 2.71
CA PHE A 29 3.44 -0.10 1.90
C PHE A 29 4.02 -1.43 2.38
N VAL A 30 4.63 -2.19 1.47
CA VAL A 30 5.18 -3.50 1.77
C VAL A 30 6.58 -3.68 1.22
N GLN A 31 7.41 -4.46 1.92
CA GLN A 31 8.78 -4.73 1.50
C GLN A 31 9.10 -6.20 1.74
N GLY A 32 10.00 -6.76 0.94
CA GLY A 32 10.50 -8.12 1.12
C GLY A 32 9.75 -9.13 0.25
N LEU A 33 8.86 -8.65 -0.61
CA LEU A 33 8.05 -9.50 -1.48
C LEU A 33 8.92 -10.42 -2.32
N GLY A 34 9.83 -9.82 -3.08
CA GLY A 34 10.64 -10.54 -4.05
C GLY A 34 9.94 -10.61 -5.39
N GLU A 35 10.56 -11.29 -6.35
CA GLU A 35 10.10 -11.37 -7.73
C GLU A 35 8.95 -12.38 -7.89
N ASN A 36 8.70 -13.19 -6.86
CA ASN A 36 7.70 -14.25 -6.94
C ASN A 36 6.29 -13.70 -6.74
N VAL A 37 6.17 -12.38 -6.51
CA VAL A 37 4.91 -11.75 -6.18
C VAL A 37 4.28 -11.02 -7.36
N THR A 38 2.96 -10.84 -7.31
CA THR A 38 2.19 -10.19 -8.39
C THR A 38 0.88 -9.70 -7.77
N ILE A 39 0.13 -8.87 -8.51
CA ILE A 39 -1.09 -8.23 -8.02
C ILE A 39 -2.04 -9.23 -7.36
N GLU A 40 -2.16 -10.43 -7.93
CA GLU A 40 -3.06 -11.43 -7.40
C GLU A 40 -2.54 -12.03 -6.11
N SER A 41 -1.21 -12.07 -5.95
CA SER A 41 -0.59 -12.67 -4.77
C SER A 41 -0.74 -11.73 -3.57
N VAL A 42 -0.39 -10.45 -3.75
CA VAL A 42 -0.46 -9.45 -2.67
C VAL A 42 -1.90 -9.33 -2.19
N ALA A 43 -2.84 -9.06 -3.09
CA ALA A 43 -4.23 -8.89 -2.71
C ALA A 43 -4.78 -10.14 -2.03
N ASP A 44 -4.36 -11.33 -2.49
CA ASP A 44 -4.81 -12.59 -1.90
C ASP A 44 -4.08 -12.86 -0.58
N TYR A 45 -2.98 -12.14 -0.33
CA TYR A 45 -2.18 -12.30 0.86
C TYR A 45 -2.57 -11.32 1.96
N PHE A 46 -3.10 -10.16 1.56
CA PHE A 46 -3.51 -9.10 2.47
C PHE A 46 -4.99 -9.12 2.81
N LYS A 47 -5.79 -9.77 1.97
CA LYS A 47 -7.26 -9.74 2.11
C LYS A 47 -7.72 -10.42 3.39
N GLN A 48 -6.87 -11.26 3.99
CA GLN A 48 -7.21 -11.97 5.20
C GLN A 48 -7.42 -11.01 6.38
N ILE A 49 -6.89 -9.79 6.30
CA ILE A 49 -7.08 -8.79 7.34
C ILE A 49 -8.37 -7.99 7.07
N GLY A 50 -8.74 -7.91 5.79
CA GLY A 50 -9.91 -7.17 5.34
C GLY A 50 -9.86 -7.00 3.83
N ILE A 51 -10.95 -6.52 3.25
CA ILE A 51 -11.10 -6.47 1.80
C ILE A 51 -10.13 -5.46 1.20
N ILE A 52 -9.46 -5.85 0.11
CA ILE A 52 -8.59 -4.97 -0.65
C ILE A 52 -9.43 -4.02 -1.50
N LYS A 53 -9.05 -2.75 -1.57
CA LYS A 53 -9.77 -1.76 -2.35
C LYS A 53 -9.62 -2.05 -3.84
N THR A 54 -10.64 -1.73 -4.63
CA THR A 54 -10.68 -2.02 -6.06
C THR A 54 -11.13 -0.84 -6.92
N ASN A 55 -10.42 -0.58 -8.02
CA ASN A 55 -10.79 0.48 -8.93
C ASN A 55 -11.98 0.02 -9.79
N LYS A 56 -12.81 0.97 -10.22
CA LYS A 56 -14.04 0.67 -10.94
C LYS A 56 -13.79 0.37 -12.42
N LYS A 57 -12.62 0.76 -12.96
CA LYS A 57 -12.35 0.63 -14.39
C LYS A 57 -11.23 -0.35 -14.69
N THR A 58 -10.22 -0.43 -13.80
CA THR A 58 -9.08 -1.31 -14.03
C THR A 58 -9.41 -2.79 -13.79
N GLY A 59 -10.47 -3.07 -13.01
CA GLY A 59 -10.94 -4.43 -12.80
C GLY A 59 -9.99 -5.25 -11.94
N GLN A 60 -9.08 -4.58 -11.22
CA GLN A 60 -8.09 -5.23 -10.38
C GLN A 60 -7.95 -4.46 -9.07
N PRO A 61 -7.45 -5.11 -8.00
CA PRO A 61 -7.21 -4.47 -6.73
C PRO A 61 -6.18 -3.35 -6.89
N MET A 62 -6.23 -2.36 -6.00
CA MET A 62 -5.35 -1.19 -6.08
C MET A 62 -3.96 -1.52 -5.54
N ILE A 63 -3.17 -2.21 -6.36
CA ILE A 63 -1.82 -2.62 -6.00
C ILE A 63 -0.85 -2.26 -7.12
N ASN A 64 0.43 -2.17 -6.77
CA ASN A 64 1.50 -1.96 -7.73
C ASN A 64 2.81 -2.50 -7.17
N LEU A 65 3.47 -3.39 -7.92
CA LEU A 65 4.74 -3.94 -7.50
C LEU A 65 5.86 -3.07 -8.05
N TYR A 66 6.69 -2.51 -7.16
CA TYR A 66 7.79 -1.66 -7.58
C TYR A 66 8.91 -2.47 -8.21
N THR A 67 9.81 -1.78 -8.94
CA THR A 67 10.91 -2.44 -9.60
C THR A 67 12.15 -1.58 -9.50
N ASP A 68 13.30 -2.24 -9.60
CA ASP A 68 14.60 -1.58 -9.67
C ASP A 68 14.75 -0.76 -10.93
N ARG A 69 15.05 0.53 -10.79
CA ARG A 69 15.15 1.45 -11.92
C ARG A 69 16.40 1.19 -12.76
N GLU A 70 17.27 0.30 -12.29
CA GLU A 70 18.52 -0.02 -12.97
C GLU A 70 18.34 -1.12 -14.01
N THR A 71 17.23 -1.86 -13.96
CA THR A 71 17.04 -2.98 -14.87
C THR A 71 15.57 -3.36 -15.10
N GLY A 72 14.68 -2.89 -14.22
CA GLY A 72 13.24 -3.05 -14.39
C GLY A 72 12.69 -4.31 -13.73
N LYS A 73 13.50 -4.99 -12.91
CA LYS A 73 13.05 -6.21 -12.22
C LYS A 73 12.44 -5.86 -10.87
N LEU A 74 11.69 -6.81 -10.29
CA LEU A 74 11.07 -6.62 -8.99
C LEU A 74 12.12 -6.23 -7.96
N LYS A 75 11.93 -5.06 -7.35
CA LYS A 75 12.79 -4.57 -6.28
C LYS A 75 12.44 -5.28 -4.97
N GLY A 76 11.24 -5.87 -4.91
CA GLY A 76 10.77 -6.57 -3.73
C GLY A 76 9.88 -5.69 -2.85
N GLU A 77 9.35 -4.61 -3.41
CA GLU A 77 8.47 -3.71 -2.68
C GLU A 77 7.14 -3.55 -3.42
N ALA A 78 6.09 -3.18 -2.68
CA ALA A 78 4.76 -3.00 -3.25
C ALA A 78 3.91 -2.11 -2.33
N THR A 79 2.70 -1.76 -2.80
CA THR A 79 1.75 -0.99 -2.00
C THR A 79 0.34 -1.53 -2.23
N VAL A 80 -0.37 -1.83 -1.14
CA VAL A 80 -1.71 -2.43 -1.17
C VAL A 80 -2.70 -1.48 -0.52
N SER A 81 -3.80 -1.14 -1.21
CA SER A 81 -4.83 -0.31 -0.60
C SER A 81 -5.95 -1.18 -0.06
N PHE A 82 -6.31 -0.97 1.21
CA PHE A 82 -7.48 -1.61 1.81
C PHE A 82 -8.77 -0.86 1.55
N ASP A 83 -9.89 -1.58 1.42
CA ASP A 83 -11.18 -0.95 1.18
C ASP A 83 -11.67 -0.34 2.50
N ASP A 84 -11.09 -0.79 3.62
CA ASP A 84 -11.46 -0.35 4.95
C ASP A 84 -10.25 0.18 5.70
N PRO A 85 -10.36 1.35 6.35
CA PRO A 85 -9.24 1.99 7.01
C PRO A 85 -8.69 1.22 8.23
N PRO A 86 -9.52 0.51 9.03
CA PRO A 86 -9.02 -0.17 10.20
C PRO A 86 -8.26 -1.44 9.83
N SER A 87 -8.49 -1.96 8.61
CA SER A 87 -7.83 -3.17 8.15
C SER A 87 -6.39 -2.86 7.77
N ALA A 88 -6.13 -1.64 7.30
CA ALA A 88 -4.78 -1.24 6.94
C ALA A 88 -3.87 -1.22 8.16
N LYS A 89 -4.33 -0.61 9.25
CA LYS A 89 -3.53 -0.50 10.46
C LYS A 89 -3.23 -1.87 11.05
N ALA A 90 -4.22 -2.77 11.00
CA ALA A 90 -4.07 -4.13 11.52
C ALA A 90 -3.09 -4.91 10.65
N ALA A 91 -3.16 -4.73 9.32
CA ALA A 91 -2.28 -5.45 8.41
C ALA A 91 -0.84 -4.99 8.59
N ILE A 92 -0.63 -3.74 9.05
CA ILE A 92 0.69 -3.23 9.33
C ILE A 92 1.24 -3.91 10.58
N ASP A 93 0.52 -3.77 11.69
CA ASP A 93 0.92 -4.34 12.97
C ASP A 93 1.06 -5.87 12.93
N TRP A 94 0.41 -6.51 11.95
CA TRP A 94 0.41 -7.94 11.82
C TRP A 94 1.49 -8.46 10.86
N PHE A 95 1.43 -8.03 9.59
CA PHE A 95 2.34 -8.55 8.58
C PHE A 95 3.79 -8.12 8.74
N ASP A 96 4.03 -6.92 9.27
CA ASP A 96 5.40 -6.47 9.50
C ASP A 96 6.18 -7.42 10.41
N GLY A 97 7.18 -8.12 9.83
CA GLY A 97 8.07 -8.99 10.59
C GLY A 97 7.88 -10.46 10.25
N LYS A 98 6.77 -10.85 9.60
CA LYS A 98 6.57 -12.23 9.21
C LYS A 98 7.02 -12.45 7.77
N GLU A 99 6.74 -13.63 7.20
CA GLU A 99 7.14 -13.96 5.84
C GLU A 99 5.95 -13.85 4.89
N PHE A 100 6.22 -13.96 3.59
CA PHE A 100 5.18 -13.81 2.56
C PHE A 100 5.19 -15.03 1.62
N SER A 101 6.39 -15.52 1.29
CA SER A 101 6.55 -16.67 0.41
C SER A 101 7.74 -17.53 0.86
N GLY A 102 8.20 -17.30 2.08
CA GLY A 102 9.36 -17.99 2.63
C GLY A 102 10.44 -17.00 3.04
N ASN A 103 10.38 -15.77 2.51
CA ASN A 103 11.28 -14.71 2.89
C ASN A 103 10.55 -13.71 3.79
N PRO A 104 11.26 -13.06 4.73
CA PRO A 104 10.69 -12.09 5.65
C PRO A 104 10.24 -10.84 4.90
N ILE A 105 9.23 -10.15 5.42
CA ILE A 105 8.68 -8.95 4.81
C ILE A 105 8.39 -7.88 5.86
N LYS A 106 8.13 -6.66 5.39
CA LYS A 106 7.79 -5.54 6.25
C LYS A 106 6.59 -4.78 5.70
N VAL A 107 5.87 -4.09 6.60
CA VAL A 107 4.68 -3.34 6.24
C VAL A 107 4.59 -2.06 7.07
N SER A 108 4.04 -1.01 6.47
CA SER A 108 3.84 0.28 7.12
C SER A 108 2.67 0.98 6.45
N PHE A 109 2.25 2.14 6.97
CA PHE A 109 1.28 2.97 6.29
C PHE A 109 1.76 3.44 4.92
N ALA A 110 0.83 3.82 4.05
CA ALA A 110 1.17 4.37 2.75
C ALA A 110 0.36 5.64 2.51
N THR A 111 1.03 6.65 1.95
CA THR A 111 0.42 7.93 1.65
C THR A 111 1.00 8.48 0.36
N ARG A 112 0.14 9.04 -0.50
CA ARG A 112 0.52 9.45 -1.84
C ARG A 112 1.87 10.16 -1.84
N ARG A 113 2.90 9.50 -2.38
CA ARG A 113 4.27 10.01 -2.34
C ARG A 113 4.42 11.15 -3.32
N ALA A 114 3.58 11.18 -4.37
CA ALA A 114 3.64 12.24 -5.36
C ALA A 114 3.24 13.57 -4.74
N ASP A 115 2.37 13.55 -3.73
CA ASP A 115 1.92 14.77 -3.08
C ASP A 115 3.09 15.41 -2.32
N PHE A 116 4.21 14.68 -2.17
CA PHE A 116 5.36 15.17 -1.46
C PHE A 116 6.47 15.73 -2.36
N ASN A 117 6.37 15.52 -3.68
CA ASN A 117 7.37 16.05 -4.60
C ASN A 117 6.86 16.19 -6.05
N ARG A 118 6.10 15.21 -6.54
CA ARG A 118 5.65 15.21 -7.93
C ARG A 118 4.42 16.09 -8.14
N GLY A 119 3.94 16.77 -7.08
CA GLY A 119 2.80 17.66 -7.17
C GLY A 119 1.47 16.92 -7.01
N GLY A 120 1.52 15.63 -6.64
CA GLY A 120 0.33 14.83 -6.42
C GLY A 120 -0.27 14.31 -7.72
N GLY A 121 0.43 14.51 -8.85
CA GLY A 121 -0.03 14.04 -10.15
C GLY A 121 -1.01 15.02 -10.79
N ASN A 122 -1.26 14.83 -12.09
CA ASN A 122 -2.11 15.70 -12.89
C ASN A 122 -2.76 14.90 -14.02
N GLY A 123 -3.62 15.56 -14.81
CA GLY A 123 -4.27 14.93 -15.96
C GLY A 123 -4.85 15.99 -16.89
N ARG A 124 -5.03 15.62 -18.17
CA ARG A 124 -5.61 16.51 -19.15
C ARG A 124 -7.13 16.55 -19.00
N GLY A 125 -7.77 17.57 -19.58
CA GLY A 125 -9.22 17.68 -19.52
C GLY A 125 -9.89 16.63 -20.39
N GLY A 126 -11.10 16.23 -20.02
CA GLY A 126 -11.85 15.23 -20.77
C GLY A 126 -12.53 15.85 -21.98
N ARG A 127 -13.15 15.01 -22.82
CA ARG A 127 -13.89 15.46 -24.00
C ARG A 127 -15.10 16.29 -23.57
N GLY A 128 -15.51 17.24 -24.42
CA GLY A 128 -16.65 18.11 -24.13
C GLY A 128 -17.93 17.28 -23.97
N ARG A 129 -18.79 17.68 -23.04
CA ARG A 129 -20.00 16.94 -22.72
C ARG A 129 -21.01 17.85 -22.02
N GLY A 130 -22.30 17.50 -22.09
CA GLY A 130 -23.36 18.25 -21.45
C GLY A 130 -24.66 17.45 -21.45
N GLY A 131 -25.65 17.92 -20.69
CA GLY A 131 -26.96 17.28 -20.61
C GLY A 131 -27.74 17.47 -21.91
N GLY A 1 18.05 3.66 9.67
CA GLY A 1 16.74 3.11 9.30
C GLY A 1 15.63 3.68 10.17
N GLY A 2 14.44 3.90 9.58
CA GLY A 2 13.30 4.43 10.30
C GLY A 2 12.09 4.54 9.38
N PHE A 3 10.99 5.11 9.90
CA PHE A 3 9.77 5.30 9.15
C PHE A 3 9.86 6.35 8.05
N ASN A 4 8.77 6.50 7.28
CA ASN A 4 8.65 7.46 6.20
C ASN A 4 8.69 8.90 6.74
N LYS A 5 8.55 9.87 5.84
CA LYS A 5 8.60 11.28 6.21
C LYS A 5 7.44 11.68 7.12
N PHE A 6 6.40 10.84 7.23
CA PHE A 6 5.30 11.09 8.15
C PHE A 6 5.51 10.38 9.49
N GLY A 7 6.57 9.56 9.59
CA GLY A 7 7.02 8.96 10.84
C GLY A 7 6.28 7.68 11.23
N GLY A 8 5.50 7.09 10.33
CA GLY A 8 4.77 5.87 10.65
C GLY A 8 3.67 6.15 11.69
N PRO A 9 3.19 5.11 12.38
CA PRO A 9 2.19 5.23 13.43
C PRO A 9 2.75 5.94 14.68
N ARG A 10 3.82 6.72 14.54
CA ARG A 10 4.44 7.39 15.67
C ARG A 10 3.65 8.64 16.04
N ASP A 11 3.06 9.29 15.04
CA ASP A 11 2.29 10.51 15.23
C ASP A 11 0.80 10.28 15.00
N GLN A 12 0.39 9.02 14.86
CA GLN A 12 -0.99 8.67 14.54
C GLN A 12 -1.96 8.97 15.68
N GLY A 13 -1.43 9.35 16.86
CA GLY A 13 -2.28 9.76 17.96
C GLY A 13 -2.73 8.58 18.82
N SER A 14 -3.99 8.17 18.67
CA SER A 14 -4.62 7.17 19.51
C SER A 14 -4.20 5.73 19.17
N ARG A 15 -3.09 5.54 18.46
CA ARG A 15 -2.67 4.21 18.01
C ARG A 15 -2.25 3.32 19.18
N HIS A 16 -2.24 3.84 20.40
CA HIS A 16 -1.86 3.08 21.59
C HIS A 16 -3.10 2.54 22.31
N ASP A 17 -4.29 3.05 21.95
CA ASP A 17 -5.55 2.66 22.59
C ASP A 17 -6.60 2.17 21.59
N SER A 18 -6.23 2.04 20.32
CA SER A 18 -7.16 1.63 19.28
C SER A 18 -6.39 0.99 18.12
N GLU A 19 -7.09 0.18 17.33
CA GLU A 19 -6.53 -0.44 16.13
C GLU A 19 -6.90 0.39 14.89
N GLN A 20 -7.65 1.47 15.08
CA GLN A 20 -8.06 2.36 14.01
C GLN A 20 -6.98 3.42 13.75
N ASP A 21 -6.99 4.49 14.57
CA ASP A 21 -6.06 5.60 14.51
C ASP A 21 -5.85 6.22 13.11
N ASN A 22 -6.74 5.93 12.17
CA ASN A 22 -6.60 6.44 10.81
C ASN A 22 -7.96 6.46 10.11
N SER A 23 -8.03 7.13 8.96
CA SER A 23 -9.23 7.16 8.14
C SER A 23 -8.86 7.47 6.69
N ASP A 24 -7.87 8.35 6.49
CA ASP A 24 -7.38 8.71 5.17
C ASP A 24 -6.19 7.86 4.73
N ASN A 25 -5.86 6.82 5.51
CA ASN A 25 -4.69 6.00 5.28
C ASN A 25 -5.04 4.52 5.23
N ASN A 26 -6.09 4.19 4.47
CA ASN A 26 -6.49 2.80 4.24
C ASN A 26 -5.46 2.05 3.38
N THR A 27 -4.41 2.75 2.95
CA THR A 27 -3.35 2.14 2.14
C THR A 27 -2.12 1.75 2.95
N ILE A 28 -1.43 0.68 2.54
CA ILE A 28 -0.22 0.21 3.19
C ILE A 28 0.88 -0.01 2.15
N PHE A 29 2.14 0.18 2.56
CA PHE A 29 3.29 -0.07 1.72
C PHE A 29 3.90 -1.39 2.22
N VAL A 30 4.51 -2.15 1.33
CA VAL A 30 5.07 -3.45 1.64
C VAL A 30 6.47 -3.61 1.06
N GLN A 31 7.32 -4.39 1.74
CA GLN A 31 8.68 -4.63 1.28
C GLN A 31 9.02 -6.11 1.49
N GLY A 32 9.91 -6.65 0.66
CA GLY A 32 10.46 -7.99 0.85
C GLY A 32 9.72 -9.06 0.03
N LEU A 33 8.79 -8.64 -0.81
CA LEU A 33 7.97 -9.54 -1.63
C LEU A 33 8.85 -10.44 -2.48
N GLY A 34 9.71 -9.83 -3.29
CA GLY A 34 10.52 -10.55 -4.26
C GLY A 34 9.76 -10.71 -5.58
N GLU A 35 10.41 -11.34 -6.55
CA GLU A 35 9.91 -11.46 -7.91
C GLU A 35 8.78 -12.48 -8.04
N ASN A 36 8.56 -13.28 -6.99
CA ASN A 36 7.58 -14.37 -7.03
C ASN A 36 6.16 -13.82 -6.78
N VAL A 37 6.04 -12.51 -6.58
CA VAL A 37 4.78 -11.89 -6.21
C VAL A 37 4.11 -11.16 -7.39
N THR A 38 2.79 -11.00 -7.32
CA THR A 38 2.01 -10.37 -8.39
C THR A 38 0.72 -9.87 -7.75
N ILE A 39 -0.04 -9.05 -8.48
CA ILE A 39 -1.25 -8.39 -7.99
C ILE A 39 -2.20 -9.37 -7.30
N GLU A 40 -2.33 -10.59 -7.85
CA GLU A 40 -3.24 -11.58 -7.30
C GLU A 40 -2.67 -12.17 -6.00
N SER A 41 -1.35 -12.21 -5.87
CA SER A 41 -0.70 -12.78 -4.71
C SER A 41 -0.81 -11.85 -3.51
N VAL A 42 -0.49 -10.57 -3.71
CA VAL A 42 -0.55 -9.56 -2.63
C VAL A 42 -1.98 -9.43 -2.14
N ALA A 43 -2.94 -9.19 -3.05
CA ALA A 43 -4.33 -9.02 -2.64
C ALA A 43 -4.85 -10.27 -1.93
N ASP A 44 -4.43 -11.45 -2.37
CA ASP A 44 -4.84 -12.71 -1.75
C ASP A 44 -4.08 -12.96 -0.45
N TYR A 45 -2.99 -12.21 -0.23
CA TYR A 45 -2.17 -12.35 0.96
C TYR A 45 -2.55 -11.35 2.05
N PHE A 46 -3.10 -10.21 1.63
CA PHE A 46 -3.51 -9.14 2.53
C PHE A 46 -4.99 -9.17 2.91
N LYS A 47 -5.81 -9.85 2.09
CA LYS A 47 -7.26 -9.82 2.24
C LYS A 47 -7.70 -10.48 3.54
N GLN A 48 -6.83 -11.30 4.15
CA GLN A 48 -7.15 -11.98 5.39
C GLN A 48 -7.35 -11.02 6.55
N ILE A 49 -6.82 -9.80 6.44
CA ILE A 49 -7.01 -8.77 7.47
C ILE A 49 -8.29 -7.97 7.19
N GLY A 50 -8.71 -7.95 5.92
CA GLY A 50 -9.89 -7.23 5.46
C GLY A 50 -9.85 -7.10 3.95
N ILE A 51 -10.96 -6.66 3.37
CA ILE A 51 -11.12 -6.62 1.93
C ILE A 51 -10.18 -5.62 1.29
N ILE A 52 -9.53 -6.02 0.18
CA ILE A 52 -8.67 -5.14 -0.58
C ILE A 52 -9.55 -4.20 -1.44
N LYS A 53 -9.19 -2.92 -1.50
CA LYS A 53 -9.95 -1.95 -2.27
C LYS A 53 -9.74 -2.20 -3.77
N THR A 54 -10.76 -1.87 -4.57
CA THR A 54 -10.74 -2.08 -6.01
C THR A 54 -11.07 -0.81 -6.80
N ASN A 55 -10.30 -0.54 -7.85
CA ASN A 55 -10.53 0.63 -8.70
C ASN A 55 -11.77 0.40 -9.56
N LYS A 56 -12.37 1.49 -10.04
CA LYS A 56 -13.64 1.44 -10.77
C LYS A 56 -13.45 1.17 -12.26
N LYS A 57 -12.22 1.12 -12.76
CA LYS A 57 -12.01 0.93 -14.20
C LYS A 57 -10.76 0.11 -14.54
N THR A 58 -9.93 -0.26 -13.55
CA THR A 58 -8.77 -1.10 -13.81
C THR A 58 -9.10 -2.59 -13.78
N GLY A 59 -10.21 -2.97 -13.14
CA GLY A 59 -10.66 -4.35 -13.12
C GLY A 59 -9.78 -5.22 -12.22
N GLN A 60 -9.00 -4.60 -11.34
CA GLN A 60 -8.08 -5.30 -10.44
C GLN A 60 -8.00 -4.56 -9.11
N PRO A 61 -7.56 -5.25 -8.03
CA PRO A 61 -7.37 -4.62 -6.74
C PRO A 61 -6.33 -3.50 -6.87
N MET A 62 -6.39 -2.52 -5.97
CA MET A 62 -5.52 -1.35 -6.02
C MET A 62 -4.12 -1.69 -5.53
N ILE A 63 -3.34 -2.35 -6.40
CA ILE A 63 -1.98 -2.78 -6.08
C ILE A 63 -1.04 -2.48 -7.24
N ASN A 64 0.26 -2.39 -6.94
CA ASN A 64 1.30 -2.31 -7.95
C ASN A 64 2.61 -2.80 -7.34
N LEU A 65 3.31 -3.69 -8.05
CA LEU A 65 4.60 -4.18 -7.60
C LEU A 65 5.70 -3.30 -8.19
N TYR A 66 6.51 -2.69 -7.33
CA TYR A 66 7.53 -1.76 -7.76
C TYR A 66 8.83 -2.43 -8.20
N THR A 67 9.64 -1.73 -8.98
CA THR A 67 10.82 -2.34 -9.59
C THR A 67 12.05 -1.46 -9.49
N ASP A 68 13.22 -2.10 -9.47
CA ASP A 68 14.50 -1.42 -9.48
C ASP A 68 14.74 -0.60 -10.73
N ARG A 69 15.22 0.64 -10.57
CA ARG A 69 15.54 1.51 -11.68
C ARG A 69 16.85 1.11 -12.35
N GLU A 70 17.58 0.18 -11.73
CA GLU A 70 18.91 -0.22 -12.19
C GLU A 70 18.89 -1.55 -12.94
N THR A 71 17.74 -2.21 -13.02
CA THR A 71 17.67 -3.50 -13.69
C THR A 71 16.28 -3.72 -14.30
N GLY A 72 15.25 -3.04 -13.78
CA GLY A 72 13.92 -3.05 -14.37
C GLY A 72 13.10 -4.26 -13.94
N LYS A 73 13.42 -4.84 -12.76
CA LYS A 73 12.68 -5.99 -12.24
C LYS A 73 12.32 -5.76 -10.78
N LEU A 74 11.47 -6.65 -10.22
CA LEU A 74 10.91 -6.51 -8.89
C LEU A 74 11.97 -6.09 -7.87
N LYS A 75 11.74 -4.95 -7.22
CA LYS A 75 12.56 -4.44 -6.13
C LYS A 75 12.17 -5.15 -4.83
N GLY A 76 10.96 -5.72 -4.82
CA GLY A 76 10.39 -6.35 -3.63
C GLY A 76 9.43 -5.40 -2.91
N GLU A 77 9.28 -4.17 -3.43
CA GLU A 77 8.33 -3.21 -2.89
C GLU A 77 6.97 -3.35 -3.56
N ALA A 78 5.91 -3.03 -2.82
CA ALA A 78 4.54 -3.01 -3.34
C ALA A 78 3.66 -2.13 -2.46
N THR A 79 2.47 -1.78 -2.96
CA THR A 79 1.50 -0.99 -2.20
C THR A 79 0.09 -1.54 -2.34
N VAL A 80 -0.55 -1.87 -1.22
CA VAL A 80 -1.86 -2.51 -1.20
C VAL A 80 -2.86 -1.56 -0.53
N SER A 81 -3.97 -1.25 -1.21
CA SER A 81 -4.99 -0.42 -0.59
C SER A 81 -6.11 -1.29 -0.03
N PHE A 82 -6.49 -1.06 1.23
CA PHE A 82 -7.63 -1.71 1.84
C PHE A 82 -8.95 -0.99 1.62
N ASP A 83 -10.04 -1.76 1.52
CA ASP A 83 -11.37 -1.19 1.34
C ASP A 83 -11.83 -0.58 2.66
N ASP A 84 -11.20 -1.00 3.77
CA ASP A 84 -11.52 -0.55 5.11
C ASP A 84 -10.28 0.00 5.82
N PRO A 85 -10.37 1.17 6.44
CA PRO A 85 -9.23 1.83 7.06
C PRO A 85 -8.67 1.10 8.29
N PRO A 86 -9.48 0.40 9.12
CA PRO A 86 -8.95 -0.26 10.30
C PRO A 86 -8.19 -1.52 9.92
N SER A 87 -8.44 -2.05 8.72
CA SER A 87 -7.76 -3.26 8.26
C SER A 87 -6.34 -2.94 7.83
N ALA A 88 -6.10 -1.71 7.33
CA ALA A 88 -4.77 -1.28 6.94
C ALA A 88 -3.84 -1.24 8.13
N LYS A 89 -4.27 -0.60 9.22
CA LYS A 89 -3.45 -0.44 10.42
C LYS A 89 -3.13 -1.81 11.03
N ALA A 90 -4.11 -2.72 11.03
CA ALA A 90 -3.92 -4.05 11.55
C ALA A 90 -2.97 -4.85 10.67
N ALA A 91 -3.07 -4.69 9.35
CA ALA A 91 -2.21 -5.41 8.42
C ALA A 91 -0.77 -4.93 8.55
N ILE A 92 -0.57 -3.68 9.00
CA ILE A 92 0.77 -3.17 9.24
C ILE A 92 1.35 -3.82 10.49
N ASP A 93 0.65 -3.68 11.61
CA ASP A 93 1.08 -4.23 12.88
C ASP A 93 1.23 -5.75 12.86
N TRP A 94 0.56 -6.41 11.92
CA TRP A 94 0.57 -7.86 11.80
C TRP A 94 1.63 -8.37 10.82
N PHE A 95 1.55 -7.96 9.55
CA PHE A 95 2.45 -8.47 8.52
C PHE A 95 3.90 -8.03 8.65
N ASP A 96 4.13 -6.82 9.16
CA ASP A 96 5.49 -6.34 9.36
C ASP A 96 6.31 -7.28 10.26
N GLY A 97 7.32 -7.94 9.67
CA GLY A 97 8.24 -8.80 10.41
C GLY A 97 8.05 -10.30 10.10
N LYS A 98 6.93 -10.69 9.49
CA LYS A 98 6.72 -12.08 9.11
C LYS A 98 7.14 -12.31 7.66
N GLU A 99 6.86 -13.50 7.12
CA GLU A 99 7.23 -13.85 5.76
C GLU A 99 6.03 -13.72 4.82
N PHE A 100 6.26 -13.89 3.52
CA PHE A 100 5.21 -13.79 2.51
C PHE A 100 5.23 -15.01 1.59
N SER A 101 6.42 -15.50 1.26
CA SER A 101 6.58 -16.65 0.38
C SER A 101 7.78 -17.49 0.85
N GLY A 102 8.26 -17.21 2.07
CA GLY A 102 9.42 -17.88 2.63
C GLY A 102 10.50 -16.86 2.98
N ASN A 103 10.46 -15.68 2.34
CA ASN A 103 11.33 -14.57 2.66
C ASN A 103 10.62 -13.59 3.59
N PRO A 104 11.35 -12.93 4.49
CA PRO A 104 10.78 -11.95 5.41
C PRO A 104 10.31 -10.71 4.65
N ILE A 105 9.30 -10.03 5.21
CA ILE A 105 8.72 -8.84 4.59
C ILE A 105 8.46 -7.77 5.64
N LYS A 106 8.15 -6.55 5.17
CA LYS A 106 7.81 -5.43 6.04
C LYS A 106 6.57 -4.71 5.51
N VAL A 107 5.88 -4.01 6.42
CA VAL A 107 4.68 -3.27 6.10
C VAL A 107 4.61 -2.00 6.93
N SER A 108 4.05 -0.94 6.34
CA SER A 108 3.84 0.33 7.01
C SER A 108 2.69 1.06 6.32
N PHE A 109 2.29 2.21 6.85
CA PHE A 109 1.34 3.07 6.18
C PHE A 109 1.84 3.51 4.80
N ALA A 110 0.94 3.94 3.93
CA ALA A 110 1.29 4.44 2.62
C ALA A 110 0.65 5.80 2.40
N THR A 111 1.42 6.73 1.84
CA THR A 111 0.94 8.06 1.52
C THR A 111 1.52 8.51 0.18
N ARG A 112 0.68 9.11 -0.66
CA ARG A 112 1.05 9.41 -2.04
C ARG A 112 2.41 10.08 -2.09
N ARG A 113 3.38 9.42 -2.76
CA ARG A 113 4.75 9.87 -2.80
C ARG A 113 4.85 11.15 -3.62
N ALA A 114 3.99 11.29 -4.62
CA ALA A 114 4.01 12.43 -5.51
C ALA A 114 3.72 13.72 -4.75
N ASP A 115 2.88 13.65 -3.71
CA ASP A 115 2.51 14.81 -2.93
C ASP A 115 3.73 15.36 -2.17
N PHE A 116 4.84 14.61 -2.15
CA PHE A 116 6.03 15.03 -1.43
C PHE A 116 7.13 15.59 -2.34
N ASN A 117 6.99 15.43 -3.67
CA ASN A 117 8.00 15.95 -4.58
C ASN A 117 7.46 16.23 -5.99
N ARG A 118 6.61 15.34 -6.53
CA ARG A 118 6.15 15.45 -7.90
C ARG A 118 5.00 16.45 -8.03
N GLY A 119 4.55 17.05 -6.92
CA GLY A 119 3.45 18.00 -6.93
C GLY A 119 2.10 17.31 -6.84
N GLY A 120 2.10 16.02 -6.45
CA GLY A 120 0.88 15.25 -6.31
C GLY A 120 0.37 14.74 -7.66
N GLY A 121 -0.81 14.13 -7.66
CA GLY A 121 -1.40 13.57 -8.87
C GLY A 121 -2.02 14.67 -9.73
N ASN A 122 -2.02 14.46 -11.05
CA ASN A 122 -2.55 15.41 -12.01
C ASN A 122 -3.05 14.68 -13.26
N GLY A 123 -3.80 15.37 -14.12
CA GLY A 123 -4.29 14.81 -15.36
C GLY A 123 -4.96 15.87 -16.22
N ARG A 124 -5.27 15.51 -17.47
CA ARG A 124 -5.92 16.41 -18.42
C ARG A 124 -7.40 16.56 -18.11
N GLY A 125 -8.06 17.54 -18.74
CA GLY A 125 -9.48 17.79 -18.55
C GLY A 125 -10.33 16.73 -19.23
N GLY A 126 -11.65 16.85 -19.09
CA GLY A 126 -12.57 15.89 -19.66
C GLY A 126 -12.69 16.05 -21.18
N ARG A 127 -13.28 15.05 -21.83
CA ARG A 127 -13.45 15.04 -23.28
C ARG A 127 -14.63 14.14 -23.65
N GLY A 128 -15.24 14.39 -24.81
CA GLY A 128 -16.44 13.69 -25.24
C GLY A 128 -16.17 12.21 -25.55
N ARG A 129 -17.22 11.40 -25.53
CA ARG A 129 -17.16 9.97 -25.83
C ARG A 129 -16.66 9.76 -27.25
N GLY A 130 -15.60 8.96 -27.40
CA GLY A 130 -15.03 8.64 -28.70
C GLY A 130 -14.44 9.86 -29.40
N GLY A 131 -14.31 10.98 -28.67
CA GLY A 131 -13.80 12.22 -29.23
C GLY A 131 -12.32 12.11 -29.53
N GLY A 1 16.29 8.61 12.27
CA GLY A 1 15.43 8.16 11.16
C GLY A 1 14.00 7.93 11.62
N GLY A 2 13.20 7.27 10.78
CA GLY A 2 11.80 6.99 11.09
C GLY A 2 11.15 6.22 9.95
N PHE A 3 9.85 5.93 10.10
CA PHE A 3 9.09 5.20 9.10
C PHE A 3 8.98 5.90 7.75
N ASN A 4 8.51 7.15 7.78
CA ASN A 4 8.21 7.95 6.60
C ASN A 4 8.25 9.42 6.98
N LYS A 5 7.98 10.31 6.02
CA LYS A 5 7.90 11.75 6.31
C LYS A 5 6.70 12.08 7.20
N PHE A 6 5.81 11.10 7.43
CA PHE A 6 4.71 11.29 8.38
C PHE A 6 4.97 10.49 9.67
N GLY A 7 6.06 9.72 9.71
CA GLY A 7 6.57 9.09 10.92
C GLY A 7 5.94 7.72 11.24
N GLY A 8 5.02 7.22 10.40
CA GLY A 8 4.38 5.93 10.69
C GLY A 8 3.52 6.04 11.95
N PRO A 9 3.12 4.90 12.53
CA PRO A 9 2.33 4.84 13.75
C PRO A 9 3.13 5.29 14.99
N ARG A 10 4.18 6.08 14.80
CA ARG A 10 5.08 6.46 15.90
C ARG A 10 4.43 7.49 16.81
N ASP A 11 3.50 8.28 16.26
CA ASP A 11 2.81 9.32 17.02
C ASP A 11 1.31 9.33 16.68
N GLN A 12 0.81 8.20 16.16
CA GLN A 12 -0.59 8.06 15.77
C GLN A 12 -1.56 8.21 16.94
N GLY A 13 -1.04 8.27 18.17
CA GLY A 13 -1.86 8.45 19.34
C GLY A 13 -2.24 7.11 19.98
N SER A 14 -3.52 6.75 19.92
CA SER A 14 -4.07 5.58 20.61
C SER A 14 -3.71 4.26 19.93
N ARG A 15 -2.70 4.25 19.04
CA ARG A 15 -2.35 3.05 18.29
C ARG A 15 -1.76 1.95 19.18
N HIS A 16 -1.55 2.24 20.46
CA HIS A 16 -1.02 1.28 21.40
C HIS A 16 -2.13 0.42 22.01
N ASP A 17 -3.39 0.76 21.73
CA ASP A 17 -4.53 0.06 22.33
C ASP A 17 -5.72 0.11 21.36
N SER A 18 -5.46 0.24 20.05
CA SER A 18 -6.51 0.25 19.05
C SER A 18 -5.99 -0.25 17.71
N GLU A 19 -6.86 -0.89 16.94
CA GLU A 19 -6.56 -1.34 15.59
C GLU A 19 -6.94 -0.25 14.58
N GLN A 20 -7.37 0.92 15.08
CA GLN A 20 -7.81 2.01 14.23
C GLN A 20 -6.73 3.09 14.15
N ASP A 21 -6.75 4.05 15.07
CA ASP A 21 -5.81 5.18 15.14
C ASP A 21 -5.61 5.94 13.83
N ASN A 22 -6.52 5.74 12.86
CA ASN A 22 -6.40 6.35 11.55
C ASN A 22 -7.80 6.52 10.95
N SER A 23 -7.94 7.40 9.96
CA SER A 23 -9.21 7.61 9.29
C SER A 23 -9.01 8.19 7.90
N ASP A 24 -8.00 9.04 7.72
CA ASP A 24 -7.67 9.62 6.43
C ASP A 24 -6.75 8.72 5.60
N ASN A 25 -6.47 7.52 6.12
CA ASN A 25 -5.64 6.54 5.46
C ASN A 25 -6.40 5.23 5.30
N ASN A 26 -6.02 4.42 4.31
CA ASN A 26 -6.62 3.12 4.09
C ASN A 26 -5.67 2.23 3.26
N THR A 27 -4.41 2.62 3.17
CA THR A 27 -3.44 1.93 2.31
C THR A 27 -2.15 1.63 3.06
N ILE A 28 -1.47 0.56 2.65
CA ILE A 28 -0.22 0.13 3.28
C ILE A 28 0.88 -0.03 2.22
N PHE A 29 2.12 0.23 2.63
CA PHE A 29 3.28 -0.01 1.78
C PHE A 29 3.87 -1.33 2.27
N VAL A 30 4.51 -2.08 1.36
CA VAL A 30 5.07 -3.39 1.66
C VAL A 30 6.47 -3.52 1.08
N GLN A 31 7.32 -4.32 1.75
CA GLN A 31 8.69 -4.55 1.31
C GLN A 31 9.06 -6.01 1.50
N GLY A 32 9.94 -6.53 0.66
CA GLY A 32 10.52 -7.86 0.84
C GLY A 32 9.80 -8.93 0.01
N LEU A 33 8.86 -8.52 -0.84
CA LEU A 33 8.07 -9.44 -1.67
C LEU A 33 8.96 -10.33 -2.52
N GLY A 34 9.84 -9.71 -3.29
CA GLY A 34 10.64 -10.39 -4.29
C GLY A 34 9.88 -10.42 -5.61
N GLU A 35 10.45 -11.09 -6.61
CA GLU A 35 9.91 -11.13 -7.97
C GLU A 35 8.85 -12.22 -8.15
N ASN A 36 8.68 -13.07 -7.13
CA ASN A 36 7.75 -14.19 -7.21
C ASN A 36 6.30 -13.71 -6.97
N VAL A 37 6.14 -12.41 -6.68
CA VAL A 37 4.85 -11.82 -6.33
C VAL A 37 4.17 -11.14 -7.52
N THR A 38 2.86 -10.97 -7.43
CA THR A 38 2.06 -10.37 -8.50
C THR A 38 0.77 -9.86 -7.84
N ILE A 39 0.00 -9.04 -8.57
CA ILE A 39 -1.21 -8.39 -8.06
C ILE A 39 -2.15 -9.38 -7.39
N GLU A 40 -2.29 -10.57 -7.95
CA GLU A 40 -3.18 -11.58 -7.40
C GLU A 40 -2.62 -12.17 -6.11
N SER A 41 -1.29 -12.19 -5.97
CA SER A 41 -0.63 -12.76 -4.80
C SER A 41 -0.77 -11.82 -3.61
N VAL A 42 -0.44 -10.54 -3.79
CA VAL A 42 -0.50 -9.55 -2.71
C VAL A 42 -1.94 -9.42 -2.22
N ALA A 43 -2.89 -9.17 -3.11
CA ALA A 43 -4.28 -9.01 -2.70
C ALA A 43 -4.80 -10.26 -1.99
N ASP A 44 -4.39 -11.45 -2.46
CA ASP A 44 -4.80 -12.70 -1.84
C ASP A 44 -4.05 -12.94 -0.52
N TYR A 45 -2.94 -12.23 -0.33
CA TYR A 45 -2.10 -12.38 0.85
C TYR A 45 -2.48 -11.39 1.96
N PHE A 46 -3.05 -10.25 1.55
CA PHE A 46 -3.45 -9.18 2.46
C PHE A 46 -4.93 -9.19 2.82
N LYS A 47 -5.76 -9.86 2.00
CA LYS A 47 -7.20 -9.84 2.17
C LYS A 47 -7.64 -10.51 3.45
N GLN A 48 -6.77 -11.34 4.04
CA GLN A 48 -7.08 -12.05 5.27
C GLN A 48 -7.29 -11.09 6.45
N ILE A 49 -6.77 -9.86 6.34
CA ILE A 49 -6.97 -8.85 7.38
C ILE A 49 -8.24 -8.05 7.11
N GLY A 50 -8.65 -7.99 5.85
CA GLY A 50 -9.82 -7.24 5.42
C GLY A 50 -9.80 -7.09 3.91
N ILE A 51 -10.90 -6.61 3.33
CA ILE A 51 -11.07 -6.57 1.90
C ILE A 51 -10.12 -5.55 1.25
N ILE A 52 -9.48 -5.97 0.16
CA ILE A 52 -8.60 -5.09 -0.61
C ILE A 52 -9.44 -4.11 -1.41
N LYS A 53 -9.02 -2.84 -1.47
CA LYS A 53 -9.72 -1.81 -2.20
C LYS A 53 -9.63 -2.09 -3.71
N THR A 54 -10.64 -1.65 -4.46
CA THR A 54 -10.71 -1.88 -5.90
C THR A 54 -11.07 -0.64 -6.71
N ASN A 55 -10.37 -0.40 -7.82
CA ASN A 55 -10.65 0.71 -8.70
C ASN A 55 -11.92 0.43 -9.49
N LYS A 56 -12.54 1.49 -10.03
CA LYS A 56 -13.83 1.39 -10.71
C LYS A 56 -13.69 1.16 -12.21
N LYS A 57 -12.46 1.10 -12.75
CA LYS A 57 -12.28 0.91 -14.19
C LYS A 57 -11.04 0.10 -14.56
N THR A 58 -10.20 -0.25 -13.58
CA THR A 58 -9.02 -1.08 -13.86
C THR A 58 -9.31 -2.58 -13.78
N GLY A 59 -10.37 -2.97 -13.08
CA GLY A 59 -10.81 -4.37 -13.04
C GLY A 59 -9.89 -5.21 -12.16
N GLN A 60 -9.09 -4.57 -11.31
CA GLN A 60 -8.13 -5.26 -10.45
C GLN A 60 -8.06 -4.53 -9.10
N PRO A 61 -7.56 -5.21 -8.05
CA PRO A 61 -7.34 -4.59 -6.77
C PRO A 61 -6.30 -3.48 -6.91
N MET A 62 -6.34 -2.51 -5.98
CA MET A 62 -5.48 -1.33 -6.04
C MET A 62 -4.08 -1.67 -5.57
N ILE A 63 -3.31 -2.35 -6.43
CA ILE A 63 -1.96 -2.77 -6.12
C ILE A 63 -1.01 -2.47 -7.28
N ASN A 64 0.27 -2.32 -6.96
CA ASN A 64 1.35 -2.20 -7.93
C ASN A 64 2.64 -2.72 -7.32
N LEU A 65 3.35 -3.58 -8.05
CA LEU A 65 4.63 -4.09 -7.59
C LEU A 65 5.74 -3.21 -8.17
N TYR A 66 6.51 -2.57 -7.29
CA TYR A 66 7.56 -1.64 -7.71
C TYR A 66 8.85 -2.34 -8.11
N THR A 67 9.67 -1.68 -8.92
CA THR A 67 10.84 -2.33 -9.52
C THR A 67 12.12 -1.55 -9.34
N ASP A 68 13.24 -2.27 -9.42
CA ASP A 68 14.56 -1.71 -9.43
C ASP A 68 14.89 -1.02 -10.75
N ARG A 69 15.34 0.23 -10.67
CA ARG A 69 15.73 1.02 -11.84
C ARG A 69 17.05 0.53 -12.43
N GLU A 70 17.70 -0.43 -11.75
CA GLU A 70 19.01 -0.93 -12.14
C GLU A 70 18.94 -2.29 -12.85
N THR A 71 17.76 -2.91 -12.92
CA THR A 71 17.64 -4.23 -13.50
C THR A 71 16.26 -4.45 -14.13
N GLY A 72 15.25 -3.71 -13.67
CA GLY A 72 13.93 -3.72 -14.30
C GLY A 72 13.04 -4.85 -13.79
N LYS A 73 13.31 -5.37 -12.59
CA LYS A 73 12.48 -6.40 -11.97
C LYS A 73 12.09 -5.98 -10.57
N LEU A 74 11.17 -6.73 -9.93
CA LEU A 74 10.61 -6.33 -8.64
C LEU A 74 11.71 -5.96 -7.65
N LYS A 75 11.59 -4.77 -7.08
CA LYS A 75 12.47 -4.27 -6.03
C LYS A 75 12.12 -4.93 -4.70
N GLY A 76 10.96 -5.58 -4.66
CA GLY A 76 10.42 -6.17 -3.45
C GLY A 76 9.43 -5.22 -2.78
N GLU A 77 9.31 -4.00 -3.32
CA GLU A 77 8.34 -3.04 -2.83
C GLU A 77 6.99 -3.22 -3.52
N ALA A 78 5.91 -2.93 -2.79
CA ALA A 78 4.56 -2.95 -3.32
C ALA A 78 3.66 -2.09 -2.44
N THR A 79 2.47 -1.75 -2.92
CA THR A 79 1.51 -0.98 -2.15
C THR A 79 0.10 -1.54 -2.31
N VAL A 80 -0.52 -1.91 -1.20
CA VAL A 80 -1.83 -2.56 -1.18
C VAL A 80 -2.82 -1.64 -0.50
N SER A 81 -3.89 -1.24 -1.19
CA SER A 81 -4.92 -0.42 -0.57
C SER A 81 -6.00 -1.33 0.00
N PHE A 82 -6.45 -1.02 1.22
CA PHE A 82 -7.59 -1.67 1.84
C PHE A 82 -8.90 -0.91 1.64
N ASP A 83 -10.00 -1.64 1.50
CA ASP A 83 -11.32 -1.02 1.32
C ASP A 83 -11.78 -0.41 2.65
N ASP A 84 -11.13 -0.79 3.76
CA ASP A 84 -11.47 -0.33 5.10
C ASP A 84 -10.23 0.21 5.83
N PRO A 85 -10.34 1.36 6.50
CA PRO A 85 -9.20 2.00 7.15
C PRO A 85 -8.61 1.22 8.34
N PRO A 86 -9.40 0.48 9.14
CA PRO A 86 -8.88 -0.22 10.30
C PRO A 86 -8.14 -1.49 9.88
N SER A 87 -8.40 -1.99 8.66
CA SER A 87 -7.74 -3.19 8.18
C SER A 87 -6.31 -2.88 7.76
N ALA A 88 -6.04 -1.65 7.31
CA ALA A 88 -4.70 -1.23 6.95
C ALA A 88 -3.79 -1.23 8.17
N LYS A 89 -4.26 -0.69 9.30
CA LYS A 89 -3.45 -0.61 10.51
C LYS A 89 -3.13 -1.99 11.04
N ALA A 90 -4.11 -2.90 10.99
CA ALA A 90 -3.93 -4.26 11.48
C ALA A 90 -2.96 -5.03 10.59
N ALA A 91 -3.02 -4.82 9.28
CA ALA A 91 -2.14 -5.51 8.35
C ALA A 91 -0.70 -5.02 8.52
N ILE A 92 -0.52 -3.80 9.02
CA ILE A 92 0.80 -3.29 9.31
C ILE A 92 1.37 -3.97 10.55
N ASP A 93 0.65 -3.88 11.67
CA ASP A 93 1.05 -4.48 12.92
C ASP A 93 1.22 -6.00 12.86
N TRP A 94 0.57 -6.61 11.87
CA TRP A 94 0.60 -8.05 11.70
C TRP A 94 1.68 -8.53 10.72
N PHE A 95 1.59 -8.08 9.46
CA PHE A 95 2.51 -8.56 8.43
C PHE A 95 3.95 -8.10 8.57
N ASP A 96 4.17 -6.90 9.12
CA ASP A 96 5.53 -6.42 9.33
C ASP A 96 6.34 -7.38 10.22
N GLY A 97 7.37 -8.01 9.64
CA GLY A 97 8.29 -8.86 10.39
C GLY A 97 8.12 -10.35 10.05
N LYS A 98 7.00 -10.74 9.43
CA LYS A 98 6.81 -12.14 9.03
C LYS A 98 7.24 -12.33 7.58
N GLU A 99 6.99 -13.51 7.02
CA GLU A 99 7.37 -13.82 5.65
C GLU A 99 6.16 -13.71 4.72
N PHE A 100 6.40 -13.84 3.41
CA PHE A 100 5.35 -13.73 2.40
C PHE A 100 5.38 -14.95 1.48
N SER A 101 6.59 -15.42 1.13
CA SER A 101 6.76 -16.57 0.25
C SER A 101 7.96 -17.41 0.70
N GLY A 102 8.51 -17.08 1.89
CA GLY A 102 9.69 -17.74 2.43
C GLY A 102 10.74 -16.73 2.86
N ASN A 103 10.67 -15.51 2.30
CA ASN A 103 11.54 -14.42 2.68
C ASN A 103 10.78 -13.45 3.59
N PRO A 104 11.49 -12.78 4.51
CA PRO A 104 10.89 -11.83 5.44
C PRO A 104 10.41 -10.58 4.68
N ILE A 105 9.37 -9.93 5.20
CA ILE A 105 8.79 -8.75 4.59
C ILE A 105 8.48 -7.68 5.64
N LYS A 106 8.19 -6.47 5.17
CA LYS A 106 7.81 -5.36 6.03
C LYS A 106 6.57 -4.67 5.53
N VAL A 107 5.86 -3.98 6.43
CA VAL A 107 4.64 -3.27 6.11
C VAL A 107 4.53 -2.00 6.96
N SER A 108 3.93 -0.96 6.38
CA SER A 108 3.73 0.33 7.05
C SER A 108 2.53 1.02 6.40
N PHE A 109 2.09 2.14 6.97
CA PHE A 109 1.09 2.97 6.31
C PHE A 109 1.59 3.50 4.97
N ALA A 110 0.68 3.97 4.12
CA ALA A 110 1.04 4.53 2.84
C ALA A 110 0.24 5.80 2.55
N THR A 111 0.89 6.75 1.89
CA THR A 111 0.27 7.99 1.44
C THR A 111 0.91 8.42 0.13
N ARG A 112 0.10 8.93 -0.81
CA ARG A 112 0.55 9.21 -2.17
C ARG A 112 1.88 9.95 -2.16
N ARG A 113 2.91 9.35 -2.77
CA ARG A 113 4.26 9.89 -2.76
C ARG A 113 4.31 11.17 -3.56
N ALA A 114 3.50 11.27 -4.61
CA ALA A 114 3.51 12.41 -5.49
C ALA A 114 3.10 13.68 -4.75
N ASP A 115 2.23 13.55 -3.75
CA ASP A 115 1.79 14.69 -2.96
C ASP A 115 2.91 15.32 -2.15
N PHE A 116 4.08 14.65 -2.12
CA PHE A 116 5.22 15.13 -1.34
C PHE A 116 6.34 15.73 -2.19
N ASN A 117 6.30 15.54 -3.52
CA ASN A 117 7.34 16.07 -4.37
C ASN A 117 6.89 16.31 -5.82
N ARG A 118 6.12 15.38 -6.39
CA ARG A 118 5.73 15.46 -7.80
C ARG A 118 4.57 16.44 -8.02
N GLY A 119 4.06 17.04 -6.94
CA GLY A 119 2.92 17.95 -7.03
C GLY A 119 1.60 17.18 -7.10
N GLY A 120 1.64 15.90 -6.74
CA GLY A 120 0.47 15.04 -6.77
C GLY A 120 0.20 14.52 -8.17
N GLY A 121 -0.90 13.79 -8.35
CA GLY A 121 -1.28 13.21 -9.63
C GLY A 121 -1.77 14.27 -10.61
N ASN A 122 -1.87 13.89 -11.89
CA ASN A 122 -2.33 14.78 -12.95
C ASN A 122 -2.86 13.96 -14.12
N GLY A 123 -3.46 14.65 -15.10
CA GLY A 123 -3.96 14.01 -16.30
C GLY A 123 -4.81 14.97 -17.11
N ARG A 124 -5.46 14.45 -18.15
CA ARG A 124 -6.39 15.19 -18.99
C ARG A 124 -7.49 14.28 -19.47
N GLY A 125 -8.60 14.87 -19.92
CA GLY A 125 -9.73 14.12 -20.45
C GLY A 125 -10.84 15.08 -20.82
N GLY A 126 -11.78 14.61 -21.63
CA GLY A 126 -12.89 15.44 -22.06
C GLY A 126 -13.89 14.65 -22.90
N ARG A 127 -15.11 15.17 -23.02
CA ARG A 127 -16.17 14.55 -23.79
C ARG A 127 -17.18 15.59 -24.26
N GLY A 128 -18.05 15.21 -25.18
CA GLY A 128 -19.12 16.08 -25.66
C GLY A 128 -20.26 16.13 -24.64
N ARG A 129 -21.05 17.21 -24.69
CA ARG A 129 -22.20 17.38 -23.82
C ARG A 129 -23.30 16.39 -24.19
N GLY A 130 -23.88 15.74 -23.18
CA GLY A 130 -24.94 14.77 -23.37
C GLY A 130 -26.31 15.33 -23.00
N GLY A 131 -26.33 16.51 -22.36
CA GLY A 131 -27.56 17.17 -21.95
C GLY A 131 -28.12 18.02 -23.09
N GLY A 1 12.11 1.57 14.99
CA GLY A 1 12.47 1.69 13.57
C GLY A 1 12.06 3.04 13.00
N GLY A 2 12.77 3.50 11.97
CA GLY A 2 12.48 4.77 11.33
C GLY A 2 11.23 4.67 10.46
N PHE A 3 10.75 5.82 9.98
CA PHE A 3 9.57 5.91 9.14
C PHE A 3 9.65 6.98 8.05
N ASN A 4 8.61 7.05 7.21
CA ASN A 4 8.52 8.00 6.11
C ASN A 4 8.36 9.43 6.65
N LYS A 5 8.14 10.39 5.75
CA LYS A 5 8.04 11.79 6.11
C LYS A 5 6.83 12.07 7.02
N PHE A 6 5.88 11.13 7.07
CA PHE A 6 4.71 11.29 7.93
C PHE A 6 4.93 10.57 9.27
N GLY A 7 6.06 9.87 9.40
CA GLY A 7 6.51 9.30 10.67
C GLY A 7 5.85 7.98 11.07
N GLY A 8 5.09 7.33 10.18
CA GLY A 8 4.45 6.07 10.53
C GLY A 8 3.38 6.28 11.60
N PRO A 9 2.97 5.21 12.30
CA PRO A 9 2.00 5.30 13.39
C PRO A 9 2.57 6.01 14.62
N ARG A 10 3.62 6.81 14.45
CA ARG A 10 4.24 7.52 15.57
C ARG A 10 3.38 8.70 16.00
N ASP A 11 2.83 9.42 15.01
CA ASP A 11 2.04 10.62 15.25
C ASP A 11 0.56 10.36 15.03
N GLN A 12 0.18 9.07 14.91
CA GLN A 12 -1.18 8.66 14.61
C GLN A 12 -2.14 8.96 15.76
N GLY A 13 -1.63 9.37 16.92
CA GLY A 13 -2.48 9.74 18.03
C GLY A 13 -2.90 8.53 18.84
N SER A 14 -4.19 8.19 18.81
CA SER A 14 -4.79 7.16 19.66
C SER A 14 -4.44 5.73 19.24
N ARG A 15 -3.37 5.53 18.45
CA ARG A 15 -3.03 4.19 17.97
C ARG A 15 -2.53 3.29 19.11
N HIS A 16 -2.41 3.82 20.32
CA HIS A 16 -2.00 3.05 21.49
C HIS A 16 -3.22 2.43 22.18
N ASP A 17 -4.42 2.92 21.85
CA ASP A 17 -5.67 2.44 22.43
C ASP A 17 -6.68 1.96 21.39
N SER A 18 -6.25 1.85 20.13
CA SER A 18 -7.10 1.42 19.04
C SER A 18 -6.27 0.87 17.91
N GLU A 19 -6.92 0.20 16.96
CA GLU A 19 -6.30 -0.28 15.75
C GLU A 19 -6.91 0.46 14.55
N GLN A 20 -7.60 1.56 14.84
CA GLN A 20 -8.14 2.45 13.82
C GLN A 20 -7.11 3.54 13.55
N ASP A 21 -7.12 4.59 14.38
CA ASP A 21 -6.18 5.71 14.35
C ASP A 21 -5.96 6.35 12.98
N ASN A 22 -6.85 6.08 12.01
CA ASN A 22 -6.72 6.60 10.67
C ASN A 22 -8.08 6.65 9.98
N SER A 23 -8.15 7.31 8.82
CA SER A 23 -9.35 7.34 8.01
C SER A 23 -9.00 7.62 6.55
N ASP A 24 -7.96 8.43 6.32
CA ASP A 24 -7.48 8.73 4.99
C ASP A 24 -6.28 7.87 4.58
N ASN A 25 -5.96 6.85 5.39
CA ASN A 25 -4.79 6.01 5.20
C ASN A 25 -5.15 4.54 5.16
N ASN A 26 -6.16 4.20 4.35
CA ASN A 26 -6.57 2.81 4.13
C ASN A 26 -5.53 2.05 3.31
N THR A 27 -4.45 2.73 2.90
CA THR A 27 -3.38 2.12 2.10
C THR A 27 -2.16 1.73 2.92
N ILE A 28 -1.46 0.66 2.50
CA ILE A 28 -0.24 0.21 3.15
C ILE A 28 0.85 0.00 2.12
N PHE A 29 2.10 0.19 2.53
CA PHE A 29 3.26 -0.06 1.67
C PHE A 29 3.88 -1.35 2.19
N VAL A 30 4.49 -2.12 1.29
CA VAL A 30 5.07 -3.42 1.61
C VAL A 30 6.46 -3.56 1.03
N GLN A 31 7.32 -4.32 1.70
CA GLN A 31 8.69 -4.54 1.25
C GLN A 31 9.07 -6.00 1.48
N GLY A 32 9.95 -6.53 0.64
CA GLY A 32 10.51 -7.86 0.85
C GLY A 32 9.79 -8.94 0.05
N LEU A 33 8.83 -8.54 -0.81
CA LEU A 33 8.03 -9.46 -1.60
C LEU A 33 8.92 -10.39 -2.43
N GLY A 34 9.76 -9.78 -3.26
CA GLY A 34 10.56 -10.52 -4.22
C GLY A 34 9.82 -10.66 -5.55
N GLU A 35 10.47 -11.32 -6.51
CA GLU A 35 10.00 -11.43 -7.88
C GLU A 35 8.87 -12.45 -8.02
N ASN A 36 8.63 -13.25 -6.98
CA ASN A 36 7.64 -14.32 -7.05
C ASN A 36 6.22 -13.79 -6.80
N VAL A 37 6.09 -12.49 -6.56
CA VAL A 37 4.83 -11.87 -6.20
C VAL A 37 4.16 -11.16 -7.38
N THR A 38 2.83 -11.00 -7.31
CA THR A 38 2.04 -10.39 -8.38
C THR A 38 0.73 -9.90 -7.74
N ILE A 39 -0.04 -9.09 -8.49
CA ILE A 39 -1.26 -8.45 -8.00
C ILE A 39 -2.19 -9.45 -7.32
N GLU A 40 -2.31 -10.66 -7.87
CA GLU A 40 -3.20 -11.65 -7.31
C GLU A 40 -2.64 -12.23 -6.02
N SER A 41 -1.31 -12.24 -5.87
CA SER A 41 -0.66 -12.81 -4.71
C SER A 41 -0.77 -11.87 -3.51
N VAL A 42 -0.45 -10.58 -3.70
CA VAL A 42 -0.53 -9.57 -2.65
C VAL A 42 -1.97 -9.45 -2.16
N ALA A 43 -2.92 -9.22 -3.05
CA ALA A 43 -4.31 -9.05 -2.66
C ALA A 43 -4.82 -10.30 -1.94
N ASP A 44 -4.40 -11.49 -2.38
CA ASP A 44 -4.80 -12.75 -1.75
C ASP A 44 -4.05 -12.96 -0.43
N TYR A 45 -2.96 -12.22 -0.23
CA TYR A 45 -2.14 -12.35 0.97
C TYR A 45 -2.53 -11.35 2.05
N PHE A 46 -3.09 -10.22 1.63
CA PHE A 46 -3.50 -9.14 2.52
C PHE A 46 -4.98 -9.18 2.89
N LYS A 47 -5.79 -9.86 2.07
CA LYS A 47 -7.25 -9.85 2.22
C LYS A 47 -7.68 -10.51 3.52
N GLN A 48 -6.80 -11.31 4.13
CA GLN A 48 -7.12 -12.01 5.38
C GLN A 48 -7.32 -11.03 6.54
N ILE A 49 -6.80 -9.81 6.42
CA ILE A 49 -7.00 -8.78 7.43
C ILE A 49 -8.29 -7.99 7.16
N GLY A 50 -8.69 -7.98 5.89
CA GLY A 50 -9.87 -7.26 5.44
C GLY A 50 -9.84 -7.12 3.92
N ILE A 51 -10.95 -6.69 3.34
CA ILE A 51 -11.10 -6.66 1.90
C ILE A 51 -10.15 -5.66 1.25
N ILE A 52 -9.52 -6.06 0.16
CA ILE A 52 -8.67 -5.18 -0.63
C ILE A 52 -9.56 -4.26 -1.47
N LYS A 53 -9.22 -2.97 -1.54
CA LYS A 53 -10.00 -2.02 -2.32
C LYS A 53 -9.82 -2.28 -3.81
N THR A 54 -10.93 -2.23 -4.56
CA THR A 54 -10.91 -2.45 -6.00
C THR A 54 -10.90 -1.15 -6.80
N ASN A 55 -10.10 -1.10 -7.87
CA ASN A 55 -10.02 0.05 -8.73
C ASN A 55 -11.33 0.20 -9.52
N LYS A 56 -11.79 1.44 -9.67
CA LYS A 56 -13.09 1.73 -10.28
C LYS A 56 -13.05 1.68 -11.81
N LYS A 57 -11.87 1.48 -12.40
CA LYS A 57 -11.71 1.52 -13.85
C LYS A 57 -10.91 0.34 -14.37
N THR A 58 -9.92 -0.11 -13.61
CA THR A 58 -9.07 -1.24 -14.02
C THR A 58 -9.60 -2.59 -13.55
N GLY A 59 -10.51 -2.60 -12.58
CA GLY A 59 -11.22 -3.80 -12.15
C GLY A 59 -10.37 -4.71 -11.25
N GLN A 60 -9.05 -4.55 -11.28
CA GLN A 60 -8.15 -5.29 -10.40
C GLN A 60 -8.11 -4.60 -9.03
N PRO A 61 -7.64 -5.30 -7.99
CA PRO A 61 -7.40 -4.68 -6.70
C PRO A 61 -6.34 -3.59 -6.87
N MET A 62 -6.39 -2.58 -6.01
CA MET A 62 -5.51 -1.41 -6.13
C MET A 62 -4.11 -1.74 -5.62
N ILE A 63 -3.33 -2.41 -6.46
CA ILE A 63 -1.97 -2.82 -6.13
C ILE A 63 -1.03 -2.52 -7.29
N ASN A 64 0.26 -2.35 -6.98
CA ASN A 64 1.32 -2.22 -7.96
C ASN A 64 2.62 -2.75 -7.37
N LEU A 65 3.29 -3.66 -8.09
CA LEU A 65 4.58 -4.18 -7.63
C LEU A 65 5.69 -3.32 -8.21
N TYR A 66 6.50 -2.71 -7.33
CA TYR A 66 7.54 -1.78 -7.75
C TYR A 66 8.84 -2.46 -8.15
N THR A 67 9.67 -1.76 -8.93
CA THR A 67 10.86 -2.36 -9.53
C THR A 67 12.10 -1.51 -9.35
N ASP A 68 13.25 -2.16 -9.43
CA ASP A 68 14.55 -1.52 -9.41
C ASP A 68 14.80 -0.70 -10.67
N ARG A 69 15.29 0.53 -10.50
CA ARG A 69 15.60 1.42 -11.60
C ARG A 69 16.92 1.04 -12.27
N GLU A 70 17.65 0.12 -11.64
CA GLU A 70 18.98 -0.30 -12.08
C GLU A 70 18.95 -1.59 -12.90
N THR A 71 17.79 -2.26 -13.00
CA THR A 71 17.72 -3.52 -13.70
C THR A 71 16.32 -3.73 -14.31
N GLY A 72 15.31 -3.05 -13.78
CA GLY A 72 13.98 -3.05 -14.38
C GLY A 72 13.14 -4.26 -13.94
N LYS A 73 13.45 -4.87 -12.80
CA LYS A 73 12.69 -5.99 -12.28
C LYS A 73 12.32 -5.76 -10.81
N LEU A 74 11.49 -6.64 -10.26
CA LEU A 74 10.93 -6.50 -8.91
C LEU A 74 11.99 -6.08 -7.90
N LYS A 75 11.73 -4.96 -7.23
CA LYS A 75 12.55 -4.45 -6.14
C LYS A 75 12.14 -5.14 -4.83
N GLY A 76 10.93 -5.71 -4.81
CA GLY A 76 10.35 -6.32 -3.63
C GLY A 76 9.41 -5.35 -2.92
N GLU A 77 9.25 -4.14 -3.46
CA GLU A 77 8.30 -3.18 -2.93
C GLU A 77 6.93 -3.33 -3.60
N ALA A 78 5.88 -3.00 -2.86
CA ALA A 78 4.52 -3.00 -3.39
C ALA A 78 3.63 -2.12 -2.50
N THR A 79 2.44 -1.77 -3.00
CA THR A 79 1.47 -0.99 -2.24
C THR A 79 0.06 -1.53 -2.38
N VAL A 80 -0.58 -1.87 -1.26
CA VAL A 80 -1.89 -2.50 -1.24
C VAL A 80 -2.89 -1.57 -0.59
N SER A 81 -4.00 -1.25 -1.28
CA SER A 81 -5.04 -0.42 -0.69
C SER A 81 -6.14 -1.30 -0.12
N PHE A 82 -6.50 -1.07 1.15
CA PHE A 82 -7.63 -1.75 1.77
C PHE A 82 -8.96 -1.04 1.54
N ASP A 83 -10.04 -1.80 1.47
CA ASP A 83 -11.38 -1.23 1.29
C ASP A 83 -11.83 -0.59 2.61
N ASP A 84 -11.21 -1.03 3.72
CA ASP A 84 -11.55 -0.56 5.05
C ASP A 84 -10.31 0.01 5.76
N PRO A 85 -10.41 1.20 6.35
CA PRO A 85 -9.29 1.88 6.96
C PRO A 85 -8.71 1.15 8.19
N PRO A 86 -9.51 0.45 9.03
CA PRO A 86 -8.96 -0.19 10.21
C PRO A 86 -8.21 -1.47 9.85
N SER A 87 -8.45 -2.02 8.66
CA SER A 87 -7.77 -3.23 8.21
C SER A 87 -6.34 -2.90 7.78
N ALA A 88 -6.12 -1.68 7.29
CA ALA A 88 -4.79 -1.24 6.88
C ALA A 88 -3.85 -1.20 8.08
N LYS A 89 -4.31 -0.58 9.18
CA LYS A 89 -3.49 -0.43 10.38
C LYS A 89 -3.16 -1.80 10.98
N ALA A 90 -4.13 -2.71 10.97
CA ALA A 90 -3.93 -4.05 11.49
C ALA A 90 -2.97 -4.84 10.62
N ALA A 91 -3.07 -4.68 9.30
CA ALA A 91 -2.21 -5.40 8.37
C ALA A 91 -0.77 -4.91 8.51
N ILE A 92 -0.58 -3.67 8.95
CA ILE A 92 0.76 -3.15 9.19
C ILE A 92 1.35 -3.80 10.43
N ASP A 93 0.65 -3.65 11.57
CA ASP A 93 1.10 -4.20 12.82
C ASP A 93 1.24 -5.72 12.82
N TRP A 94 0.54 -6.37 11.88
CA TRP A 94 0.57 -7.81 11.76
C TRP A 94 1.63 -8.33 10.80
N PHE A 95 1.55 -7.92 9.52
CA PHE A 95 2.45 -8.44 8.50
C PHE A 95 3.90 -7.99 8.63
N ASP A 96 4.13 -6.78 9.13
CA ASP A 96 5.50 -6.31 9.33
C ASP A 96 6.32 -7.24 10.22
N GLY A 97 7.32 -7.91 9.64
CA GLY A 97 8.25 -8.76 10.38
C GLY A 97 8.07 -10.24 10.07
N LYS A 98 6.95 -10.65 9.46
CA LYS A 98 6.73 -12.04 9.10
C LYS A 98 7.15 -12.29 7.64
N GLU A 99 6.87 -13.47 7.12
CA GLU A 99 7.25 -13.83 5.75
C GLU A 99 6.05 -13.72 4.82
N PHE A 100 6.29 -13.93 3.52
CA PHE A 100 5.24 -13.82 2.51
C PHE A 100 5.25 -15.04 1.61
N SER A 101 6.44 -15.55 1.26
CA SER A 101 6.58 -16.71 0.39
C SER A 101 7.76 -17.57 0.85
N GLY A 102 8.17 -17.40 2.11
CA GLY A 102 9.34 -18.08 2.64
C GLY A 102 10.48 -17.07 2.88
N ASN A 103 10.24 -15.80 2.53
CA ASN A 103 11.17 -14.71 2.73
C ASN A 103 10.52 -13.62 3.60
N PRO A 104 11.31 -12.94 4.43
CA PRO A 104 10.81 -11.93 5.35
C PRO A 104 10.32 -10.70 4.58
N ILE A 105 9.32 -10.00 5.14
CA ILE A 105 8.75 -8.80 4.54
C ILE A 105 8.49 -7.73 5.60
N LYS A 106 8.18 -6.52 5.14
CA LYS A 106 7.83 -5.41 6.01
C LYS A 106 6.61 -4.68 5.49
N VAL A 107 5.90 -3.99 6.39
CA VAL A 107 4.71 -3.24 6.06
C VAL A 107 4.62 -1.97 6.89
N SER A 108 4.07 -0.92 6.31
CA SER A 108 3.83 0.35 6.97
C SER A 108 2.66 1.05 6.31
N PHE A 109 2.23 2.20 6.85
CA PHE A 109 1.27 3.03 6.17
C PHE A 109 1.77 3.48 4.80
N ALA A 110 0.86 3.91 3.94
CA ALA A 110 1.22 4.42 2.63
C ALA A 110 0.51 5.74 2.40
N THR A 111 1.23 6.70 1.82
CA THR A 111 0.69 8.02 1.51
C THR A 111 1.23 8.52 0.18
N ARG A 112 0.36 9.10 -0.65
CA ARG A 112 0.70 9.51 -2.01
C ARG A 112 2.08 10.17 -2.05
N ARG A 113 3.03 9.52 -2.71
CA ARG A 113 4.40 10.02 -2.75
C ARG A 113 4.46 11.27 -3.60
N ALA A 114 3.63 11.34 -4.64
CA ALA A 114 3.60 12.47 -5.54
C ALA A 114 3.19 13.74 -4.81
N ASP A 115 2.37 13.61 -3.78
CA ASP A 115 1.91 14.76 -3.01
C ASP A 115 3.05 15.45 -2.27
N PHE A 116 4.22 14.79 -2.22
CA PHE A 116 5.37 15.32 -1.48
C PHE A 116 6.45 15.92 -2.39
N ASN A 117 6.32 15.76 -3.72
CA ASN A 117 7.31 16.33 -4.63
C ASN A 117 6.77 16.55 -6.05
N ARG A 118 5.98 15.61 -6.57
CA ARG A 118 5.50 15.66 -7.95
C ARG A 118 4.25 16.54 -8.09
N GLY A 119 3.81 17.16 -6.99
CA GLY A 119 2.62 18.01 -7.02
C GLY A 119 1.34 17.17 -6.94
N GLY A 120 1.48 15.87 -6.67
CA GLY A 120 0.35 14.95 -6.54
C GLY A 120 -0.13 14.44 -7.89
N GLY A 121 0.52 14.85 -8.98
CA GLY A 121 0.17 14.41 -10.32
C GLY A 121 -1.07 15.14 -10.85
N ASN A 122 -1.27 15.07 -12.17
CA ASN A 122 -2.37 15.72 -12.86
C ASN A 122 -2.76 14.92 -14.10
N GLY A 123 -3.86 15.33 -14.75
CA GLY A 123 -4.34 14.69 -15.96
C GLY A 123 -5.48 15.50 -16.58
N ARG A 124 -5.82 15.19 -17.84
CA ARG A 124 -6.87 15.89 -18.57
C ARG A 124 -7.42 15.02 -19.68
N GLY A 125 -8.58 15.38 -20.23
CA GLY A 125 -9.22 14.62 -21.28
C GLY A 125 -10.73 14.87 -21.34
N GLY A 126 -11.27 15.56 -20.33
CA GLY A 126 -12.68 15.91 -20.29
C GLY A 126 -13.04 16.88 -21.41
N ARG A 127 -14.33 16.95 -21.75
CA ARG A 127 -14.83 17.79 -22.83
C ARG A 127 -16.31 18.10 -22.62
N GLY A 128 -16.83 19.03 -23.42
CA GLY A 128 -18.25 19.36 -23.39
C GLY A 128 -19.06 18.20 -24.00
N ARG A 129 -20.32 18.08 -23.57
CA ARG A 129 -21.21 17.01 -24.04
C ARG A 129 -22.64 17.53 -24.15
N GLY A 130 -23.49 16.79 -24.87
CA GLY A 130 -24.89 17.15 -25.05
C GLY A 130 -25.60 16.14 -25.94
N GLY A 131 -26.90 16.36 -26.18
CA GLY A 131 -27.71 15.47 -27.00
C GLY A 131 -27.97 14.15 -26.28
N GLY A 1 15.77 6.56 9.17
CA GLY A 1 14.47 6.60 9.86
C GLY A 1 13.76 5.26 9.79
N GLY A 2 13.09 4.86 10.88
CA GLY A 2 12.38 3.59 10.94
C GLY A 2 11.04 3.66 10.20
N PHE A 3 10.64 4.86 9.75
CA PHE A 3 9.38 5.06 9.05
C PHE A 3 9.47 6.12 7.95
N ASN A 4 8.35 6.36 7.27
CA ASN A 4 8.26 7.35 6.20
C ASN A 4 8.43 8.77 6.75
N LYS A 5 8.33 9.76 5.85
CA LYS A 5 8.47 11.16 6.21
C LYS A 5 7.36 11.62 7.15
N PHE A 6 6.28 10.84 7.27
CA PHE A 6 5.22 11.14 8.22
C PHE A 6 5.40 10.39 9.55
N GLY A 7 6.43 9.53 9.61
CA GLY A 7 6.86 8.88 10.84
C GLY A 7 6.07 7.62 11.20
N GLY A 8 5.26 7.09 10.28
CA GLY A 8 4.49 5.89 10.56
C GLY A 8 3.42 6.17 11.62
N PRO A 9 2.97 5.12 12.33
CA PRO A 9 1.99 5.24 13.41
C PRO A 9 2.54 5.96 14.64
N ARG A 10 3.64 6.71 14.49
CA ARG A 10 4.27 7.40 15.60
C ARG A 10 3.46 8.62 16.01
N ASP A 11 2.91 9.33 15.02
CA ASP A 11 2.15 10.55 15.24
C ASP A 11 0.65 10.31 15.04
N GLN A 12 0.25 9.04 14.92
CA GLN A 12 -1.11 8.66 14.61
C GLN A 12 -2.08 8.97 15.75
N GLY A 13 -1.57 9.32 16.93
CA GLY A 13 -2.42 9.72 18.04
C GLY A 13 -2.93 8.50 18.81
N SER A 14 -4.21 8.18 18.63
CA SER A 14 -4.92 7.18 19.44
C SER A 14 -4.52 5.74 19.12
N ARG A 15 -3.43 5.52 18.38
CA ARG A 15 -3.05 4.18 17.93
C ARG A 15 -2.59 3.28 19.08
N HIS A 16 -2.56 3.80 20.30
CA HIS A 16 -2.18 3.00 21.47
C HIS A 16 -3.41 2.40 22.16
N ASP A 17 -4.60 2.91 21.84
CA ASP A 17 -5.87 2.46 22.43
C ASP A 17 -6.92 2.06 21.39
N SER A 18 -6.53 2.03 20.11
CA SER A 18 -7.44 1.70 19.03
C SER A 18 -6.68 1.08 17.86
N GLU A 19 -7.38 0.27 17.07
CA GLU A 19 -6.83 -0.32 15.86
C GLU A 19 -7.16 0.53 14.64
N GLN A 20 -7.88 1.64 14.85
CA GLN A 20 -8.27 2.56 13.78
C GLN A 20 -7.18 3.60 13.57
N ASP A 21 -7.17 4.66 14.40
CA ASP A 21 -6.20 5.76 14.37
C ASP A 21 -5.97 6.38 12.99
N ASN A 22 -6.86 6.13 12.02
CA ASN A 22 -6.71 6.66 10.67
C ASN A 22 -8.07 6.76 9.99
N SER A 23 -8.13 7.46 8.85
CA SER A 23 -9.35 7.59 8.08
C SER A 23 -9.03 7.82 6.61
N ASP A 24 -7.92 8.50 6.33
CA ASP A 24 -7.46 8.78 4.97
C ASP A 24 -6.24 7.95 4.59
N ASN A 25 -5.97 6.89 5.36
CA ASN A 25 -4.79 6.06 5.18
C ASN A 25 -5.14 4.57 5.14
N ASN A 26 -6.15 4.23 4.33
CA ASN A 26 -6.55 2.85 4.11
C ASN A 26 -5.52 2.08 3.28
N THR A 27 -4.40 2.72 2.94
CA THR A 27 -3.35 2.11 2.13
C THR A 27 -2.12 1.72 2.93
N ILE A 28 -1.43 0.65 2.51
CA ILE A 28 -0.22 0.18 3.18
C ILE A 28 0.89 -0.05 2.16
N PHE A 29 2.14 0.17 2.59
CA PHE A 29 3.31 -0.08 1.77
C PHE A 29 3.91 -1.39 2.27
N VAL A 30 4.55 -2.15 1.38
CA VAL A 30 5.11 -3.45 1.69
C VAL A 30 6.51 -3.61 1.13
N GLN A 31 7.35 -4.38 1.83
CA GLN A 31 8.72 -4.64 1.41
C GLN A 31 9.06 -6.11 1.64
N GLY A 32 9.95 -6.67 0.83
CA GLY A 32 10.46 -8.01 1.02
C GLY A 32 9.72 -9.05 0.16
N LEU A 33 8.81 -8.59 -0.71
CA LEU A 33 8.00 -9.47 -1.55
C LEU A 33 8.88 -10.38 -2.38
N GLY A 34 9.80 -9.78 -3.14
CA GLY A 34 10.61 -10.48 -4.11
C GLY A 34 9.90 -10.54 -5.46
N GLU A 35 10.55 -11.16 -6.45
CA GLU A 35 10.08 -11.22 -7.82
C GLU A 35 9.00 -12.29 -8.01
N ASN A 36 8.75 -13.11 -6.99
CA ASN A 36 7.78 -14.20 -7.08
C ASN A 36 6.35 -13.69 -6.86
N VAL A 37 6.20 -12.38 -6.59
CA VAL A 37 4.93 -11.78 -6.24
C VAL A 37 4.27 -11.06 -7.42
N THR A 38 2.95 -10.91 -7.37
CA THR A 38 2.16 -10.28 -8.42
C THR A 38 0.85 -9.81 -7.80
N ILE A 39 0.08 -8.98 -8.54
CA ILE A 39 -1.14 -8.35 -8.05
C ILE A 39 -2.07 -9.36 -7.37
N GLU A 40 -2.18 -10.56 -7.93
CA GLU A 40 -3.07 -11.58 -7.40
C GLU A 40 -2.52 -12.16 -6.10
N SER A 41 -1.19 -12.17 -5.95
CA SER A 41 -0.55 -12.74 -4.78
C SER A 41 -0.68 -11.82 -3.58
N VAL A 42 -0.37 -10.53 -3.77
CA VAL A 42 -0.44 -9.53 -2.70
C VAL A 42 -1.89 -9.42 -2.21
N ALA A 43 -2.84 -9.18 -3.12
CA ALA A 43 -4.23 -9.03 -2.72
C ALA A 43 -4.75 -10.28 -2.02
N ASP A 44 -4.32 -11.47 -2.47
CA ASP A 44 -4.72 -12.72 -1.87
C ASP A 44 -3.98 -12.97 -0.55
N TYR A 45 -2.89 -12.22 -0.32
CA TYR A 45 -2.08 -12.35 0.88
C TYR A 45 -2.48 -11.36 1.97
N PHE A 46 -3.04 -10.23 1.55
CA PHE A 46 -3.46 -9.17 2.45
C PHE A 46 -4.95 -9.20 2.81
N LYS A 47 -5.75 -9.87 1.97
CA LYS A 47 -7.20 -9.85 2.11
C LYS A 47 -7.65 -10.53 3.41
N GLN A 48 -6.79 -11.35 4.01
CA GLN A 48 -7.12 -12.05 5.23
C GLN A 48 -7.35 -11.09 6.40
N ILE A 49 -6.82 -9.86 6.31
CA ILE A 49 -7.05 -8.86 7.34
C ILE A 49 -8.33 -8.09 7.07
N GLY A 50 -8.71 -8.02 5.79
CA GLY A 50 -9.88 -7.31 5.33
C GLY A 50 -9.84 -7.15 3.82
N ILE A 51 -10.94 -6.70 3.23
CA ILE A 51 -11.09 -6.66 1.79
C ILE A 51 -10.14 -5.64 1.17
N ILE A 52 -9.48 -6.05 0.07
CA ILE A 52 -8.61 -5.16 -0.69
C ILE A 52 -9.49 -4.22 -1.54
N LYS A 53 -9.15 -2.94 -1.59
CA LYS A 53 -9.93 -1.96 -2.34
C LYS A 53 -9.82 -2.23 -3.83
N THR A 54 -10.95 -2.16 -4.53
CA THR A 54 -11.00 -2.32 -5.98
C THR A 54 -10.95 -0.98 -6.72
N ASN A 55 -10.21 -0.94 -7.82
CA ASN A 55 -10.15 0.25 -8.66
C ASN A 55 -11.51 0.49 -9.31
N LYS A 56 -11.83 1.76 -9.58
CA LYS A 56 -13.15 2.17 -10.02
C LYS A 56 -13.45 1.73 -11.47
N LYS A 57 -12.43 1.42 -12.27
CA LYS A 57 -12.67 1.09 -13.67
C LYS A 57 -11.75 -0.02 -14.20
N THR A 58 -10.63 -0.31 -13.53
CA THR A 58 -9.73 -1.37 -13.98
C THR A 58 -10.12 -2.74 -13.42
N GLY A 59 -10.97 -2.75 -12.38
CA GLY A 59 -11.56 -3.99 -11.86
C GLY A 59 -10.59 -4.82 -11.02
N GLN A 60 -9.28 -4.57 -11.14
CA GLN A 60 -8.28 -5.25 -10.33
C GLN A 60 -8.17 -4.57 -8.97
N PRO A 61 -7.62 -5.25 -7.96
CA PRO A 61 -7.34 -4.65 -6.68
C PRO A 61 -6.30 -3.54 -6.86
N MET A 62 -6.32 -2.54 -5.99
CA MET A 62 -5.46 -1.37 -6.12
C MET A 62 -4.06 -1.67 -5.59
N ILE A 63 -3.26 -2.34 -6.42
CA ILE A 63 -1.90 -2.73 -6.08
C ILE A 63 -0.93 -2.36 -7.20
N ASN A 64 0.34 -2.17 -6.85
CA ASN A 64 1.41 -1.91 -7.82
C ASN A 64 2.72 -2.46 -7.27
N LEU A 65 3.34 -3.40 -8.00
CA LEU A 65 4.63 -3.94 -7.62
C LEU A 65 5.74 -3.07 -8.21
N TYR A 66 6.60 -2.54 -7.34
CA TYR A 66 7.68 -1.67 -7.78
C TYR A 66 8.88 -2.45 -8.31
N THR A 67 9.77 -1.75 -9.02
CA THR A 67 10.91 -2.39 -9.65
C THR A 67 12.18 -1.57 -9.46
N ASP A 68 13.32 -2.26 -9.52
CA ASP A 68 14.64 -1.65 -9.50
C ASP A 68 14.93 -0.85 -10.77
N ARG A 69 15.38 0.39 -10.60
CA ARG A 69 15.72 1.26 -11.72
C ARG A 69 17.04 0.85 -12.37
N GLU A 70 17.75 -0.10 -11.75
CA GLU A 70 19.06 -0.54 -12.21
C GLU A 70 19.00 -1.83 -13.03
N THR A 71 17.83 -2.47 -13.12
CA THR A 71 17.72 -3.74 -13.83
C THR A 71 16.32 -3.93 -14.42
N GLY A 72 15.32 -3.22 -13.90
CA GLY A 72 14.00 -3.18 -14.49
C GLY A 72 13.11 -4.34 -14.02
N LYS A 73 13.49 -5.00 -12.91
CA LYS A 73 12.69 -6.10 -12.37
C LYS A 73 12.29 -5.79 -10.93
N LEU A 74 11.44 -6.64 -10.36
CA LEU A 74 10.88 -6.46 -9.02
C LEU A 74 11.96 -6.07 -8.02
N LYS A 75 11.73 -4.92 -7.36
CA LYS A 75 12.57 -4.43 -6.27
C LYS A 75 12.23 -5.18 -4.98
N GLY A 76 11.05 -5.81 -4.95
CA GLY A 76 10.56 -6.51 -3.78
C GLY A 76 9.68 -5.62 -2.92
N GLU A 77 9.22 -4.48 -3.48
CA GLU A 77 8.36 -3.57 -2.77
C GLU A 77 7.02 -3.43 -3.49
N ALA A 78 5.97 -3.08 -2.76
CA ALA A 78 4.63 -2.93 -3.33
C ALA A 78 3.76 -2.05 -2.42
N THR A 79 2.58 -1.67 -2.91
CA THR A 79 1.59 -0.94 -2.12
C THR A 79 0.21 -1.54 -2.32
N VAL A 80 -0.48 -1.86 -1.22
CA VAL A 80 -1.78 -2.51 -1.23
C VAL A 80 -2.80 -1.57 -0.58
N SER A 81 -3.92 -1.29 -1.27
CA SER A 81 -4.96 -0.46 -0.68
C SER A 81 -6.07 -1.33 -0.12
N PHE A 82 -6.44 -1.11 1.15
CA PHE A 82 -7.59 -1.76 1.74
C PHE A 82 -8.90 -1.03 1.50
N ASP A 83 -10.00 -1.77 1.39
CA ASP A 83 -11.31 -1.16 1.16
C ASP A 83 -11.81 -0.56 2.47
N ASP A 84 -11.20 -0.96 3.58
CA ASP A 84 -11.56 -0.50 4.91
C ASP A 84 -10.34 0.06 5.64
N PRO A 85 -10.45 1.25 6.24
CA PRO A 85 -9.33 1.93 6.86
C PRO A 85 -8.76 1.22 8.11
N PRO A 86 -9.56 0.52 8.93
CA PRO A 86 -9.03 -0.12 10.13
C PRO A 86 -8.27 -1.40 9.76
N SER A 87 -8.52 -1.96 8.58
CA SER A 87 -7.86 -3.19 8.15
C SER A 87 -6.42 -2.89 7.73
N ALA A 88 -6.18 -1.67 7.23
CA ALA A 88 -4.84 -1.25 6.84
C ALA A 88 -3.92 -1.20 8.06
N LYS A 89 -4.37 -0.59 9.16
CA LYS A 89 -3.56 -0.46 10.35
C LYS A 89 -3.25 -1.82 10.95
N ALA A 90 -4.22 -2.72 10.92
CA ALA A 90 -4.05 -4.07 11.43
C ALA A 90 -3.06 -4.86 10.57
N ALA A 91 -3.14 -4.70 9.25
CA ALA A 91 -2.27 -5.42 8.34
C ALA A 91 -0.83 -4.93 8.49
N ILE A 92 -0.64 -3.69 8.95
CA ILE A 92 0.69 -3.18 9.22
C ILE A 92 1.26 -3.83 10.48
N ASP A 93 0.53 -3.70 11.59
CA ASP A 93 0.94 -4.26 12.86
C ASP A 93 1.09 -5.79 12.85
N TRP A 94 0.45 -6.44 11.88
CA TRP A 94 0.46 -7.88 11.76
C TRP A 94 1.54 -8.38 10.79
N PHE A 95 1.47 -7.97 9.53
CA PHE A 95 2.39 -8.47 8.52
C PHE A 95 3.84 -8.04 8.67
N ASP A 96 4.07 -6.82 9.19
CA ASP A 96 5.43 -6.35 9.43
C ASP A 96 6.21 -7.30 10.35
N GLY A 97 7.21 -7.99 9.79
CA GLY A 97 8.10 -8.85 10.55
C GLY A 97 7.93 -10.33 10.23
N LYS A 98 6.83 -10.72 9.55
CA LYS A 98 6.65 -12.12 9.17
C LYS A 98 7.10 -12.33 7.73
N GLU A 99 6.82 -13.50 7.16
CA GLU A 99 7.23 -13.84 5.80
C GLU A 99 6.05 -13.73 4.84
N PHE A 100 6.31 -13.90 3.54
CA PHE A 100 5.29 -13.79 2.51
C PHE A 100 5.34 -14.99 1.57
N SER A 101 6.55 -15.45 1.25
CA SER A 101 6.75 -16.58 0.35
C SER A 101 7.94 -17.43 0.82
N GLY A 102 8.38 -17.20 2.07
CA GLY A 102 9.53 -17.86 2.65
C GLY A 102 10.61 -16.85 3.02
N ASN A 103 10.53 -15.64 2.46
CA ASN A 103 11.40 -14.54 2.81
C ASN A 103 10.66 -13.57 3.73
N PRO A 104 11.37 -12.90 4.64
CA PRO A 104 10.78 -11.94 5.57
C PRO A 104 10.32 -10.69 4.82
N ILE A 105 9.30 -10.03 5.35
CA ILE A 105 8.72 -8.84 4.73
C ILE A 105 8.43 -7.77 5.78
N LYS A 106 8.13 -6.55 5.30
CA LYS A 106 7.78 -5.43 6.16
C LYS A 106 6.57 -4.70 5.62
N VAL A 107 5.85 -4.01 6.51
CA VAL A 107 4.65 -3.27 6.15
C VAL A 107 4.56 -1.99 6.96
N SER A 108 4.01 -0.94 6.35
CA SER A 108 3.82 0.36 7.00
C SER A 108 2.65 1.06 6.32
N PHE A 109 2.25 2.23 6.84
CA PHE A 109 1.28 3.06 6.14
C PHE A 109 1.77 3.50 4.77
N ALA A 110 0.84 3.83 3.87
CA ALA A 110 1.17 4.33 2.55
C ALA A 110 0.49 5.66 2.34
N THR A 111 1.22 6.61 1.75
CA THR A 111 0.73 7.95 1.47
C THR A 111 1.29 8.45 0.15
N ARG A 112 0.42 9.08 -0.65
CA ARG A 112 0.74 9.44 -2.03
C ARG A 112 2.13 10.07 -2.11
N ARG A 113 3.07 9.35 -2.75
CA ARG A 113 4.46 9.74 -2.78
C ARG A 113 4.64 10.98 -3.66
N ALA A 114 3.77 11.14 -4.66
CA ALA A 114 3.86 12.27 -5.58
C ALA A 114 3.69 13.59 -4.84
N ASP A 115 2.85 13.60 -3.80
CA ASP A 115 2.57 14.82 -3.04
C ASP A 115 3.82 15.27 -2.28
N PHE A 116 4.89 14.46 -2.28
CA PHE A 116 6.11 14.79 -1.57
C PHE A 116 7.27 15.18 -2.48
N ASN A 117 7.12 15.00 -3.80
CA ASN A 117 8.18 15.39 -4.73
C ASN A 117 7.65 15.76 -6.11
N ARG A 118 6.69 15.00 -6.63
CA ARG A 118 6.15 15.25 -7.97
C ARG A 118 5.10 16.36 -7.95
N GLY A 119 4.80 16.90 -6.77
CA GLY A 119 3.81 17.95 -6.61
C GLY A 119 2.40 17.40 -6.50
N GLY A 120 2.26 16.07 -6.51
CA GLY A 120 0.96 15.42 -6.38
C GLY A 120 0.10 15.62 -7.64
N GLY A 121 0.75 15.97 -8.77
CA GLY A 121 0.05 16.25 -10.02
C GLY A 121 -0.64 15.01 -10.58
N ASN A 122 -1.41 15.19 -11.66
CA ASN A 122 -2.20 14.13 -12.25
C ASN A 122 -2.19 14.24 -13.78
N GLY A 123 -2.38 13.11 -14.46
CA GLY A 123 -2.45 13.07 -15.92
C GLY A 123 -3.90 12.97 -16.39
N ARG A 124 -4.16 13.36 -17.64
CA ARG A 124 -5.50 13.32 -18.22
C ARG A 124 -5.43 13.42 -19.73
N GLY A 125 -6.56 13.12 -20.40
CA GLY A 125 -6.64 13.26 -21.86
C GLY A 125 -8.03 12.91 -22.39
N GLY A 126 -9.06 12.95 -21.54
CA GLY A 126 -10.41 12.61 -21.93
C GLY A 126 -11.03 13.67 -22.84
N ARG A 127 -12.26 13.43 -23.27
CA ARG A 127 -13.00 14.35 -24.14
C ARG A 127 -13.19 15.71 -23.46
N GLY A 128 -13.39 16.75 -24.27
CA GLY A 128 -13.64 18.10 -23.78
C GLY A 128 -15.15 18.36 -23.70
N ARG A 129 -15.52 19.59 -23.29
CA ARG A 129 -16.91 19.98 -23.18
C ARG A 129 -17.60 19.91 -24.54
N GLY A 130 -18.86 19.49 -24.54
CA GLY A 130 -19.65 19.37 -25.77
C GLY A 130 -20.91 18.55 -25.52
N GLY A 131 -21.78 18.47 -26.53
CA GLY A 131 -23.02 17.72 -26.43
C GLY A 131 -23.80 17.81 -27.74
N GLY A 1 17.33 4.94 8.60
CA GLY A 1 16.29 3.92 8.81
C GLY A 1 15.04 4.54 9.43
N GLY A 2 14.29 3.74 10.20
CA GLY A 2 13.08 4.20 10.85
C GLY A 2 11.93 4.30 9.86
N PHE A 3 10.80 4.88 10.31
CA PHE A 3 9.63 5.07 9.46
C PHE A 3 9.80 6.12 8.37
N ASN A 4 8.76 6.31 7.56
CA ASN A 4 8.74 7.27 6.48
C ASN A 4 8.80 8.70 7.01
N LYS A 5 8.75 9.68 6.11
CA LYS A 5 8.86 11.10 6.48
C LYS A 5 7.65 11.56 7.29
N PHE A 6 6.57 10.79 7.32
CA PHE A 6 5.42 11.11 8.16
C PHE A 6 5.51 10.39 9.51
N GLY A 7 6.54 9.56 9.69
CA GLY A 7 6.89 8.97 10.98
C GLY A 7 6.16 7.65 11.27
N GLY A 8 5.41 7.09 10.31
CA GLY A 8 4.72 5.84 10.55
C GLY A 8 3.60 6.00 11.58
N PRO A 9 3.15 4.91 12.20
CA PRO A 9 2.16 4.92 13.25
C PRO A 9 2.73 5.48 14.57
N ARG A 10 3.61 6.47 14.48
CA ARG A 10 4.22 7.09 15.66
C ARG A 10 3.35 8.24 16.17
N ASP A 11 2.84 9.06 15.23
CA ASP A 11 2.05 10.23 15.53
C ASP A 11 0.58 10.00 15.14
N GLN A 12 0.21 8.74 14.93
CA GLN A 12 -1.10 8.38 14.42
C GLN A 12 -2.20 8.70 15.44
N GLY A 13 -1.84 8.78 16.73
CA GLY A 13 -2.82 9.02 17.78
C GLY A 13 -2.94 7.79 18.69
N SER A 14 -4.17 7.34 18.93
CA SER A 14 -4.47 6.26 19.86
C SER A 14 -4.18 4.88 19.27
N ARG A 15 -3.34 4.82 18.23
CA ARG A 15 -3.06 3.57 17.51
C ARG A 15 -2.40 2.52 18.41
N HIS A 16 -2.05 2.89 19.64
CA HIS A 16 -1.41 1.99 20.58
C HIS A 16 -2.45 1.13 21.32
N ASP A 17 -3.74 1.41 21.10
CA ASP A 17 -4.82 0.70 21.77
C ASP A 17 -6.05 0.66 20.85
N SER A 18 -5.84 0.84 19.54
CA SER A 18 -6.92 0.78 18.56
C SER A 18 -6.36 0.41 17.19
N GLU A 19 -7.16 -0.35 16.43
CA GLU A 19 -6.83 -0.72 15.06
C GLU A 19 -7.27 0.39 14.09
N GLN A 20 -7.75 1.51 14.63
CA GLN A 20 -8.27 2.60 13.82
C GLN A 20 -7.23 3.73 13.75
N ASP A 21 -7.54 4.88 14.37
CA ASP A 21 -6.70 6.07 14.37
C ASP A 21 -6.25 6.55 12.98
N ASN A 22 -6.94 6.09 11.93
CA ASN A 22 -6.66 6.53 10.57
C ASN A 22 -7.97 6.52 9.77
N SER A 23 -7.98 7.22 8.62
CA SER A 23 -9.14 7.28 7.76
C SER A 23 -8.73 7.59 6.33
N ASP A 24 -7.72 8.45 6.17
CA ASP A 24 -7.15 8.79 4.88
C ASP A 24 -5.90 7.98 4.55
N ASN A 25 -5.69 6.88 5.30
CA ASN A 25 -4.50 6.05 5.17
C ASN A 25 -4.87 4.57 5.10
N ASN A 26 -5.92 4.26 4.34
CA ASN A 26 -6.35 2.88 4.11
C ASN A 26 -5.31 2.11 3.26
N THR A 27 -4.27 2.80 2.80
CA THR A 27 -3.21 2.18 2.01
C THR A 27 -2.00 1.78 2.84
N ILE A 28 -1.34 0.69 2.46
CA ILE A 28 -0.13 0.22 3.13
C ILE A 28 0.98 -0.02 2.11
N PHE A 29 2.23 0.15 2.53
CA PHE A 29 3.39 -0.12 1.70
C PHE A 29 3.98 -1.43 2.20
N VAL A 30 4.59 -2.19 1.31
CA VAL A 30 5.13 -3.50 1.62
C VAL A 30 6.54 -3.67 1.07
N GLN A 31 7.39 -4.42 1.78
CA GLN A 31 8.76 -4.65 1.37
C GLN A 31 9.10 -6.12 1.60
N GLY A 32 9.97 -6.69 0.76
CA GLY A 32 10.49 -8.04 0.96
C GLY A 32 9.75 -9.08 0.13
N LEU A 33 8.84 -8.64 -0.74
CA LEU A 33 8.03 -9.52 -1.56
C LEU A 33 8.89 -10.47 -2.38
N GLY A 34 9.78 -9.89 -3.18
CA GLY A 34 10.60 -10.63 -4.13
C GLY A 34 9.88 -10.72 -5.48
N GLU A 35 10.52 -11.38 -6.44
CA GLU A 35 10.05 -11.47 -7.81
C GLU A 35 8.91 -12.47 -7.98
N ASN A 36 8.64 -13.28 -6.95
CA ASN A 36 7.64 -14.34 -7.04
C ASN A 36 6.23 -13.79 -6.83
N VAL A 37 6.11 -12.49 -6.57
CA VAL A 37 4.83 -11.87 -6.21
C VAL A 37 4.18 -11.16 -7.40
N THR A 38 2.85 -10.99 -7.34
CA THR A 38 2.07 -10.38 -8.41
C THR A 38 0.76 -9.89 -7.79
N ILE A 39 -0.01 -9.08 -8.52
CA ILE A 39 -1.22 -8.43 -8.04
C ILE A 39 -2.16 -9.41 -7.35
N GLU A 40 -2.28 -10.61 -7.91
CA GLU A 40 -3.17 -11.61 -7.36
C GLU A 40 -2.62 -12.19 -6.06
N SER A 41 -1.30 -12.22 -5.91
CA SER A 41 -0.65 -12.78 -4.74
C SER A 41 -0.79 -11.83 -3.55
N VAL A 42 -0.45 -10.55 -3.74
CA VAL A 42 -0.51 -9.55 -2.69
C VAL A 42 -1.96 -9.41 -2.20
N ALA A 43 -2.91 -9.16 -3.10
CA ALA A 43 -4.30 -8.99 -2.70
C ALA A 43 -4.82 -10.24 -1.98
N ASP A 44 -4.41 -11.43 -2.43
CA ASP A 44 -4.83 -12.69 -1.82
C ASP A 44 -4.09 -12.93 -0.49
N TYR A 45 -2.99 -12.19 -0.28
CA TYR A 45 -2.18 -12.33 0.91
C TYR A 45 -2.56 -11.33 2.00
N PHE A 46 -3.10 -10.18 1.58
CA PHE A 46 -3.51 -9.12 2.48
C PHE A 46 -4.99 -9.13 2.84
N LYS A 47 -5.81 -9.80 2.02
CA LYS A 47 -7.26 -9.77 2.16
C LYS A 47 -7.71 -10.45 3.46
N GLN A 48 -6.85 -11.27 4.06
CA GLN A 48 -7.17 -11.97 5.29
C GLN A 48 -7.39 -11.00 6.45
N ILE A 49 -6.85 -9.79 6.36
CA ILE A 49 -7.05 -8.78 7.40
C ILE A 49 -8.33 -7.99 7.13
N GLY A 50 -8.71 -7.92 5.86
CA GLY A 50 -9.88 -7.19 5.42
C GLY A 50 -9.83 -7.03 3.90
N ILE A 51 -10.93 -6.56 3.32
CA ILE A 51 -11.09 -6.53 1.88
C ILE A 51 -10.13 -5.52 1.24
N ILE A 52 -9.48 -5.94 0.15
CA ILE A 52 -8.61 -5.06 -0.62
C ILE A 52 -9.47 -4.12 -1.47
N LYS A 53 -9.10 -2.84 -1.55
CA LYS A 53 -9.84 -1.88 -2.34
C LYS A 53 -9.71 -2.20 -3.83
N THR A 54 -10.78 -1.96 -4.59
CA THR A 54 -10.82 -2.26 -6.01
C THR A 54 -11.16 -1.04 -6.86
N ASN A 55 -10.45 -0.84 -7.97
CA ASN A 55 -10.69 0.28 -8.85
C ASN A 55 -11.95 0.01 -9.67
N LYS A 56 -12.76 1.05 -9.89
CA LYS A 56 -14.04 0.92 -10.58
C LYS A 56 -13.86 0.79 -12.09
N LYS A 57 -12.70 1.20 -12.61
CA LYS A 57 -12.47 1.28 -14.06
C LYS A 57 -11.38 0.30 -14.51
N THR A 58 -10.79 -0.47 -13.59
CA THR A 58 -9.81 -1.49 -13.94
C THR A 58 -10.16 -2.88 -13.42
N GLY A 59 -11.03 -2.96 -12.42
CA GLY A 59 -11.58 -4.22 -11.92
C GLY A 59 -10.58 -5.01 -11.07
N GLN A 60 -9.29 -4.68 -11.16
CA GLN A 60 -8.27 -5.33 -10.35
C GLN A 60 -8.15 -4.59 -9.02
N PRO A 61 -7.62 -5.25 -7.98
CA PRO A 61 -7.35 -4.61 -6.70
C PRO A 61 -6.30 -3.52 -6.90
N MET A 62 -6.32 -2.51 -6.04
CA MET A 62 -5.45 -1.35 -6.17
C MET A 62 -4.04 -1.67 -5.66
N ILE A 63 -3.26 -2.36 -6.49
CA ILE A 63 -1.91 -2.78 -6.16
C ILE A 63 -0.96 -2.48 -7.31
N ASN A 64 0.33 -2.33 -6.98
CA ASN A 64 1.39 -2.18 -7.98
C ASN A 64 2.68 -2.76 -7.40
N LEU A 65 3.33 -3.67 -8.13
CA LEU A 65 4.60 -4.21 -7.71
C LEU A 65 5.72 -3.34 -8.30
N TYR A 66 6.54 -2.76 -7.42
CA TYR A 66 7.60 -1.84 -7.85
C TYR A 66 8.86 -2.54 -8.33
N THR A 67 9.69 -1.82 -9.10
CA THR A 67 10.87 -2.41 -9.70
C THR A 67 12.08 -1.50 -9.57
N ASP A 68 13.25 -2.10 -9.42
CA ASP A 68 14.49 -1.37 -9.29
C ASP A 68 14.80 -0.53 -10.54
N ARG A 69 15.15 0.75 -10.34
CA ARG A 69 15.44 1.66 -11.44
C ARG A 69 16.80 1.36 -12.07
N GLU A 70 17.56 0.43 -11.48
CA GLU A 70 18.88 0.08 -11.96
C GLU A 70 18.90 -1.21 -12.78
N THR A 71 17.77 -1.92 -12.86
CA THR A 71 17.75 -3.20 -13.56
C THR A 71 16.36 -3.48 -14.15
N GLY A 72 15.31 -2.86 -13.61
CA GLY A 72 13.97 -2.93 -14.20
C GLY A 72 13.19 -4.17 -13.77
N LYS A 73 13.58 -4.79 -12.65
CA LYS A 73 12.88 -5.98 -12.14
C LYS A 73 12.45 -5.75 -10.69
N LEU A 74 11.62 -6.65 -10.16
CA LEU A 74 11.06 -6.53 -8.82
C LEU A 74 12.14 -6.16 -7.81
N LYS A 75 11.98 -4.99 -7.17
CA LYS A 75 12.87 -4.55 -6.10
C LYS A 75 12.37 -5.08 -4.76
N GLY A 76 11.25 -5.82 -4.78
CA GLY A 76 10.67 -6.42 -3.59
C GLY A 76 9.67 -5.50 -2.90
N GLU A 77 9.29 -4.38 -3.53
CA GLU A 77 8.34 -3.44 -2.95
C GLU A 77 6.99 -3.48 -3.66
N ALA A 78 5.94 -3.17 -2.91
CA ALA A 78 4.58 -3.09 -3.44
C ALA A 78 3.73 -2.20 -2.53
N THR A 79 2.56 -1.80 -3.02
CA THR A 79 1.61 -1.00 -2.26
C THR A 79 0.18 -1.52 -2.41
N VAL A 80 -0.46 -1.86 -1.29
CA VAL A 80 -1.78 -2.48 -1.27
C VAL A 80 -2.77 -1.53 -0.62
N SER A 81 -3.87 -1.19 -1.32
CA SER A 81 -4.90 -0.35 -0.73
C SER A 81 -6.02 -1.20 -0.15
N PHE A 82 -6.38 -0.96 1.11
CA PHE A 82 -7.52 -1.62 1.73
C PHE A 82 -8.84 -0.88 1.49
N ASP A 83 -9.94 -1.64 1.41
CA ASP A 83 -11.26 -1.07 1.21
C ASP A 83 -11.71 -0.40 2.51
N ASP A 84 -11.10 -0.80 3.63
CA ASP A 84 -11.45 -0.30 4.95
C ASP A 84 -10.20 0.20 5.69
N PRO A 85 -10.27 1.39 6.31
CA PRO A 85 -9.12 2.00 6.95
C PRO A 85 -8.59 1.24 8.17
N PRO A 86 -9.43 0.57 8.99
CA PRO A 86 -8.94 -0.12 10.18
C PRO A 86 -8.22 -1.41 9.79
N SER A 87 -8.46 -1.91 8.58
CA SER A 87 -7.80 -3.14 8.11
C SER A 87 -6.35 -2.85 7.72
N ALA A 88 -6.09 -1.63 7.26
CA ALA A 88 -4.74 -1.22 6.89
C ALA A 88 -3.83 -1.20 8.11
N LYS A 89 -4.31 -0.61 9.22
CA LYS A 89 -3.50 -0.48 10.42
C LYS A 89 -3.21 -1.85 11.03
N ALA A 90 -4.19 -2.75 10.96
CA ALA A 90 -4.04 -4.11 11.45
C ALA A 90 -3.05 -4.89 10.59
N ALA A 91 -3.12 -4.70 9.27
CA ALA A 91 -2.25 -5.41 8.35
C ALA A 91 -0.81 -4.95 8.52
N ILE A 92 -0.61 -3.71 8.98
CA ILE A 92 0.73 -3.21 9.26
C ILE A 92 1.27 -3.90 10.51
N ASP A 93 0.56 -3.78 11.62
CA ASP A 93 0.96 -4.37 12.89
C ASP A 93 1.11 -5.88 12.85
N TRP A 94 0.45 -6.51 11.87
CA TRP A 94 0.45 -7.95 11.72
C TRP A 94 1.53 -8.45 10.76
N PHE A 95 1.48 -8.01 9.50
CA PHE A 95 2.39 -8.52 8.48
C PHE A 95 3.84 -8.09 8.63
N ASP A 96 4.08 -6.88 9.15
CA ASP A 96 5.44 -6.41 9.38
C ASP A 96 6.23 -7.37 10.28
N GLY A 97 7.25 -8.03 9.72
CA GLY A 97 8.16 -8.88 10.46
C GLY A 97 7.97 -10.37 10.15
N LYS A 98 6.84 -10.75 9.53
CA LYS A 98 6.63 -12.15 9.13
C LYS A 98 7.07 -12.36 7.68
N GLU A 99 6.79 -13.54 7.12
CA GLU A 99 7.18 -13.88 5.77
C GLU A 99 5.99 -13.76 4.82
N PHE A 100 6.24 -13.91 3.52
CA PHE A 100 5.20 -13.79 2.50
C PHE A 100 5.22 -15.01 1.58
N SER A 101 6.42 -15.50 1.25
CA SER A 101 6.60 -16.67 0.39
C SER A 101 7.81 -17.48 0.86
N GLY A 102 8.24 -17.25 2.10
CA GLY A 102 9.43 -17.87 2.66
C GLY A 102 10.50 -16.82 2.94
N ASN A 103 10.38 -15.65 2.29
CA ASN A 103 11.24 -14.51 2.53
C ASN A 103 10.54 -13.58 3.52
N PRO A 104 11.27 -12.98 4.48
CA PRO A 104 10.71 -12.04 5.43
C PRO A 104 10.27 -10.76 4.72
N ILE A 105 9.26 -10.08 5.27
CA ILE A 105 8.71 -8.88 4.67
C ILE A 105 8.43 -7.82 5.72
N LYS A 106 8.14 -6.59 5.27
CA LYS A 106 7.79 -5.48 6.13
C LYS A 106 6.58 -4.74 5.58
N VAL A 107 5.87 -4.05 6.48
CA VAL A 107 4.67 -3.30 6.12
C VAL A 107 4.57 -2.04 6.97
N SER A 108 4.04 -0.97 6.38
CA SER A 108 3.83 0.31 7.06
C SER A 108 2.71 1.06 6.36
N PHE A 109 2.27 2.19 6.93
CA PHE A 109 1.36 3.08 6.24
C PHE A 109 1.93 3.54 4.89
N ALA A 110 1.05 3.94 3.98
CA ALA A 110 1.48 4.42 2.67
C ALA A 110 0.90 5.81 2.44
N THR A 111 1.73 6.69 1.85
CA THR A 111 1.34 8.04 1.50
C THR A 111 2.02 8.46 0.20
N ARG A 112 1.28 9.11 -0.69
CA ARG A 112 1.74 9.40 -2.05
C ARG A 112 3.14 10.00 -2.01
N ARG A 113 4.10 9.31 -2.65
CA ARG A 113 5.50 9.71 -2.65
C ARG A 113 5.66 11.00 -3.45
N ALA A 114 4.84 11.15 -4.51
CA ALA A 114 4.93 12.30 -5.39
C ALA A 114 4.63 13.59 -4.63
N ASP A 115 3.78 13.52 -3.61
CA ASP A 115 3.38 14.70 -2.84
C ASP A 115 4.58 15.25 -2.06
N PHE A 116 5.68 14.50 -2.01
CA PHE A 116 6.85 14.91 -1.24
C PHE A 116 7.98 15.46 -2.11
N ASN A 117 7.88 15.32 -3.44
CA ASN A 117 8.93 15.82 -4.32
C ASN A 117 8.44 16.09 -5.75
N ARG A 118 7.58 15.23 -6.30
CA ARG A 118 7.12 15.35 -7.67
C ARG A 118 5.96 16.34 -7.80
N GLY A 119 5.54 16.95 -6.69
CA GLY A 119 4.44 17.91 -6.68
C GLY A 119 3.08 17.21 -6.59
N GLY A 120 3.09 15.89 -6.37
CA GLY A 120 1.87 15.10 -6.23
C GLY A 120 1.25 14.78 -7.59
N GLY A 121 1.87 15.23 -8.68
CA GLY A 121 1.37 15.00 -10.03
C GLY A 121 0.15 15.89 -10.31
N ASN A 122 -0.55 15.60 -11.42
CA ASN A 122 -1.74 16.34 -11.80
C ASN A 122 -2.66 15.47 -12.66
N GLY A 123 -3.94 15.83 -12.72
CA GLY A 123 -4.93 15.14 -13.52
C GLY A 123 -4.98 15.72 -14.94
N ARG A 124 -5.90 15.19 -15.77
CA ARG A 124 -6.09 15.65 -17.14
C ARG A 124 -7.57 15.59 -17.49
N GLY A 125 -8.01 16.38 -18.46
CA GLY A 125 -9.39 16.37 -18.92
C GLY A 125 -9.63 15.23 -19.90
N GLY A 126 -10.87 14.73 -19.94
CA GLY A 126 -11.25 13.70 -20.88
C GLY A 126 -11.60 14.29 -22.24
N ARG A 127 -11.70 13.45 -23.26
CA ARG A 127 -12.09 13.87 -24.60
C ARG A 127 -13.54 14.37 -24.59
N GLY A 128 -13.89 15.24 -25.54
CA GLY A 128 -15.23 15.79 -25.61
C GLY A 128 -16.26 14.69 -25.87
N ARG A 129 -17.51 14.95 -25.45
CA ARG A 129 -18.60 14.00 -25.59
C ARG A 129 -19.94 14.72 -25.58
N GLY A 130 -21.00 14.02 -26.01
CA GLY A 130 -22.34 14.60 -26.05
C GLY A 130 -23.31 13.73 -26.84
N GLY A 131 -22.81 12.67 -27.48
CA GLY A 131 -23.63 11.76 -28.28
C GLY A 131 -24.08 12.44 -29.57
N GLY A 1 17.86 4.02 10.73
CA GLY A 1 16.58 3.65 10.10
C GLY A 1 15.40 4.27 10.84
N GLY A 2 14.27 4.43 10.15
CA GLY A 2 13.08 5.02 10.74
C GLY A 2 11.93 5.05 9.74
N PHE A 3 10.78 5.56 10.17
CA PHE A 3 9.61 5.68 9.31
C PHE A 3 9.73 6.75 8.22
N ASN A 4 8.71 6.82 7.35
CA ASN A 4 8.65 7.78 6.27
C ASN A 4 8.51 9.20 6.81
N LYS A 5 8.32 10.16 5.91
CA LYS A 5 8.21 11.57 6.26
C LYS A 5 6.98 11.86 7.13
N PHE A 6 6.02 10.93 7.19
CA PHE A 6 4.86 11.10 8.06
C PHE A 6 5.07 10.42 9.40
N GLY A 7 6.18 9.68 9.54
CA GLY A 7 6.63 9.13 10.83
C GLY A 7 5.94 7.84 11.24
N GLY A 8 5.17 7.20 10.35
CA GLY A 8 4.49 5.96 10.71
C GLY A 8 3.40 6.20 11.75
N PRO A 9 2.93 5.14 12.43
CA PRO A 9 1.95 5.24 13.50
C PRO A 9 2.49 5.95 14.75
N ARG A 10 3.53 6.78 14.59
CA ARG A 10 4.15 7.46 15.73
C ARG A 10 3.32 8.68 16.14
N ASP A 11 2.69 9.34 15.17
CA ASP A 11 1.88 10.52 15.40
C ASP A 11 0.39 10.24 15.18
N GLN A 12 0.03 8.96 15.04
CA GLN A 12 -1.33 8.55 14.71
C GLN A 12 -2.33 8.80 15.84
N GLY A 13 -1.85 9.20 17.01
CA GLY A 13 -2.74 9.54 18.11
C GLY A 13 -3.18 8.31 18.88
N SER A 14 -4.46 7.94 18.72
CA SER A 14 -5.11 6.89 19.52
C SER A 14 -4.64 5.48 19.19
N ARG A 15 -3.55 5.32 18.44
CA ARG A 15 -3.11 4.01 17.96
C ARG A 15 -2.59 3.12 19.11
N HIS A 16 -2.52 3.67 20.33
CA HIS A 16 -2.04 2.91 21.48
C HIS A 16 -3.18 2.16 22.17
N ASP A 17 -4.43 2.38 21.72
CA ASP A 17 -5.59 1.77 22.36
C ASP A 17 -6.70 1.58 21.32
N SER A 18 -6.34 1.50 20.03
CA SER A 18 -7.29 1.28 18.97
C SER A 18 -6.59 0.66 17.76
N GLU A 19 -7.35 -0.07 16.95
CA GLU A 19 -6.86 -0.64 15.69
C GLU A 19 -7.22 0.28 14.53
N GLN A 20 -7.89 1.40 14.81
CA GLN A 20 -8.32 2.35 13.80
C GLN A 20 -7.24 3.43 13.59
N ASP A 21 -7.26 4.48 14.42
CA ASP A 21 -6.32 5.59 14.39
C ASP A 21 -6.09 6.22 13.02
N ASN A 22 -6.97 5.96 12.04
CA ASN A 22 -6.82 6.50 10.70
C ASN A 22 -8.18 6.59 10.00
N SER A 23 -8.24 7.28 8.86
CA SER A 23 -9.45 7.40 8.08
C SER A 23 -9.14 7.63 6.61
N ASP A 24 -8.04 8.32 6.33
CA ASP A 24 -7.59 8.61 4.96
C ASP A 24 -6.34 7.80 4.58
N ASN A 25 -6.01 6.80 5.38
CA ASN A 25 -4.81 5.99 5.20
C ASN A 25 -5.15 4.50 5.14
N ASN A 26 -6.18 4.16 4.36
CA ASN A 26 -6.56 2.77 4.16
C ASN A 26 -5.54 2.01 3.30
N THR A 27 -4.47 2.70 2.88
CA THR A 27 -3.41 2.10 2.08
C THR A 27 -2.18 1.72 2.90
N ILE A 28 -1.49 0.65 2.51
CA ILE A 28 -0.27 0.22 3.17
C ILE A 28 0.84 0.01 2.14
N PHE A 29 2.08 0.22 2.57
CA PHE A 29 3.25 -0.01 1.73
C PHE A 29 3.86 -1.31 2.24
N VAL A 30 4.50 -2.07 1.36
CA VAL A 30 5.06 -3.37 1.66
C VAL A 30 6.47 -3.51 1.09
N GLN A 31 7.32 -4.28 1.76
CA GLN A 31 8.69 -4.50 1.32
C GLN A 31 9.08 -5.96 1.54
N GLY A 32 9.97 -6.49 0.69
CA GLY A 32 10.53 -7.82 0.89
C GLY A 32 9.82 -8.89 0.05
N LEU A 33 8.87 -8.48 -0.80
CA LEU A 33 8.08 -9.40 -1.61
C LEU A 33 8.97 -10.32 -2.44
N GLY A 34 9.87 -9.71 -3.22
CA GLY A 34 10.67 -10.42 -4.20
C GLY A 34 9.91 -10.48 -5.52
N GLU A 35 10.47 -11.18 -6.51
CA GLU A 35 9.93 -11.23 -7.87
C GLU A 35 8.88 -12.33 -8.03
N ASN A 36 8.70 -13.17 -7.01
CA ASN A 36 7.75 -14.27 -7.07
C ASN A 36 6.33 -13.77 -6.85
N VAL A 37 6.17 -12.47 -6.58
CA VAL A 37 4.90 -11.85 -6.24
C VAL A 37 4.24 -11.18 -7.45
N THR A 38 2.92 -10.97 -7.37
CA THR A 38 2.14 -10.36 -8.44
C THR A 38 0.83 -9.85 -7.80
N ILE A 39 0.07 -9.05 -8.55
CA ILE A 39 -1.15 -8.39 -8.05
C ILE A 39 -2.08 -9.39 -7.38
N GLU A 40 -2.20 -10.60 -7.94
CA GLU A 40 -3.09 -11.61 -7.38
C GLU A 40 -2.53 -12.19 -6.09
N SER A 41 -1.21 -12.20 -5.95
CA SER A 41 -0.57 -12.76 -4.77
C SER A 41 -0.70 -11.82 -3.57
N VAL A 42 -0.39 -10.54 -3.76
CA VAL A 42 -0.46 -9.54 -2.70
C VAL A 42 -1.90 -9.43 -2.21
N ALA A 43 -2.86 -9.19 -3.12
CA ALA A 43 -4.25 -9.04 -2.72
C ALA A 43 -4.76 -10.31 -2.01
N ASP A 44 -4.32 -11.49 -2.45
CA ASP A 44 -4.71 -12.75 -1.84
C ASP A 44 -3.97 -12.98 -0.53
N TYR A 45 -2.89 -12.24 -0.31
CA TYR A 45 -2.07 -12.36 0.88
C TYR A 45 -2.47 -11.37 1.97
N PHE A 46 -3.03 -10.24 1.55
CA PHE A 46 -3.45 -9.18 2.46
C PHE A 46 -4.93 -9.21 2.82
N LYS A 47 -5.74 -9.88 1.99
CA LYS A 47 -7.19 -9.87 2.14
C LYS A 47 -7.63 -10.54 3.44
N GLN A 48 -6.77 -11.35 4.04
CA GLN A 48 -7.08 -12.05 5.27
C GLN A 48 -7.30 -11.09 6.43
N ILE A 49 -6.79 -9.86 6.33
CA ILE A 49 -6.99 -8.85 7.36
C ILE A 49 -8.28 -8.07 7.08
N GLY A 50 -8.68 -8.03 5.80
CA GLY A 50 -9.85 -7.31 5.35
C GLY A 50 -9.82 -7.17 3.84
N ILE A 51 -10.93 -6.74 3.25
CA ILE A 51 -11.07 -6.71 1.81
C ILE A 51 -10.13 -5.69 1.18
N ILE A 52 -9.47 -6.08 0.09
CA ILE A 52 -8.63 -5.19 -0.68
C ILE A 52 -9.50 -4.26 -1.52
N LYS A 53 -9.17 -2.97 -1.57
CA LYS A 53 -9.93 -2.01 -2.35
C LYS A 53 -9.76 -2.27 -3.84
N THR A 54 -10.84 -2.09 -4.61
CA THR A 54 -10.82 -2.30 -6.05
C THR A 54 -10.90 -1.02 -6.87
N ASN A 55 -10.09 -0.92 -7.91
CA ASN A 55 -10.07 0.25 -8.77
C ASN A 55 -11.33 0.25 -9.64
N LYS A 56 -12.00 1.40 -9.71
CA LYS A 56 -13.25 1.54 -10.46
C LYS A 56 -13.00 1.58 -11.97
N LYS A 57 -11.75 1.91 -12.38
CA LYS A 57 -11.44 2.13 -13.78
C LYS A 57 -10.64 0.97 -14.37
N THR A 58 -10.20 0.03 -13.54
CA THR A 58 -9.40 -1.11 -14.00
C THR A 58 -9.88 -2.46 -13.48
N GLY A 59 -10.73 -2.47 -12.45
CA GLY A 59 -11.41 -3.68 -11.98
C GLY A 59 -10.49 -4.61 -11.16
N GLN A 60 -9.18 -4.41 -11.23
CA GLN A 60 -8.23 -5.17 -10.41
C GLN A 60 -8.11 -4.51 -9.03
N PRO A 61 -7.60 -5.21 -8.02
CA PRO A 61 -7.33 -4.62 -6.73
C PRO A 61 -6.29 -3.53 -6.90
N MET A 62 -6.32 -2.52 -6.01
CA MET A 62 -5.45 -1.36 -6.11
C MET A 62 -4.05 -1.70 -5.61
N ILE A 63 -3.26 -2.36 -6.47
CA ILE A 63 -1.90 -2.77 -6.15
C ILE A 63 -0.96 -2.45 -7.30
N ASN A 64 0.32 -2.29 -6.97
CA ASN A 64 1.40 -2.16 -7.95
C ASN A 64 2.68 -2.70 -7.34
N LEU A 65 3.39 -3.58 -8.08
CA LEU A 65 4.66 -4.11 -7.62
C LEU A 65 5.77 -3.24 -8.18
N TYR A 66 6.53 -2.58 -7.29
CA TYR A 66 7.59 -1.68 -7.70
C TYR A 66 8.88 -2.40 -8.07
N THR A 67 9.72 -1.75 -8.89
CA THR A 67 10.87 -2.43 -9.46
C THR A 67 12.15 -1.62 -9.29
N ASP A 68 13.27 -2.35 -9.36
CA ASP A 68 14.60 -1.77 -9.42
C ASP A 68 14.83 -1.06 -10.75
N ARG A 69 15.12 0.24 -10.70
CA ARG A 69 15.29 1.04 -11.91
C ARG A 69 16.58 0.67 -12.64
N GLU A 70 17.39 -0.18 -12.02
CA GLU A 70 18.67 -0.60 -12.59
C GLU A 70 18.53 -1.83 -13.49
N THR A 71 17.40 -2.53 -13.44
CA THR A 71 17.25 -3.77 -14.21
C THR A 71 15.79 -4.11 -14.52
N GLY A 72 14.84 -3.54 -13.75
CA GLY A 72 13.42 -3.66 -14.04
C GLY A 72 12.73 -4.82 -13.33
N LYS A 73 13.42 -5.47 -12.39
CA LYS A 73 12.83 -6.59 -11.65
C LYS A 73 12.18 -6.07 -10.37
N LEU A 74 11.32 -6.87 -9.74
CA LEU A 74 10.68 -6.46 -8.51
C LEU A 74 11.75 -6.08 -7.48
N LYS A 75 11.65 -4.85 -6.97
CA LYS A 75 12.53 -4.36 -5.92
C LYS A 75 12.13 -4.99 -4.59
N GLY A 76 10.94 -5.60 -4.56
CA GLY A 76 10.35 -6.17 -3.36
C GLY A 76 9.38 -5.19 -2.73
N GLU A 77 9.29 -3.98 -3.28
CA GLU A 77 8.33 -2.98 -2.82
C GLU A 77 6.98 -3.17 -3.52
N ALA A 78 5.90 -2.89 -2.80
CA ALA A 78 4.55 -2.92 -3.34
C ALA A 78 3.65 -2.06 -2.46
N THR A 79 2.46 -1.72 -2.97
CA THR A 79 1.49 -0.93 -2.22
C THR A 79 0.08 -1.48 -2.36
N VAL A 80 -0.55 -1.86 -1.25
CA VAL A 80 -1.85 -2.51 -1.24
C VAL A 80 -2.86 -1.58 -0.57
N SER A 81 -3.96 -1.26 -1.26
CA SER A 81 -5.01 -0.44 -0.65
C SER A 81 -6.11 -1.34 -0.09
N PHE A 82 -6.46 -1.14 1.18
CA PHE A 82 -7.60 -1.80 1.78
C PHE A 82 -8.91 -1.08 1.53
N ASP A 83 -10.01 -1.83 1.42
CA ASP A 83 -11.32 -1.24 1.19
C ASP A 83 -11.82 -0.67 2.52
N ASP A 84 -11.20 -1.09 3.63
CA ASP A 84 -11.56 -0.65 4.97
C ASP A 84 -10.33 -0.07 5.69
N PRO A 85 -10.46 1.11 6.31
CA PRO A 85 -9.34 1.79 6.94
C PRO A 85 -8.77 1.06 8.17
N PRO A 86 -9.56 0.34 9.00
CA PRO A 86 -9.04 -0.31 10.18
C PRO A 86 -8.27 -1.57 9.81
N SER A 87 -8.52 -2.11 8.61
CA SER A 87 -7.82 -3.32 8.16
C SER A 87 -6.39 -2.98 7.75
N ALA A 88 -6.17 -1.76 7.27
CA ALA A 88 -4.83 -1.31 6.88
C ALA A 88 -3.91 -1.28 8.09
N LYS A 89 -4.37 -0.67 9.19
CA LYS A 89 -3.56 -0.52 10.38
C LYS A 89 -3.23 -1.89 10.98
N ALA A 90 -4.20 -2.81 10.95
CA ALA A 90 -4.01 -4.16 11.46
C ALA A 90 -3.02 -4.93 10.59
N ALA A 91 -3.11 -4.75 9.27
CA ALA A 91 -2.22 -5.46 8.35
C ALA A 91 -0.79 -4.97 8.52
N ILE A 92 -0.62 -3.72 8.97
CA ILE A 92 0.72 -3.20 9.23
C ILE A 92 1.29 -3.85 10.47
N ASP A 93 0.58 -3.73 11.60
CA ASP A 93 1.00 -4.29 12.87
C ASP A 93 1.16 -5.81 12.84
N TRP A 94 0.50 -6.46 11.89
CA TRP A 94 0.53 -7.90 11.75
C TRP A 94 1.61 -8.39 10.79
N PHE A 95 1.54 -7.97 9.52
CA PHE A 95 2.45 -8.49 8.51
C PHE A 95 3.90 -8.03 8.64
N ASP A 96 4.12 -6.81 9.15
CA ASP A 96 5.47 -6.34 9.37
C ASP A 96 6.29 -7.26 10.27
N GLY A 97 7.31 -7.90 9.69
CA GLY A 97 8.24 -8.75 10.43
C GLY A 97 8.08 -10.25 10.11
N LYS A 98 6.96 -10.64 9.48
CA LYS A 98 6.77 -12.04 9.10
C LYS A 98 7.22 -12.26 7.65
N GLU A 99 6.97 -13.45 7.11
CA GLU A 99 7.37 -13.80 5.75
C GLU A 99 6.16 -13.74 4.82
N PHE A 100 6.39 -13.83 3.51
CA PHE A 100 5.34 -13.73 2.51
C PHE A 100 5.34 -14.96 1.59
N SER A 101 6.52 -15.46 1.24
CA SER A 101 6.68 -16.62 0.37
C SER A 101 7.86 -17.47 0.82
N GLY A 102 8.45 -17.13 1.97
CA GLY A 102 9.63 -17.80 2.51
C GLY A 102 10.69 -16.78 2.92
N ASN A 103 10.61 -15.57 2.37
CA ASN A 103 11.49 -14.46 2.74
C ASN A 103 10.73 -13.48 3.64
N PRO A 104 11.44 -12.82 4.57
CA PRO A 104 10.84 -11.85 5.47
C PRO A 104 10.38 -10.61 4.71
N ILE A 105 9.36 -9.92 5.25
CA ILE A 105 8.79 -8.74 4.62
C ILE A 105 8.49 -7.68 5.67
N LYS A 106 8.18 -6.47 5.20
CA LYS A 106 7.81 -5.35 6.07
C LYS A 106 6.57 -4.65 5.54
N VAL A 107 5.85 -3.98 6.44
CA VAL A 107 4.64 -3.25 6.10
C VAL A 107 4.54 -1.99 6.93
N SER A 108 3.98 -0.93 6.34
CA SER A 108 3.76 0.35 6.99
C SER A 108 2.59 1.05 6.33
N PHE A 109 2.18 2.20 6.86
CA PHE A 109 1.21 3.04 6.17
C PHE A 109 1.73 3.49 4.80
N ALA A 110 0.83 3.96 3.95
CA ALA A 110 1.21 4.48 2.64
C ALA A 110 0.54 5.82 2.41
N THR A 111 1.29 6.77 1.86
CA THR A 111 0.80 8.11 1.51
C THR A 111 1.40 8.57 0.20
N ARG A 112 0.57 9.11 -0.70
CA ARG A 112 0.99 9.40 -2.07
C ARG A 112 2.30 10.16 -2.07
N ARG A 113 3.35 9.55 -2.67
CA ARG A 113 4.69 10.12 -2.64
C ARG A 113 4.74 11.36 -3.52
N ALA A 114 3.88 11.43 -4.54
CA ALA A 114 3.86 12.55 -5.45
C ALA A 114 3.50 13.85 -4.73
N ASP A 115 2.67 13.74 -3.70
CA ASP A 115 2.28 14.90 -2.90
C ASP A 115 3.46 15.50 -2.14
N PHE A 116 4.61 14.82 -2.16
CA PHE A 116 5.78 15.24 -1.42
C PHE A 116 6.90 15.80 -2.31
N ASN A 117 6.79 15.63 -3.64
CA ASN A 117 7.80 16.17 -4.54
C ASN A 117 7.28 16.46 -5.95
N ARG A 118 6.44 15.58 -6.49
CA ARG A 118 5.97 15.71 -7.86
C ARG A 118 4.85 16.74 -7.98
N GLY A 119 4.34 17.23 -6.84
CA GLY A 119 3.20 18.13 -6.83
C GLY A 119 1.88 17.37 -6.88
N GLY A 120 1.95 16.04 -6.62
CA GLY A 120 0.79 15.17 -6.63
C GLY A 120 0.50 14.64 -8.03
N GLY A 121 -0.55 13.84 -8.17
CA GLY A 121 -0.91 13.23 -9.44
C GLY A 121 -1.55 14.26 -10.39
N ASN A 122 -1.54 13.94 -11.69
CA ASN A 122 -2.07 14.82 -12.73
C ASN A 122 -2.64 14.00 -13.89
N GLY A 123 -3.33 14.68 -14.81
CA GLY A 123 -3.89 14.04 -15.99
C GLY A 123 -4.42 15.08 -16.96
N ARG A 124 -4.73 14.65 -18.19
CA ARG A 124 -5.24 15.53 -19.23
C ARG A 124 -6.69 15.92 -18.95
N GLY A 125 -7.20 16.91 -19.67
CA GLY A 125 -8.56 17.39 -19.47
C GLY A 125 -9.59 16.41 -20.01
N GLY A 126 -10.76 16.38 -19.38
CA GLY A 126 -11.87 15.54 -19.81
C GLY A 126 -12.71 16.21 -20.90
N ARG A 127 -12.40 17.47 -21.21
CA ARG A 127 -13.14 18.24 -22.20
C ARG A 127 -12.22 19.32 -22.80
N GLY A 128 -12.46 19.67 -24.06
CA GLY A 128 -11.65 20.67 -24.76
C GLY A 128 -11.95 22.08 -24.26
N ARG A 129 -11.17 23.06 -24.71
CA ARG A 129 -11.33 24.45 -24.32
C ARG A 129 -10.81 25.36 -25.44
N GLY A 130 -11.41 26.56 -25.57
CA GLY A 130 -11.04 27.52 -26.60
C GLY A 130 -9.77 28.30 -26.24
N GLY A 131 -9.09 27.91 -25.16
CA GLY A 131 -7.91 28.61 -24.68
C GLY A 131 -8.30 29.81 -23.82
N GLY A 1 17.74 3.16 9.87
CA GLY A 1 16.41 2.74 9.41
C GLY A 1 15.32 3.38 10.25
N GLY A 2 14.15 3.62 9.63
CA GLY A 2 13.03 4.24 10.31
C GLY A 2 11.85 4.41 9.36
N PHE A 3 10.76 5.00 9.86
CA PHE A 3 9.56 5.25 9.07
C PHE A 3 9.74 6.31 7.99
N ASN A 4 8.68 6.51 7.19
CA ASN A 4 8.66 7.49 6.10
C ASN A 4 8.67 8.91 6.67
N LYS A 5 8.54 9.91 5.79
CA LYS A 5 8.59 11.32 6.17
C LYS A 5 7.44 11.70 7.10
N PHE A 6 6.39 10.86 7.17
CA PHE A 6 5.28 11.11 8.07
C PHE A 6 5.44 10.35 9.39
N GLY A 7 6.50 9.54 9.48
CA GLY A 7 6.92 8.90 10.73
C GLY A 7 6.15 7.63 11.10
N GLY A 8 5.31 7.09 10.22
CA GLY A 8 4.56 5.89 10.54
C GLY A 8 3.52 6.19 11.64
N PRO A 9 3.05 5.16 12.36
CA PRO A 9 2.10 5.31 13.45
C PRO A 9 2.69 6.02 14.66
N ARG A 10 3.83 6.70 14.48
CA ARG A 10 4.49 7.44 15.56
C ARG A 10 3.74 8.73 15.83
N ASP A 11 3.31 9.40 14.76
CA ASP A 11 2.58 10.67 14.86
C ASP A 11 1.08 10.46 14.82
N GLN A 12 0.64 9.20 14.76
CA GLN A 12 -0.78 8.86 14.71
C GLN A 12 -1.48 9.21 16.02
N GLY A 13 -2.81 9.16 15.99
CA GLY A 13 -3.64 9.50 17.15
C GLY A 13 -3.68 8.38 18.17
N SER A 14 -4.87 7.80 18.38
CA SER A 14 -5.12 6.82 19.43
C SER A 14 -4.59 5.43 19.06
N ARG A 15 -3.50 5.35 18.29
CA ARG A 15 -2.97 4.06 17.84
C ARG A 15 -2.43 3.24 19.01
N HIS A 16 -2.40 3.81 20.22
CA HIS A 16 -1.94 3.11 21.41
C HIS A 16 -3.10 2.37 22.09
N ASP A 17 -4.34 2.76 21.80
CA ASP A 17 -5.54 2.18 22.40
C ASP A 17 -6.59 1.73 21.38
N SER A 18 -6.24 1.80 20.08
CA SER A 18 -7.14 1.44 19.00
C SER A 18 -6.35 1.01 17.79
N GLU A 19 -7.00 0.30 16.87
CA GLU A 19 -6.38 -0.14 15.63
C GLU A 19 -6.98 0.63 14.45
N GLN A 20 -7.69 1.73 14.74
CA GLN A 20 -8.15 2.65 13.73
C GLN A 20 -7.07 3.71 13.49
N ASP A 21 -7.05 4.75 14.35
CA ASP A 21 -6.07 5.84 14.35
C ASP A 21 -5.84 6.50 13.00
N ASN A 22 -6.70 6.27 12.01
CA ASN A 22 -6.54 6.84 10.67
C ASN A 22 -7.91 7.04 10.03
N SER A 23 -7.96 7.91 9.01
CA SER A 23 -9.21 8.19 8.30
C SER A 23 -8.94 8.49 6.82
N ASP A 24 -7.67 8.45 6.40
CA ASP A 24 -7.28 8.76 5.03
C ASP A 24 -6.02 7.96 4.68
N ASN A 25 -5.81 6.83 5.38
CA ASN A 25 -4.62 6.02 5.22
C ASN A 25 -4.98 4.53 5.17
N ASN A 26 -6.02 4.20 4.41
CA ASN A 26 -6.44 2.83 4.18
C ASN A 26 -5.42 2.08 3.32
N THR A 27 -4.35 2.75 2.90
CA THR A 27 -3.31 2.14 2.10
C THR A 27 -2.08 1.75 2.92
N ILE A 28 -1.40 0.66 2.52
CA ILE A 28 -0.20 0.20 3.18
C ILE A 28 0.91 -0.02 2.15
N PHE A 29 2.16 0.16 2.58
CA PHE A 29 3.32 -0.10 1.73
C PHE A 29 3.92 -1.40 2.24
N VAL A 30 4.55 -2.16 1.34
CA VAL A 30 5.11 -3.47 1.64
C VAL A 30 6.51 -3.62 1.07
N GLN A 31 7.36 -4.40 1.76
CA GLN A 31 8.73 -4.63 1.32
C GLN A 31 9.08 -6.10 1.53
N GLY A 32 9.97 -6.63 0.70
CA GLY A 32 10.53 -7.97 0.90
C GLY A 32 9.80 -9.04 0.08
N LEU A 33 8.85 -8.63 -0.77
CA LEU A 33 8.05 -9.55 -1.57
C LEU A 33 8.93 -10.48 -2.40
N GLY A 34 9.79 -9.88 -3.22
CA GLY A 34 10.60 -10.61 -4.18
C GLY A 34 9.87 -10.73 -5.51
N GLU A 35 10.50 -11.40 -6.48
CA GLU A 35 10.03 -11.49 -7.85
C GLU A 35 8.88 -12.50 -7.99
N ASN A 36 8.63 -13.30 -6.95
CA ASN A 36 7.64 -14.36 -7.01
C ASN A 36 6.23 -13.82 -6.76
N VAL A 37 6.10 -12.50 -6.55
CA VAL A 37 4.84 -11.88 -6.19
C VAL A 37 4.19 -11.15 -7.36
N THR A 38 2.87 -11.01 -7.30
CA THR A 38 2.08 -10.38 -8.37
C THR A 38 0.78 -9.89 -7.75
N ILE A 39 0.01 -9.08 -8.48
CA ILE A 39 -1.21 -8.43 -7.99
C ILE A 39 -2.15 -9.42 -7.32
N GLU A 40 -2.27 -10.62 -7.89
CA GLU A 40 -3.17 -11.62 -7.34
C GLU A 40 -2.63 -12.20 -6.04
N SER A 41 -1.29 -12.22 -5.89
CA SER A 41 -0.65 -12.78 -4.73
C SER A 41 -0.78 -11.84 -3.52
N VAL A 42 -0.46 -10.55 -3.72
CA VAL A 42 -0.53 -9.55 -2.66
C VAL A 42 -1.97 -9.43 -2.17
N ALA A 43 -2.92 -9.18 -3.06
CA ALA A 43 -4.31 -9.01 -2.67
C ALA A 43 -4.82 -10.27 -1.96
N ASP A 44 -4.41 -11.45 -2.41
CA ASP A 44 -4.83 -12.70 -1.79
C ASP A 44 -4.08 -12.95 -0.47
N TYR A 45 -2.98 -12.21 -0.26
CA TYR A 45 -2.16 -12.35 0.93
C TYR A 45 -2.54 -11.36 2.02
N PHE A 46 -3.09 -10.21 1.61
CA PHE A 46 -3.50 -9.14 2.51
C PHE A 46 -4.98 -9.18 2.88
N LYS A 47 -5.79 -9.84 2.05
CA LYS A 47 -7.25 -9.82 2.21
C LYS A 47 -7.69 -10.48 3.51
N GLN A 48 -6.81 -11.30 4.10
CA GLN A 48 -7.13 -12.00 5.34
C GLN A 48 -7.35 -11.04 6.50
N ILE A 49 -6.81 -9.81 6.40
CA ILE A 49 -7.02 -8.81 7.44
C ILE A 49 -8.30 -8.03 7.17
N GLY A 50 -8.69 -7.94 5.89
CA GLY A 50 -9.87 -7.21 5.45
C GLY A 50 -9.83 -7.07 3.94
N ILE A 51 -10.93 -6.61 3.36
CA ILE A 51 -11.09 -6.58 1.92
C ILE A 51 -10.14 -5.58 1.27
N ILE A 52 -9.50 -6.00 0.17
CA ILE A 52 -8.64 -5.11 -0.61
C ILE A 52 -9.51 -4.18 -1.45
N LYS A 53 -9.14 -2.90 -1.52
CA LYS A 53 -9.88 -1.93 -2.30
C LYS A 53 -9.72 -2.22 -3.80
N THR A 54 -10.75 -1.88 -4.58
CA THR A 54 -10.75 -2.12 -6.02
C THR A 54 -11.11 -0.87 -6.81
N ASN A 55 -10.34 -0.56 -7.86
CA ASN A 55 -10.61 0.58 -8.69
C ASN A 55 -11.84 0.29 -9.56
N LYS A 56 -12.58 1.35 -9.91
CA LYS A 56 -13.87 1.22 -10.58
C LYS A 56 -13.73 1.00 -12.09
N LYS A 57 -12.51 1.09 -12.64
CA LYS A 57 -12.34 0.97 -14.08
C LYS A 57 -11.11 0.16 -14.50
N THR A 58 -10.26 -0.24 -13.54
CA THR A 58 -9.11 -1.09 -13.85
C THR A 58 -9.41 -2.58 -13.75
N GLY A 59 -10.46 -2.95 -13.02
CA GLY A 59 -10.90 -4.34 -12.94
C GLY A 59 -9.97 -5.18 -12.08
N GLN A 60 -9.11 -4.54 -11.28
CA GLN A 60 -8.15 -5.23 -10.43
C GLN A 60 -8.04 -4.51 -9.08
N PRO A 61 -7.57 -5.19 -8.03
CA PRO A 61 -7.34 -4.58 -6.74
C PRO A 61 -6.29 -3.47 -6.88
N MET A 62 -6.33 -2.49 -5.98
CA MET A 62 -5.46 -1.33 -6.05
C MET A 62 -4.06 -1.66 -5.56
N ILE A 63 -3.29 -2.34 -6.42
CA ILE A 63 -1.94 -2.77 -6.11
C ILE A 63 -0.99 -2.48 -7.28
N ASN A 64 0.30 -2.31 -6.97
CA ASN A 64 1.35 -2.22 -7.96
C ASN A 64 2.65 -2.75 -7.35
N LEU A 65 3.34 -3.64 -8.05
CA LEU A 65 4.62 -4.18 -7.59
C LEU A 65 5.74 -3.29 -8.13
N TYR A 66 6.55 -2.73 -7.25
CA TYR A 66 7.60 -1.81 -7.64
C TYR A 66 8.90 -2.51 -8.02
N THR A 67 9.76 -1.81 -8.76
CA THR A 67 10.94 -2.42 -9.35
C THR A 67 12.18 -1.56 -9.16
N ASP A 68 13.34 -2.19 -9.32
CA ASP A 68 14.61 -1.49 -9.36
C ASP A 68 14.76 -0.72 -10.66
N ARG A 69 14.88 0.61 -10.59
CA ARG A 69 14.95 1.44 -11.78
C ARG A 69 16.31 1.32 -12.47
N GLU A 70 17.22 0.57 -11.84
CA GLU A 70 18.57 0.36 -12.37
C GLU A 70 18.67 -0.93 -13.19
N THR A 71 17.62 -1.75 -13.22
CA THR A 71 17.70 -3.04 -13.91
C THR A 71 16.33 -3.45 -14.46
N GLY A 72 15.25 -2.93 -13.88
CA GLY A 72 13.90 -3.12 -14.42
C GLY A 72 13.24 -4.42 -13.95
N LYS A 73 13.54 -4.85 -12.72
CA LYS A 73 12.92 -6.05 -12.16
C LYS A 73 12.49 -5.81 -10.70
N LEU A 74 11.67 -6.71 -10.17
CA LEU A 74 11.07 -6.57 -8.85
C LEU A 74 12.12 -6.18 -7.81
N LYS A 75 11.86 -5.05 -7.14
CA LYS A 75 12.68 -4.56 -6.04
C LYS A 75 12.26 -5.25 -4.74
N GLY A 76 11.03 -5.78 -4.73
CA GLY A 76 10.44 -6.38 -3.56
C GLY A 76 9.48 -5.43 -2.85
N GLU A 77 9.31 -4.22 -3.39
CA GLU A 77 8.36 -3.25 -2.87
C GLU A 77 7.00 -3.40 -3.54
N ALA A 78 5.94 -3.06 -2.82
CA ALA A 78 4.59 -3.05 -3.35
C ALA A 78 3.71 -2.15 -2.46
N THR A 79 2.53 -1.80 -2.96
CA THR A 79 1.57 -1.00 -2.21
C THR A 79 0.15 -1.54 -2.36
N VAL A 80 -0.49 -1.87 -1.23
CA VAL A 80 -1.81 -2.50 -1.21
C VAL A 80 -2.80 -1.55 -0.55
N SER A 81 -3.91 -1.23 -1.23
CA SER A 81 -4.94 -0.40 -0.63
C SER A 81 -6.06 -1.28 -0.07
N PHE A 82 -6.41 -1.07 1.21
CA PHE A 82 -7.56 -1.72 1.81
C PHE A 82 -8.86 -0.99 1.56
N ASP A 83 -9.96 -1.73 1.46
CA ASP A 83 -11.27 -1.12 1.23
C ASP A 83 -11.76 -0.50 2.55
N ASP A 84 -11.14 -0.90 3.66
CA ASP A 84 -11.49 -0.42 4.99
C ASP A 84 -10.25 0.13 5.70
N PRO A 85 -10.35 1.32 6.30
CA PRO A 85 -9.22 1.99 6.91
C PRO A 85 -8.65 1.28 8.16
N PRO A 86 -9.44 0.57 8.98
CA PRO A 86 -8.92 -0.06 10.17
C PRO A 86 -8.19 -1.36 9.82
N SER A 87 -8.44 -1.91 8.63
CA SER A 87 -7.79 -3.14 8.20
C SER A 87 -6.35 -2.85 7.77
N ALA A 88 -6.09 -1.63 7.27
CA ALA A 88 -4.75 -1.23 6.87
C ALA A 88 -3.82 -1.19 8.09
N LYS A 89 -4.27 -0.55 9.17
CA LYS A 89 -3.47 -0.41 10.38
C LYS A 89 -3.15 -1.78 10.98
N ALA A 90 -4.13 -2.68 10.96
CA ALA A 90 -3.96 -4.03 11.49
C ALA A 90 -2.99 -4.83 10.61
N ALA A 91 -3.08 -4.66 9.28
CA ALA A 91 -2.22 -5.40 8.37
C ALA A 91 -0.78 -4.92 8.50
N ILE A 92 -0.58 -3.68 8.95
CA ILE A 92 0.76 -3.17 9.20
C ILE A 92 1.33 -3.82 10.45
N ASP A 93 0.64 -3.67 11.58
CA ASP A 93 1.07 -4.22 12.84
C ASP A 93 1.21 -5.74 12.84
N TRP A 94 0.52 -6.40 11.90
CA TRP A 94 0.52 -7.84 11.79
C TRP A 94 1.58 -8.36 10.82
N PHE A 95 1.53 -7.94 9.56
CA PHE A 95 2.43 -8.47 8.54
C PHE A 95 3.88 -8.03 8.67
N ASP A 96 4.12 -6.82 9.16
CA ASP A 96 5.49 -6.35 9.37
C ASP A 96 6.30 -7.30 10.25
N GLY A 97 7.30 -7.96 9.67
CA GLY A 97 8.23 -8.83 10.41
C GLY A 97 8.03 -10.32 10.11
N LYS A 98 6.90 -10.71 9.50
CA LYS A 98 6.68 -12.11 9.14
C LYS A 98 7.10 -12.34 7.68
N GLU A 99 6.82 -13.53 7.15
CA GLU A 99 7.20 -13.89 5.79
C GLU A 99 6.00 -13.77 4.85
N PHE A 100 6.24 -13.95 3.55
CA PHE A 100 5.19 -13.83 2.54
C PHE A 100 5.18 -15.06 1.62
N SER A 101 6.36 -15.58 1.29
CA SER A 101 6.51 -16.73 0.40
C SER A 101 7.67 -17.60 0.85
N GLY A 102 8.08 -17.45 2.11
CA GLY A 102 9.25 -18.14 2.64
C GLY A 102 10.40 -17.16 2.89
N ASN A 103 10.15 -15.88 2.59
CA ASN A 103 11.10 -14.81 2.81
C ASN A 103 10.47 -13.70 3.66
N PRO A 104 11.25 -13.03 4.51
CA PRO A 104 10.76 -12.01 5.41
C PRO A 104 10.29 -10.77 4.65
N ILE A 105 9.30 -10.07 5.20
CA ILE A 105 8.74 -8.88 4.59
C ILE A 105 8.48 -7.80 5.65
N LYS A 106 8.17 -6.59 5.18
CA LYS A 106 7.81 -5.48 6.06
C LYS A 106 6.58 -4.75 5.54
N VAL A 107 5.88 -4.06 6.44
CA VAL A 107 4.69 -3.31 6.11
C VAL A 107 4.62 -2.03 6.94
N SER A 108 4.05 -0.98 6.34
CA SER A 108 3.89 0.31 6.99
C SER A 108 2.71 1.03 6.33
N PHE A 109 2.30 2.18 6.89
CA PHE A 109 1.34 3.03 6.21
C PHE A 109 1.84 3.47 4.84
N ALA A 110 0.92 3.88 3.96
CA ALA A 110 1.29 4.38 2.65
C ALA A 110 0.64 5.73 2.43
N THR A 111 1.42 6.68 1.91
CA THR A 111 0.95 8.02 1.59
C THR A 111 1.55 8.47 0.27
N ARG A 112 0.73 9.08 -0.60
CA ARG A 112 1.11 9.38 -1.98
C ARG A 112 2.49 10.03 -2.00
N ARG A 113 3.47 9.31 -2.57
CA ARG A 113 4.86 9.74 -2.57
C ARG A 113 5.02 10.93 -3.52
N ALA A 114 4.17 11.01 -4.55
CA ALA A 114 4.26 12.09 -5.53
C ALA A 114 4.00 13.43 -4.87
N ASP A 115 3.14 13.46 -3.85
CA ASP A 115 2.82 14.68 -3.14
C ASP A 115 4.04 15.25 -2.40
N PHE A 116 5.13 14.48 -2.34
CA PHE A 116 6.32 14.87 -1.61
C PHE A 116 7.48 15.27 -2.51
N ASN A 117 7.36 15.08 -3.83
CA ASN A 117 8.42 15.47 -4.75
C ASN A 117 7.93 15.70 -6.18
N ARG A 118 7.02 14.86 -6.68
CA ARG A 118 6.55 14.95 -8.05
C ARG A 118 5.42 15.97 -8.22
N GLY A 119 5.06 16.66 -7.13
CA GLY A 119 3.96 17.61 -7.17
C GLY A 119 2.61 16.89 -7.20
N GLY A 120 2.61 15.59 -6.91
CA GLY A 120 1.40 14.77 -6.92
C GLY A 120 1.15 14.18 -8.31
N GLY A 121 2.04 14.44 -9.27
CA GLY A 121 1.91 13.91 -10.62
C GLY A 121 0.85 14.64 -11.42
N ASN A 122 0.69 14.26 -12.70
CA ASN A 122 -0.28 14.87 -13.59
C ASN A 122 -0.60 13.91 -14.74
N GLY A 123 -1.72 14.17 -15.43
CA GLY A 123 -2.12 13.39 -16.60
C GLY A 123 -3.53 13.80 -17.03
N ARG A 124 -3.76 13.86 -18.34
CA ARG A 124 -5.05 14.28 -18.88
C ARG A 124 -5.36 13.54 -20.18
N GLY A 125 -6.65 13.56 -20.57
CA GLY A 125 -7.11 12.90 -21.78
C GLY A 125 -8.43 13.54 -22.24
N GLY A 126 -8.95 13.12 -23.39
CA GLY A 126 -10.17 13.70 -23.91
C GLY A 126 -10.37 13.42 -25.40
N ARG A 127 -9.78 12.33 -25.91
CA ARG A 127 -9.89 11.98 -27.33
C ARG A 127 -11.36 11.76 -27.69
N GLY A 128 -11.73 12.15 -28.91
CA GLY A 128 -13.10 12.02 -29.39
C GLY A 128 -13.45 10.56 -29.67
N ARG A 129 -14.75 10.29 -29.83
CA ARG A 129 -15.26 8.95 -30.10
C ARG A 129 -16.59 9.04 -30.84
N GLY A 130 -16.85 8.07 -31.72
CA GLY A 130 -18.08 8.03 -32.50
C GLY A 130 -18.06 9.03 -33.66
N GLY A 131 -16.93 9.70 -33.87
CA GLY A 131 -16.78 10.68 -34.94
C GLY A 131 -16.77 10.00 -36.31
N GLY A 1 15.44 9.73 9.92
CA GLY A 1 15.10 8.31 10.15
C GLY A 1 13.59 8.11 10.26
N GLY A 2 13.18 7.13 11.07
CA GLY A 2 11.76 6.83 11.27
C GLY A 2 11.20 6.05 10.08
N PHE A 3 9.88 5.81 10.11
CA PHE A 3 9.20 5.09 9.05
C PHE A 3 9.21 5.78 7.69
N ASN A 4 8.76 7.05 7.68
CA ASN A 4 8.58 7.83 6.47
C ASN A 4 8.63 9.31 6.83
N LYS A 5 8.44 10.19 5.84
CA LYS A 5 8.38 11.63 6.09
C LYS A 5 7.14 12.02 6.89
N PHE A 6 6.21 11.07 7.10
CA PHE A 6 5.06 11.30 7.96
C PHE A 6 5.21 10.49 9.26
N GLY A 7 6.28 9.69 9.37
CA GLY A 7 6.66 9.04 10.62
C GLY A 7 5.96 7.71 10.89
N GLY A 8 5.10 7.22 9.99
CA GLY A 8 4.37 5.99 10.24
C GLY A 8 3.40 6.18 11.41
N PRO A 9 3.00 5.09 12.09
CA PRO A 9 2.12 5.13 13.23
C PRO A 9 2.80 5.73 14.47
N ARG A 10 3.90 6.45 14.27
CA ARG A 10 4.65 7.04 15.38
C ARG A 10 3.94 8.29 15.88
N ASP A 11 3.42 9.10 14.95
CA ASP A 11 2.74 10.33 15.28
C ASP A 11 1.22 10.15 15.35
N GLN A 12 0.77 8.90 15.18
CA GLN A 12 -0.65 8.58 15.19
C GLN A 12 -1.24 8.73 16.60
N GLY A 13 -2.56 8.64 16.69
CA GLY A 13 -3.29 8.82 17.95
C GLY A 13 -3.25 7.57 18.80
N SER A 14 -4.43 7.00 19.08
CA SER A 14 -4.60 5.87 19.98
C SER A 14 -4.20 4.55 19.31
N ARG A 15 -3.34 4.61 18.29
CA ARG A 15 -2.96 3.43 17.51
C ARG A 15 -2.23 2.38 18.36
N HIS A 16 -1.91 2.72 19.61
CA HIS A 16 -1.22 1.83 20.52
C HIS A 16 -2.20 0.92 21.27
N ASP A 17 -3.50 1.14 21.07
CA ASP A 17 -4.54 0.37 21.77
C ASP A 17 -5.78 0.29 20.87
N SER A 18 -5.61 0.47 19.56
CA SER A 18 -6.70 0.38 18.61
C SER A 18 -6.14 0.10 17.22
N GLU A 19 -6.94 -0.57 16.40
CA GLU A 19 -6.57 -0.89 15.03
C GLU A 19 -7.17 0.15 14.08
N GLN A 20 -7.63 1.28 14.62
CA GLN A 20 -8.21 2.37 13.85
C GLN A 20 -7.22 3.53 13.76
N ASP A 21 -7.55 4.66 14.39
CA ASP A 21 -6.71 5.85 14.41
C ASP A 21 -6.22 6.33 13.04
N ASN A 22 -6.97 5.98 11.99
CA ASN A 22 -6.73 6.43 10.64
C ASN A 22 -8.06 6.45 9.88
N SER A 23 -8.10 7.16 8.75
CA SER A 23 -9.32 7.26 7.95
C SER A 23 -9.00 7.57 6.49
N ASP A 24 -7.89 8.27 6.25
CA ASP A 24 -7.44 8.61 4.91
C ASP A 24 -6.20 7.83 4.50
N ASN A 25 -5.93 6.72 5.21
CA ASN A 25 -4.72 5.92 5.04
C ASN A 25 -5.05 4.43 4.97
N ASN A 26 -6.03 4.06 4.14
CA ASN A 26 -6.38 2.65 3.95
C ASN A 26 -5.24 1.93 3.24
N THR A 27 -4.28 2.68 2.69
CA THR A 27 -3.17 2.13 1.95
C THR A 27 -1.98 1.74 2.83
N ILE A 28 -1.30 0.65 2.46
CA ILE A 28 -0.11 0.19 3.16
C ILE A 28 1.01 -0.04 2.14
N PHE A 29 2.24 0.20 2.57
CA PHE A 29 3.41 -0.06 1.73
C PHE A 29 3.99 -1.37 2.24
N VAL A 30 4.58 -2.15 1.35
CA VAL A 30 5.13 -3.46 1.67
C VAL A 30 6.52 -3.64 1.08
N GLN A 31 7.38 -4.39 1.79
CA GLN A 31 8.74 -4.63 1.35
C GLN A 31 9.09 -6.10 1.58
N GLY A 32 9.96 -6.66 0.75
CA GLY A 32 10.50 -8.00 0.95
C GLY A 32 9.76 -9.07 0.14
N LEU A 33 8.82 -8.63 -0.71
CA LEU A 33 8.00 -9.53 -1.52
C LEU A 33 8.88 -10.45 -2.37
N GLY A 34 9.76 -9.84 -3.15
CA GLY A 34 10.57 -10.54 -4.12
C GLY A 34 9.85 -10.64 -5.45
N GLU A 35 10.50 -11.26 -6.43
CA GLU A 35 10.03 -11.33 -7.81
C GLU A 35 8.92 -12.37 -7.99
N ASN A 36 8.68 -13.19 -6.96
CA ASN A 36 7.70 -14.27 -7.05
C ASN A 36 6.28 -13.76 -6.79
N VAL A 37 6.13 -12.45 -6.55
CA VAL A 37 4.85 -11.84 -6.19
C VAL A 37 4.20 -11.12 -7.37
N THR A 38 2.87 -10.97 -7.32
CA THR A 38 2.10 -10.35 -8.40
C THR A 38 0.79 -9.87 -7.77
N ILE A 39 0.02 -9.05 -8.51
CA ILE A 39 -1.20 -8.40 -8.02
C ILE A 39 -2.14 -9.40 -7.34
N GLU A 40 -2.26 -10.60 -7.90
CA GLU A 40 -3.16 -11.60 -7.35
C GLU A 40 -2.61 -12.18 -6.04
N SER A 41 -1.28 -12.21 -5.91
CA SER A 41 -0.64 -12.78 -4.74
C SER A 41 -0.78 -11.83 -3.54
N VAL A 42 -0.44 -10.55 -3.73
CA VAL A 42 -0.50 -9.54 -2.67
C VAL A 42 -1.94 -9.42 -2.18
N ALA A 43 -2.90 -9.17 -3.08
CA ALA A 43 -4.29 -8.99 -2.68
C ALA A 43 -4.82 -10.23 -1.96
N ASP A 44 -4.41 -11.42 -2.42
CA ASP A 44 -4.83 -12.67 -1.81
C ASP A 44 -4.09 -12.93 -0.49
N TYR A 45 -2.99 -12.19 -0.27
CA TYR A 45 -2.18 -12.33 0.92
C TYR A 45 -2.56 -11.33 2.01
N PHE A 46 -3.10 -10.20 1.60
CA PHE A 46 -3.50 -9.12 2.49
C PHE A 46 -4.99 -9.13 2.83
N LYS A 47 -5.81 -9.80 2.01
CA LYS A 47 -7.26 -9.76 2.16
C LYS A 47 -7.72 -10.42 3.45
N GLN A 48 -6.86 -11.26 4.05
CA GLN A 48 -7.19 -11.96 5.28
C GLN A 48 -7.41 -10.99 6.45
N ILE A 49 -6.87 -9.77 6.35
CA ILE A 49 -7.07 -8.77 7.38
C ILE A 49 -8.35 -7.97 7.10
N GLY A 50 -8.74 -7.91 5.82
CA GLY A 50 -9.91 -7.18 5.38
C GLY A 50 -9.86 -7.03 3.87
N ILE A 51 -10.96 -6.57 3.28
CA ILE A 51 -11.11 -6.53 1.84
C ILE A 51 -10.15 -5.52 1.21
N ILE A 52 -9.51 -5.92 0.11
CA ILE A 52 -8.64 -5.04 -0.67
C ILE A 52 -9.51 -4.11 -1.52
N LYS A 53 -9.15 -2.83 -1.59
CA LYS A 53 -9.92 -1.86 -2.37
C LYS A 53 -9.77 -2.15 -3.86
N THR A 54 -10.82 -1.84 -4.63
CA THR A 54 -10.85 -2.09 -6.07
C THR A 54 -11.01 -0.83 -6.90
N ASN A 55 -10.29 -0.75 -8.02
CA ASN A 55 -10.36 0.39 -8.93
C ASN A 55 -11.71 0.36 -9.65
N LYS A 56 -12.27 1.55 -9.91
CA LYS A 56 -13.61 1.68 -10.48
C LYS A 56 -13.64 1.52 -12.00
N LYS A 57 -12.47 1.29 -12.63
CA LYS A 57 -12.41 1.18 -14.08
C LYS A 57 -11.39 0.16 -14.56
N THR A 58 -10.78 -0.61 -13.64
CA THR A 58 -9.84 -1.67 -14.01
C THR A 58 -10.21 -3.04 -13.44
N GLY A 59 -11.06 -3.06 -12.41
CA GLY A 59 -11.62 -4.30 -11.87
C GLY A 59 -10.62 -5.09 -11.02
N GLN A 60 -9.32 -4.80 -11.14
CA GLN A 60 -8.30 -5.42 -10.32
C GLN A 60 -8.17 -4.68 -8.99
N PRO A 61 -7.62 -5.33 -7.96
CA PRO A 61 -7.36 -4.68 -6.70
C PRO A 61 -6.32 -3.58 -6.90
N MET A 62 -6.34 -2.55 -6.04
CA MET A 62 -5.47 -1.40 -6.17
C MET A 62 -4.08 -1.71 -5.64
N ILE A 63 -3.29 -2.39 -6.46
CA ILE A 63 -1.92 -2.79 -6.13
C ILE A 63 -0.98 -2.48 -7.28
N ASN A 64 0.32 -2.34 -6.96
CA ASN A 64 1.37 -2.18 -7.94
C ASN A 64 2.68 -2.71 -7.36
N LEU A 65 3.36 -3.60 -8.09
CA LEU A 65 4.64 -4.13 -7.66
C LEU A 65 5.76 -3.27 -8.24
N TYR A 66 6.59 -2.70 -7.38
CA TYR A 66 7.63 -1.78 -7.80
C TYR A 66 8.92 -2.47 -8.25
N THR A 67 9.72 -1.77 -9.04
CA THR A 67 10.90 -2.37 -9.66
C THR A 67 12.12 -1.48 -9.55
N ASP A 68 13.30 -2.11 -9.39
CA ASP A 68 14.56 -1.41 -9.33
C ASP A 68 14.84 -0.57 -10.59
N ARG A 69 15.38 0.63 -10.41
CA ARG A 69 15.67 1.51 -11.54
C ARG A 69 16.94 1.05 -12.24
N GLU A 70 17.71 0.16 -11.60
CA GLU A 70 19.00 -0.28 -12.10
C GLU A 70 18.90 -1.58 -12.91
N THR A 71 17.72 -2.20 -12.98
CA THR A 71 17.57 -3.47 -13.67
C THR A 71 16.15 -3.62 -14.24
N GLY A 72 15.18 -2.91 -13.67
CA GLY A 72 13.83 -2.86 -14.21
C GLY A 72 12.99 -4.06 -13.79
N LYS A 73 13.38 -4.74 -12.71
CA LYS A 73 12.64 -5.90 -12.21
C LYS A 73 12.31 -5.72 -10.73
N LEU A 74 11.43 -6.58 -10.21
CA LEU A 74 10.92 -6.47 -8.84
C LEU A 74 12.04 -6.15 -7.86
N LYS A 75 11.92 -5.00 -7.19
CA LYS A 75 12.82 -4.62 -6.11
C LYS A 75 12.30 -5.18 -4.77
N GLY A 76 11.14 -5.85 -4.80
CA GLY A 76 10.55 -6.45 -3.62
C GLY A 76 9.59 -5.49 -2.90
N GLU A 77 9.34 -4.32 -3.46
CA GLU A 77 8.40 -3.36 -2.89
C GLU A 77 7.05 -3.42 -3.59
N ALA A 78 5.99 -3.09 -2.84
CA ALA A 78 4.64 -3.06 -3.37
C ALA A 78 3.76 -2.17 -2.48
N THR A 79 2.57 -1.82 -2.97
CA THR A 79 1.62 -1.02 -2.22
C THR A 79 0.20 -1.55 -2.38
N VAL A 80 -0.46 -1.87 -1.26
CA VAL A 80 -1.79 -2.48 -1.26
C VAL A 80 -2.78 -1.53 -0.60
N SER A 81 -3.88 -1.20 -1.30
CA SER A 81 -4.91 -0.36 -0.71
C SER A 81 -6.03 -1.21 -0.14
N PHE A 82 -6.36 -1.02 1.15
CA PHE A 82 -7.51 -1.66 1.76
C PHE A 82 -8.82 -0.93 1.47
N ASP A 83 -9.94 -1.66 1.43
CA ASP A 83 -11.24 -1.05 1.20
C ASP A 83 -11.72 -0.43 2.51
N ASP A 84 -11.10 -0.81 3.63
CA ASP A 84 -11.47 -0.36 4.96
C ASP A 84 -10.26 0.17 5.73
N PRO A 85 -10.39 1.31 6.42
CA PRO A 85 -9.27 1.94 7.12
C PRO A 85 -8.71 1.13 8.29
N PRO A 86 -9.52 0.40 9.08
CA PRO A 86 -9.00 -0.30 10.24
C PRO A 86 -8.25 -1.57 9.83
N SER A 87 -8.47 -2.05 8.61
CA SER A 87 -7.79 -3.24 8.12
C SER A 87 -6.35 -2.90 7.73
N ALA A 88 -6.11 -1.66 7.30
CA ALA A 88 -4.78 -1.21 6.93
C ALA A 88 -3.86 -1.21 8.15
N LYS A 89 -4.32 -0.61 9.26
CA LYS A 89 -3.51 -0.48 10.47
C LYS A 89 -3.21 -1.86 11.05
N ALA A 90 -4.18 -2.77 11.00
CA ALA A 90 -4.01 -4.13 11.48
C ALA A 90 -3.03 -4.90 10.61
N ALA A 91 -3.10 -4.72 9.29
CA ALA A 91 -2.23 -5.42 8.37
C ALA A 91 -0.80 -4.94 8.53
N ILE A 92 -0.60 -3.71 9.01
CA ILE A 92 0.73 -3.20 9.27
C ILE A 92 1.30 -3.87 10.50
N ASP A 93 0.58 -3.76 11.63
CA ASP A 93 1.00 -4.34 12.89
C ASP A 93 1.14 -5.86 12.85
N TRP A 94 0.49 -6.49 11.88
CA TRP A 94 0.50 -7.93 11.74
C TRP A 94 1.56 -8.43 10.76
N PHE A 95 1.49 -8.00 9.51
CA PHE A 95 2.39 -8.50 8.48
C PHE A 95 3.85 -8.06 8.62
N ASP A 96 4.08 -6.86 9.16
CA ASP A 96 5.44 -6.40 9.40
C ASP A 96 6.23 -7.35 10.30
N GLY A 97 7.25 -7.99 9.73
CA GLY A 97 8.16 -8.86 10.49
C GLY A 97 7.97 -10.34 10.16
N LYS A 98 6.86 -10.73 9.51
CA LYS A 98 6.66 -12.13 9.13
C LYS A 98 7.10 -12.33 7.68
N GLU A 99 6.83 -13.52 7.13
CA GLU A 99 7.23 -13.85 5.76
C GLU A 99 6.03 -13.76 4.82
N PHE A 100 6.28 -13.92 3.52
CA PHE A 100 5.25 -13.83 2.49
C PHE A 100 5.30 -15.04 1.58
N SER A 101 6.52 -15.49 1.25
CA SER A 101 6.72 -16.64 0.35
C SER A 101 7.93 -17.44 0.83
N GLY A 102 8.33 -17.24 2.09
CA GLY A 102 9.52 -17.85 2.66
C GLY A 102 10.58 -16.78 2.94
N ASN A 103 10.44 -15.62 2.29
CA ASN A 103 11.30 -14.47 2.54
C ASN A 103 10.58 -13.54 3.52
N PRO A 104 11.31 -12.95 4.47
CA PRO A 104 10.74 -12.00 5.42
C PRO A 104 10.31 -10.72 4.71
N ILE A 105 9.29 -10.05 5.26
CA ILE A 105 8.73 -8.85 4.66
C ILE A 105 8.47 -7.77 5.72
N LYS A 106 8.18 -6.56 5.26
CA LYS A 106 7.82 -5.44 6.12
C LYS A 106 6.60 -4.71 5.59
N VAL A 107 5.88 -4.03 6.48
CA VAL A 107 4.68 -3.29 6.13
C VAL A 107 4.58 -2.02 6.97
N SER A 108 4.02 -0.96 6.38
CA SER A 108 3.82 0.31 7.04
C SER A 108 2.67 1.04 6.36
N PHE A 109 2.24 2.17 6.92
CA PHE A 109 1.31 3.04 6.22
C PHE A 109 1.85 3.50 4.87
N ALA A 110 0.97 3.95 3.99
CA ALA A 110 1.38 4.46 2.70
C ALA A 110 0.73 5.81 2.43
N THR A 111 1.50 6.72 1.85
CA THR A 111 1.05 8.05 1.47
C THR A 111 1.67 8.44 0.14
N ARG A 112 0.87 9.02 -0.76
CA ARG A 112 1.29 9.26 -2.14
C ARG A 112 2.66 9.92 -2.17
N ARG A 113 3.61 9.29 -2.86
CA ARG A 113 4.98 9.81 -2.95
C ARG A 113 4.99 11.09 -3.77
N ALA A 114 4.05 11.19 -4.72
CA ALA A 114 3.99 12.34 -5.60
C ALA A 114 3.74 13.62 -4.81
N ASP A 115 2.98 13.52 -3.72
CA ASP A 115 2.67 14.65 -2.88
C ASP A 115 3.91 15.26 -2.22
N PHE A 116 5.05 14.56 -2.33
CA PHE A 116 6.28 14.99 -1.68
C PHE A 116 7.36 15.45 -2.66
N ASN A 117 7.14 15.25 -3.98
CA ASN A 117 8.12 15.71 -4.96
C ASN A 117 7.49 16.02 -6.33
N ARG A 118 6.55 15.18 -6.79
CA ARG A 118 5.96 15.35 -8.12
C ARG A 118 4.83 16.38 -8.11
N GLY A 119 4.54 16.96 -6.94
CA GLY A 119 3.46 17.93 -6.81
C GLY A 119 2.10 17.24 -6.66
N GLY A 120 2.12 15.91 -6.54
CA GLY A 120 0.91 15.12 -6.37
C GLY A 120 0.19 14.84 -7.69
N GLY A 121 0.68 15.42 -8.78
CA GLY A 121 0.07 15.27 -10.09
C GLY A 121 -1.24 16.07 -10.21
N ASN A 122 -1.86 16.05 -11.39
CA ASN A 122 -3.09 16.76 -11.64
C ASN A 122 -3.97 15.99 -12.63
N GLY A 123 -5.29 16.17 -12.54
CA GLY A 123 -6.24 15.53 -13.43
C GLY A 123 -6.60 16.43 -14.61
N ARG A 124 -7.59 16.02 -15.40
CA ARG A 124 -8.03 16.77 -16.57
C ARG A 124 -9.47 16.39 -16.93
N GLY A 125 -10.12 17.21 -17.75
CA GLY A 125 -11.47 16.92 -18.22
C GLY A 125 -11.44 15.81 -19.26
N GLY A 126 -12.51 15.01 -19.31
CA GLY A 126 -12.62 13.91 -20.25
C GLY A 126 -13.17 14.38 -21.59
N ARG A 127 -12.84 13.65 -22.66
CA ARG A 127 -13.36 13.93 -24.00
C ARG A 127 -14.80 13.47 -24.12
N GLY A 128 -15.51 13.96 -25.14
CA GLY A 128 -16.89 13.57 -25.40
C GLY A 128 -16.97 12.17 -25.99
N ARG A 129 -18.20 11.66 -26.15
CA ARG A 129 -18.45 10.35 -26.72
C ARG A 129 -19.83 10.32 -27.36
N GLY A 130 -20.03 9.47 -28.38
CA GLY A 130 -21.29 9.33 -29.07
C GLY A 130 -21.33 8.04 -29.87
N GLY A 131 -22.39 7.85 -30.67
CA GLY A 131 -22.55 6.66 -31.51
C GLY A 131 -21.57 6.69 -32.67
N GLY A 1 17.11 6.85 7.74
CA GLY A 1 16.23 5.73 8.13
C GLY A 1 14.96 6.25 8.79
N GLY A 2 14.34 5.41 9.63
CA GLY A 2 13.10 5.77 10.31
C GLY A 2 11.91 5.71 9.36
N PHE A 3 10.75 6.15 9.85
CA PHE A 3 9.53 6.17 9.05
C PHE A 3 9.52 7.22 7.94
N ASN A 4 8.43 7.23 7.17
CA ASN A 4 8.22 8.17 6.07
C ASN A 4 8.09 9.60 6.60
N LYS A 5 7.84 10.55 5.69
CA LYS A 5 7.72 11.96 6.05
C LYS A 5 6.51 12.24 6.94
N PHE A 6 5.59 11.28 7.07
CA PHE A 6 4.46 11.43 7.98
C PHE A 6 4.75 10.74 9.32
N GLY A 7 5.85 9.98 9.40
CA GLY A 7 6.36 9.44 10.65
C GLY A 7 5.81 8.08 11.07
N GLY A 8 5.04 7.40 10.22
CA GLY A 8 4.49 6.09 10.61
C GLY A 8 3.52 6.22 11.78
N PRO A 9 3.14 5.10 12.41
CA PRO A 9 2.29 5.09 13.59
C PRO A 9 3.02 5.60 14.84
N ARG A 10 4.09 6.37 14.66
CA ARG A 10 4.97 6.78 15.75
C ARG A 10 4.31 7.90 16.57
N ASP A 11 3.40 8.65 15.94
CA ASP A 11 2.68 9.74 16.59
C ASP A 11 1.20 9.74 16.22
N GLN A 12 0.71 8.57 15.78
CA GLN A 12 -0.67 8.40 15.36
C GLN A 12 -1.66 8.62 16.49
N GLY A 13 -1.17 8.78 17.73
CA GLY A 13 -2.03 9.03 18.87
C GLY A 13 -2.40 7.73 19.58
N SER A 14 -3.70 7.39 19.57
CA SER A 14 -4.23 6.26 20.32
C SER A 14 -3.92 4.90 19.68
N ARG A 15 -2.89 4.81 18.82
CA ARG A 15 -2.57 3.56 18.13
C ARG A 15 -2.09 2.48 19.09
N HIS A 16 -1.92 2.81 20.37
CA HIS A 16 -1.50 1.85 21.39
C HIS A 16 -2.71 1.20 22.07
N ASP A 17 -3.91 1.77 21.87
CA ASP A 17 -5.15 1.28 22.46
C ASP A 17 -6.27 1.03 21.46
N SER A 18 -5.97 1.15 20.16
CA SER A 18 -6.97 0.94 19.12
C SER A 18 -6.30 0.46 17.84
N GLU A 19 -7.05 -0.32 17.06
CA GLU A 19 -6.59 -0.81 15.76
C GLU A 19 -6.94 0.20 14.65
N GLN A 20 -7.58 1.33 15.03
CA GLN A 20 -7.97 2.35 14.08
C GLN A 20 -6.87 3.39 13.94
N ASP A 21 -6.84 4.36 14.86
CA ASP A 21 -5.89 5.47 14.91
C ASP A 21 -5.70 6.20 13.58
N ASN A 22 -6.61 6.03 12.62
CA ASN A 22 -6.48 6.62 11.30
C ASN A 22 -7.89 6.83 10.72
N SER A 23 -8.01 7.65 9.68
CA SER A 23 -9.29 7.88 9.02
C SER A 23 -9.09 8.33 7.58
N ASP A 24 -8.02 9.10 7.32
CA ASP A 24 -7.70 9.57 5.97
C ASP A 24 -6.78 8.60 5.23
N ASN A 25 -6.51 7.43 5.82
CA ASN A 25 -5.60 6.45 5.26
C ASN A 25 -6.31 5.12 5.09
N ASN A 26 -6.00 4.42 3.99
CA ASN A 26 -6.59 3.13 3.67
C ASN A 26 -5.56 2.25 2.97
N THR A 27 -4.28 2.61 3.05
CA THR A 27 -3.23 1.96 2.25
C THR A 27 -2.00 1.58 3.06
N ILE A 28 -1.32 0.51 2.63
CA ILE A 28 -0.11 0.05 3.29
C ILE A 28 1.00 -0.16 2.27
N PHE A 29 2.24 0.10 2.69
CA PHE A 29 3.41 -0.12 1.85
C PHE A 29 4.00 -1.45 2.32
N VAL A 30 4.58 -2.23 1.40
CA VAL A 30 5.14 -3.53 1.71
C VAL A 30 6.54 -3.69 1.15
N GLN A 31 7.39 -4.44 1.85
CA GLN A 31 8.76 -4.69 1.42
C GLN A 31 9.11 -6.16 1.66
N GLY A 32 10.00 -6.72 0.83
CA GLY A 32 10.52 -8.07 1.02
C GLY A 32 9.77 -9.10 0.16
N LEU A 33 8.87 -8.64 -0.71
CA LEU A 33 8.05 -9.50 -1.56
C LEU A 33 8.93 -10.41 -2.41
N GLY A 34 9.81 -9.80 -3.19
CA GLY A 34 10.62 -10.51 -4.17
C GLY A 34 9.89 -10.58 -5.52
N GLU A 35 10.52 -11.23 -6.49
CA GLU A 35 10.01 -11.31 -7.85
C GLU A 35 8.89 -12.35 -8.01
N ASN A 36 8.68 -13.17 -6.98
CA ASN A 36 7.70 -14.26 -7.03
C ASN A 36 6.28 -13.73 -6.78
N VAL A 37 6.14 -12.43 -6.56
CA VAL A 37 4.87 -11.81 -6.21
C VAL A 37 4.22 -11.09 -7.39
N THR A 38 2.89 -10.94 -7.34
CA THR A 38 2.11 -10.31 -8.41
C THR A 38 0.80 -9.83 -7.78
N ILE A 39 0.04 -9.02 -8.51
CA ILE A 39 -1.19 -8.38 -8.03
C ILE A 39 -2.12 -9.38 -7.34
N GLU A 40 -2.23 -10.59 -7.89
CA GLU A 40 -3.13 -11.60 -7.35
C GLU A 40 -2.58 -12.18 -6.06
N SER A 41 -1.25 -12.20 -5.90
CA SER A 41 -0.61 -12.79 -4.74
C SER A 41 -0.74 -11.85 -3.54
N VAL A 42 -0.42 -10.56 -3.73
CA VAL A 42 -0.48 -9.56 -2.66
C VAL A 42 -1.93 -9.45 -2.17
N ALA A 43 -2.88 -9.21 -3.07
CA ALA A 43 -4.28 -9.04 -2.68
C ALA A 43 -4.79 -10.30 -1.96
N ASP A 44 -4.36 -11.48 -2.41
CA ASP A 44 -4.78 -12.74 -1.80
C ASP A 44 -4.04 -12.98 -0.48
N TYR A 45 -2.95 -12.26 -0.26
CA TYR A 45 -2.14 -12.39 0.93
C TYR A 45 -2.53 -11.40 2.02
N PHE A 46 -3.07 -10.26 1.60
CA PHE A 46 -3.48 -9.19 2.50
C PHE A 46 -4.96 -9.20 2.86
N LYS A 47 -5.77 -9.88 2.04
CA LYS A 47 -7.22 -9.85 2.20
C LYS A 47 -7.67 -10.50 3.49
N GLN A 48 -6.81 -11.32 4.09
CA GLN A 48 -7.13 -12.01 5.33
C GLN A 48 -7.35 -11.04 6.49
N ILE A 49 -6.81 -9.81 6.39
CA ILE A 49 -7.01 -8.79 7.41
C ILE A 49 -8.29 -8.01 7.14
N GLY A 50 -8.67 -7.94 5.86
CA GLY A 50 -9.84 -7.21 5.41
C GLY A 50 -9.82 -7.08 3.90
N ILE A 51 -10.92 -6.63 3.32
CA ILE A 51 -11.08 -6.61 1.88
C ILE A 51 -10.13 -5.61 1.23
N ILE A 52 -9.49 -6.02 0.14
CA ILE A 52 -8.63 -5.15 -0.64
C ILE A 52 -9.48 -4.19 -1.46
N LYS A 53 -9.07 -2.92 -1.53
CA LYS A 53 -9.79 -1.92 -2.29
C LYS A 53 -9.67 -2.22 -3.78
N THR A 54 -10.66 -1.77 -4.57
CA THR A 54 -10.73 -2.07 -5.99
C THR A 54 -10.93 -0.85 -6.88
N ASN A 55 -10.21 -0.79 -8.00
CA ASN A 55 -10.34 0.29 -8.95
C ASN A 55 -11.62 0.12 -9.77
N LYS A 56 -12.35 1.22 -10.00
CA LYS A 56 -13.62 1.18 -10.70
C LYS A 56 -13.46 1.04 -12.21
N LYS A 57 -12.28 1.37 -12.74
CA LYS A 57 -12.03 1.34 -14.17
C LYS A 57 -11.31 0.05 -14.57
N THR A 58 -10.24 -0.30 -13.84
CA THR A 58 -9.41 -1.45 -14.16
C THR A 58 -9.94 -2.76 -13.57
N GLY A 59 -10.77 -2.68 -12.53
CA GLY A 59 -11.45 -3.85 -11.96
C GLY A 59 -10.53 -4.72 -11.10
N GLN A 60 -9.20 -4.55 -11.22
CA GLN A 60 -8.26 -5.28 -10.39
C GLN A 60 -8.12 -4.58 -9.03
N PRO A 61 -7.62 -5.28 -8.01
CA PRO A 61 -7.37 -4.68 -6.72
C PRO A 61 -6.33 -3.57 -6.86
N MET A 62 -6.38 -2.58 -5.97
CA MET A 62 -5.54 -1.39 -6.04
C MET A 62 -4.13 -1.68 -5.53
N ILE A 63 -3.34 -2.37 -6.37
CA ILE A 63 -1.98 -2.75 -6.03
C ILE A 63 -1.03 -2.37 -7.16
N ASN A 64 0.27 -2.28 -6.83
CA ASN A 64 1.32 -2.08 -7.80
C ASN A 64 2.64 -2.59 -7.25
N LEU A 65 3.31 -3.48 -7.99
CA LEU A 65 4.60 -4.00 -7.59
C LEU A 65 5.69 -3.11 -8.16
N TYR A 66 6.53 -2.56 -7.29
CA TYR A 66 7.60 -1.66 -7.71
C TYR A 66 8.77 -2.42 -8.32
N THR A 67 9.63 -1.70 -9.03
CA THR A 67 10.79 -2.32 -9.68
C THR A 67 12.03 -1.46 -9.51
N ASP A 68 13.19 -2.12 -9.62
CA ASP A 68 14.49 -1.48 -9.60
C ASP A 68 14.75 -0.69 -10.88
N ARG A 69 15.22 0.55 -10.72
CA ARG A 69 15.50 1.43 -11.85
C ARG A 69 16.86 1.09 -12.49
N GLU A 70 17.62 0.19 -11.86
CA GLU A 70 18.95 -0.18 -12.33
C GLU A 70 18.94 -1.47 -13.15
N THR A 71 17.79 -2.14 -13.23
CA THR A 71 17.74 -3.42 -13.93
C THR A 71 16.34 -3.68 -14.51
N GLY A 72 15.30 -3.07 -13.95
CA GLY A 72 13.96 -3.11 -14.51
C GLY A 72 13.15 -4.30 -14.04
N LYS A 73 13.54 -4.93 -12.92
CA LYS A 73 12.80 -6.06 -12.36
C LYS A 73 12.32 -5.74 -10.94
N LEU A 74 11.54 -6.65 -10.35
CA LEU A 74 10.95 -6.44 -9.02
C LEU A 74 12.01 -6.01 -8.02
N LYS A 75 11.78 -4.85 -7.39
CA LYS A 75 12.61 -4.33 -6.31
C LYS A 75 12.30 -5.08 -5.02
N GLY A 76 11.16 -5.78 -4.99
CA GLY A 76 10.73 -6.52 -3.81
C GLY A 76 9.81 -5.66 -2.94
N GLU A 77 9.29 -4.56 -3.49
CA GLU A 77 8.39 -3.68 -2.76
C GLU A 77 7.06 -3.54 -3.51
N ALA A 78 6.01 -3.20 -2.77
CA ALA A 78 4.67 -3.04 -3.32
C ALA A 78 3.82 -2.16 -2.41
N THR A 79 2.61 -1.82 -2.85
CA THR A 79 1.65 -1.08 -2.04
C THR A 79 0.25 -1.65 -2.25
N VAL A 80 -0.45 -1.95 -1.16
CA VAL A 80 -1.77 -2.58 -1.19
C VAL A 80 -2.77 -1.64 -0.53
N SER A 81 -3.88 -1.33 -1.21
CA SER A 81 -4.91 -0.50 -0.61
C SER A 81 -6.03 -1.39 -0.07
N PHE A 82 -6.46 -1.12 1.16
CA PHE A 82 -7.61 -1.76 1.78
C PHE A 82 -8.91 -1.01 1.55
N ASP A 83 -10.03 -1.73 1.41
CA ASP A 83 -11.32 -1.10 1.20
C ASP A 83 -11.79 -0.44 2.50
N ASP A 84 -11.17 -0.81 3.62
CA ASP A 84 -11.52 -0.33 4.94
C ASP A 84 -10.28 0.26 5.65
N PRO A 85 -10.41 1.44 6.26
CA PRO A 85 -9.28 2.14 6.86
C PRO A 85 -8.66 1.41 8.07
N PRO A 86 -9.44 0.70 8.92
CA PRO A 86 -8.88 0.05 10.09
C PRO A 86 -8.15 -1.24 9.73
N SER A 87 -8.44 -1.80 8.55
CA SER A 87 -7.79 -3.04 8.11
C SER A 87 -6.34 -2.76 7.70
N ALA A 88 -6.07 -1.54 7.22
CA ALA A 88 -4.72 -1.16 6.84
C ALA A 88 -3.81 -1.16 8.06
N LYS A 89 -4.26 -0.54 9.16
CA LYS A 89 -3.46 -0.44 10.37
C LYS A 89 -3.17 -1.83 10.95
N ALA A 90 -4.15 -2.72 10.91
CA ALA A 90 -4.00 -4.06 11.44
C ALA A 90 -3.02 -4.87 10.59
N ALA A 91 -3.07 -4.69 9.27
CA ALA A 91 -2.19 -5.42 8.36
C ALA A 91 -0.75 -4.94 8.54
N ILE A 92 -0.56 -3.71 9.02
CA ILE A 92 0.77 -3.21 9.31
C ILE A 92 1.32 -3.86 10.57
N ASP A 93 0.57 -3.73 11.67
CA ASP A 93 0.97 -4.32 12.95
C ASP A 93 1.12 -5.83 12.91
N TRP A 94 0.48 -6.47 11.92
CA TRP A 94 0.48 -7.91 11.79
C TRP A 94 1.56 -8.42 10.84
N PHE A 95 1.51 -8.00 9.56
CA PHE A 95 2.42 -8.52 8.55
C PHE A 95 3.87 -8.09 8.71
N ASP A 96 4.11 -6.89 9.22
CA ASP A 96 5.47 -6.43 9.45
C ASP A 96 6.26 -7.38 10.35
N GLY A 97 7.27 -8.06 9.78
CA GLY A 97 8.16 -8.93 10.53
C GLY A 97 7.99 -10.40 10.19
N LYS A 98 6.86 -10.79 9.57
CA LYS A 98 6.65 -12.18 9.17
C LYS A 98 7.09 -12.39 7.72
N GLU A 99 6.81 -13.56 7.15
CA GLU A 99 7.20 -13.89 5.78
C GLU A 99 6.00 -13.78 4.84
N PHE A 100 6.25 -13.94 3.54
CA PHE A 100 5.22 -13.82 2.52
C PHE A 100 5.25 -15.04 1.59
N SER A 101 6.46 -15.52 1.28
CA SER A 101 6.65 -16.67 0.40
C SER A 101 7.84 -17.49 0.86
N GLY A 102 8.26 -17.27 2.12
CA GLY A 102 9.44 -17.89 2.69
C GLY A 102 10.51 -16.83 2.98
N ASN A 103 10.40 -15.68 2.31
CA ASN A 103 11.27 -14.54 2.56
C ASN A 103 10.57 -13.61 3.55
N PRO A 104 11.30 -13.02 4.52
CA PRO A 104 10.74 -12.09 5.47
C PRO A 104 10.31 -10.80 4.78
N ILE A 105 9.29 -10.12 5.33
CA ILE A 105 8.74 -8.92 4.72
C ILE A 105 8.46 -7.85 5.78
N LYS A 106 8.17 -6.63 5.30
CA LYS A 106 7.84 -5.51 6.17
C LYS A 106 6.63 -4.76 5.64
N VAL A 107 5.92 -4.07 6.55
CA VAL A 107 4.74 -3.31 6.21
C VAL A 107 4.65 -2.04 7.05
N SER A 108 4.09 -0.98 6.46
CA SER A 108 3.90 0.30 7.12
C SER A 108 2.72 1.02 6.46
N PHE A 109 2.28 2.14 7.03
CA PHE A 109 1.31 2.99 6.35
C PHE A 109 1.79 3.44 4.98
N ALA A 110 0.86 3.76 4.10
CA ALA A 110 1.18 4.29 2.79
C ALA A 110 0.46 5.61 2.60
N THR A 111 1.19 6.60 2.09
CA THR A 111 0.66 7.94 1.84
C THR A 111 1.11 8.42 0.47
N ARG A 112 0.17 8.95 -0.33
CA ARG A 112 0.40 9.25 -1.73
C ARG A 112 1.72 9.99 -1.91
N ARG A 113 2.67 9.34 -2.59
CA ARG A 113 4.03 9.87 -2.73
C ARG A 113 3.98 11.09 -3.65
N ALA A 114 3.08 11.08 -4.63
CA ALA A 114 2.97 12.16 -5.60
C ALA A 114 2.56 13.46 -4.92
N ASP A 115 1.80 13.37 -3.84
CA ASP A 115 1.35 14.55 -3.11
C ASP A 115 2.52 15.29 -2.43
N PHE A 116 3.70 14.67 -2.42
CA PHE A 116 4.86 15.27 -1.77
C PHE A 116 5.87 15.86 -2.75
N ASN A 117 5.71 15.62 -4.06
CA ASN A 117 6.64 16.15 -5.04
C ASN A 117 6.03 16.31 -6.44
N ARG A 118 5.24 15.35 -6.90
CA ARG A 118 4.70 15.37 -8.25
C ARG A 118 3.49 16.29 -8.37
N GLY A 119 2.98 16.79 -7.26
CA GLY A 119 1.76 17.58 -7.25
C GLY A 119 0.52 16.69 -7.22
N GLY A 120 0.74 15.40 -6.90
CA GLY A 120 -0.34 14.42 -6.81
C GLY A 120 -0.66 13.81 -8.17
N GLY A 121 -1.59 12.86 -8.20
CA GLY A 121 -1.97 12.16 -9.42
C GLY A 121 -2.84 13.04 -10.32
N ASN A 122 -2.96 12.65 -11.60
CA ASN A 122 -3.74 13.38 -12.58
C ASN A 122 -4.08 12.49 -13.77
N GLY A 123 -4.89 13.01 -14.70
CA GLY A 123 -5.27 12.28 -15.91
C GLY A 123 -5.85 13.22 -16.95
N ARG A 124 -6.13 12.68 -18.14
CA ARG A 124 -6.68 13.46 -19.25
C ARG A 124 -8.17 13.70 -19.06
N GLY A 125 -8.76 14.55 -19.91
CA GLY A 125 -10.17 14.86 -19.84
C GLY A 125 -11.01 13.71 -20.39
N GLY A 126 -12.30 13.70 -20.06
CA GLY A 126 -13.23 12.67 -20.51
C GLY A 126 -13.69 12.92 -21.93
N ARG A 127 -14.65 12.11 -22.41
CA ARG A 127 -15.20 12.21 -23.75
C ARG A 127 -16.66 11.75 -23.73
N GLY A 128 -17.48 12.33 -24.61
CA GLY A 128 -18.89 11.99 -24.69
C GLY A 128 -19.09 10.63 -25.37
N ARG A 129 -20.28 10.05 -25.18
CA ARG A 129 -20.64 8.77 -25.80
C ARG A 129 -22.16 8.64 -25.87
N GLY A 130 -22.62 7.72 -26.72
CA GLY A 130 -24.04 7.48 -26.91
C GLY A 130 -24.28 6.40 -27.96
N GLY A 131 -25.56 6.07 -28.19
CA GLY A 131 -25.94 5.06 -29.16
C GLY A 131 -25.73 5.57 -30.59
N GLY A 1 15.89 8.70 12.91
CA GLY A 1 15.27 7.77 11.96
C GLY A 1 13.77 7.66 12.18
N GLY A 2 13.05 7.16 11.17
CA GLY A 2 11.60 7.01 11.24
C GLY A 2 11.07 6.22 10.06
N PHE A 3 9.77 5.93 10.08
CA PHE A 3 9.12 5.16 9.03
C PHE A 3 9.15 5.83 7.65
N ASN A 4 8.73 7.09 7.61
CA ASN A 4 8.55 7.85 6.38
C ASN A 4 8.61 9.34 6.71
N LYS A 5 8.42 10.20 5.70
CA LYS A 5 8.39 11.64 5.93
C LYS A 5 7.15 12.06 6.72
N PHE A 6 6.21 11.13 6.95
CA PHE A 6 5.05 11.38 7.81
C PHE A 6 5.19 10.61 9.13
N GLY A 7 6.23 9.79 9.25
CA GLY A 7 6.62 9.16 10.51
C GLY A 7 5.92 7.84 10.83
N GLY A 8 5.07 7.32 9.93
CA GLY A 8 4.37 6.06 10.21
C GLY A 8 3.42 6.21 11.40
N PRO A 9 3.08 5.10 12.07
CA PRO A 9 2.23 5.11 13.26
C PRO A 9 2.99 5.64 14.49
N ARG A 10 3.76 6.70 14.32
CA ARG A 10 4.54 7.29 15.42
C ARG A 10 3.74 8.37 16.14
N ASP A 11 2.79 8.97 15.45
CA ASP A 11 1.97 10.04 15.99
C ASP A 11 0.52 9.92 15.49
N GLN A 12 0.14 8.71 15.07
CA GLN A 12 -1.17 8.45 14.47
C GLN A 12 -2.29 8.71 15.46
N GLY A 13 -1.97 8.69 16.77
CA GLY A 13 -2.96 8.84 17.81
C GLY A 13 -2.98 7.60 18.71
N SER A 14 -4.18 7.09 18.98
CA SER A 14 -4.38 5.98 19.91
C SER A 14 -4.05 4.63 19.24
N ARG A 15 -3.26 4.65 18.15
CA ARG A 15 -2.97 3.46 17.36
C ARG A 15 -2.23 2.39 18.18
N HIS A 16 -1.83 2.71 19.41
CA HIS A 16 -1.12 1.78 20.27
C HIS A 16 -2.10 0.89 21.03
N ASP A 17 -3.36 1.32 21.13
CA ASP A 17 -4.42 0.59 21.84
C ASP A 17 -5.66 0.33 20.99
N SER A 18 -5.64 0.77 19.73
CA SER A 18 -6.77 0.63 18.83
C SER A 18 -6.29 0.37 17.40
N GLU A 19 -7.09 -0.34 16.62
CA GLU A 19 -6.78 -0.70 15.25
C GLU A 19 -7.26 0.38 14.27
N GLN A 20 -7.83 1.47 14.77
CA GLN A 20 -8.35 2.53 13.93
C GLN A 20 -7.33 3.68 13.84
N ASP A 21 -7.65 4.83 14.45
CA ASP A 21 -6.80 6.01 14.45
C ASP A 21 -6.37 6.50 13.07
N ASN A 22 -7.05 6.02 12.02
CA ASN A 22 -6.78 6.44 10.65
C ASN A 22 -8.10 6.36 9.86
N SER A 23 -8.16 7.06 8.72
CA SER A 23 -9.32 7.03 7.86
C SER A 23 -8.93 7.44 6.44
N ASP A 24 -7.97 8.35 6.33
CA ASP A 24 -7.40 8.79 5.05
C ASP A 24 -6.17 7.97 4.64
N ASN A 25 -5.86 6.93 5.42
CA ASN A 25 -4.67 6.12 5.24
C ASN A 25 -5.01 4.63 5.21
N ASN A 26 -6.07 4.28 4.47
CA ASN A 26 -6.49 2.91 4.28
C ASN A 26 -5.49 2.12 3.41
N THR A 27 -4.37 2.76 3.03
CA THR A 27 -3.36 2.14 2.19
C THR A 27 -2.11 1.76 2.98
N ILE A 28 -1.44 0.67 2.58
CA ILE A 28 -0.22 0.21 3.22
C ILE A 28 0.86 0.00 2.17
N PHE A 29 2.13 0.19 2.58
CA PHE A 29 3.27 -0.07 1.72
C PHE A 29 3.87 -1.38 2.22
N VAL A 30 4.49 -2.14 1.32
CA VAL A 30 5.04 -3.45 1.63
C VAL A 30 6.43 -3.61 1.04
N GLN A 31 7.29 -4.37 1.72
CA GLN A 31 8.65 -4.60 1.27
C GLN A 31 9.01 -6.07 1.51
N GLY A 32 9.90 -6.62 0.67
CA GLY A 32 10.44 -7.96 0.86
C GLY A 32 9.72 -9.03 0.04
N LEU A 33 8.77 -8.61 -0.82
CA LEU A 33 7.97 -9.50 -1.63
C LEU A 33 8.84 -10.43 -2.47
N GLY A 34 9.71 -9.82 -3.28
CA GLY A 34 10.53 -10.55 -4.24
C GLY A 34 9.79 -10.68 -5.56
N GLU A 35 10.43 -11.34 -6.53
CA GLU A 35 9.94 -11.44 -7.90
C GLU A 35 8.81 -12.47 -8.03
N ASN A 36 8.56 -13.26 -6.99
CA ASN A 36 7.58 -14.33 -7.04
C ASN A 36 6.16 -13.80 -6.81
N VAL A 37 6.02 -12.48 -6.59
CA VAL A 37 4.76 -11.87 -6.23
C VAL A 37 4.09 -11.16 -7.41
N THR A 38 2.78 -11.00 -7.35
CA THR A 38 1.99 -10.36 -8.40
C THR A 38 0.70 -9.86 -7.77
N ILE A 39 -0.07 -9.05 -8.51
CA ILE A 39 -1.28 -8.39 -8.01
C ILE A 39 -2.22 -9.37 -7.32
N GLU A 40 -2.36 -10.57 -7.89
CA GLU A 40 -3.26 -11.57 -7.34
C GLU A 40 -2.69 -12.16 -6.04
N SER A 41 -1.37 -12.19 -5.90
CA SER A 41 -0.72 -12.76 -4.73
C SER A 41 -0.86 -11.81 -3.53
N VAL A 42 -0.52 -10.54 -3.72
CA VAL A 42 -0.58 -9.53 -2.66
C VAL A 42 -2.03 -9.39 -2.17
N ALA A 43 -2.98 -9.14 -3.06
CA ALA A 43 -4.37 -8.97 -2.66
C ALA A 43 -4.88 -10.22 -1.95
N ASP A 44 -4.48 -11.41 -2.40
CA ASP A 44 -4.89 -12.66 -1.79
C ASP A 44 -4.14 -12.91 -0.48
N TYR A 45 -3.04 -12.18 -0.26
CA TYR A 45 -2.21 -12.32 0.92
C TYR A 45 -2.60 -11.34 2.02
N PHE A 46 -3.14 -10.19 1.60
CA PHE A 46 -3.54 -9.13 2.51
C PHE A 46 -5.01 -9.15 2.88
N LYS A 47 -5.84 -9.81 2.05
CA LYS A 47 -7.29 -9.78 2.21
C LYS A 47 -7.73 -10.45 3.51
N GLN A 48 -6.86 -11.27 4.10
CA GLN A 48 -7.17 -11.97 5.34
C GLN A 48 -7.38 -11.01 6.51
N ILE A 49 -6.84 -9.79 6.40
CA ILE A 49 -7.04 -8.77 7.42
C ILE A 49 -8.31 -7.97 7.16
N GLY A 50 -8.72 -7.93 5.89
CA GLY A 50 -9.90 -7.19 5.45
C GLY A 50 -9.87 -7.04 3.94
N ILE A 51 -10.98 -6.60 3.37
CA ILE A 51 -11.15 -6.57 1.92
C ILE A 51 -10.20 -5.55 1.27
N ILE A 52 -9.57 -5.95 0.16
CA ILE A 52 -8.71 -5.07 -0.60
C ILE A 52 -9.58 -4.13 -1.45
N LYS A 53 -9.22 -2.85 -1.51
CA LYS A 53 -9.98 -1.87 -2.28
C LYS A 53 -9.79 -2.09 -3.78
N THR A 54 -10.84 -1.84 -4.57
CA THR A 54 -10.80 -1.97 -6.02
C THR A 54 -10.81 -0.62 -6.74
N ASN A 55 -10.05 -0.52 -7.84
CA ASN A 55 -9.95 0.73 -8.58
C ASN A 55 -11.21 1.03 -9.39
N LYS A 56 -12.08 0.02 -9.56
CA LYS A 56 -13.34 0.13 -10.30
C LYS A 56 -13.17 0.55 -11.76
N LYS A 57 -11.94 0.63 -12.27
CA LYS A 57 -11.71 1.04 -13.66
C LYS A 57 -10.70 0.13 -14.37
N THR A 58 -9.75 -0.43 -13.62
CA THR A 58 -8.75 -1.35 -14.18
C THR A 58 -9.20 -2.80 -13.99
N GLY A 59 -10.25 -3.02 -13.19
CA GLY A 59 -10.81 -4.35 -13.00
C GLY A 59 -9.94 -5.21 -12.09
N GLN A 60 -9.07 -4.58 -11.30
CA GLN A 60 -8.17 -5.28 -10.39
C GLN A 60 -8.06 -4.52 -9.07
N PRO A 61 -7.60 -5.18 -7.99
CA PRO A 61 -7.37 -4.54 -6.72
C PRO A 61 -6.33 -3.43 -6.88
N MET A 62 -6.37 -2.44 -5.98
CA MET A 62 -5.48 -1.28 -6.04
C MET A 62 -4.09 -1.64 -5.56
N ILE A 63 -3.33 -2.33 -6.42
CA ILE A 63 -1.97 -2.76 -6.11
C ILE A 63 -1.03 -2.48 -7.28
N ASN A 64 0.27 -2.41 -6.99
CA ASN A 64 1.31 -2.33 -7.99
C ASN A 64 2.62 -2.83 -7.37
N LEU A 65 3.33 -3.70 -8.08
CA LEU A 65 4.62 -4.20 -7.61
C LEU A 65 5.72 -3.32 -8.21
N TYR A 66 6.51 -2.68 -7.33
CA TYR A 66 7.54 -1.75 -7.76
C TYR A 66 8.84 -2.44 -8.17
N THR A 67 9.67 -1.75 -8.94
CA THR A 67 10.84 -2.36 -9.55
C THR A 67 12.07 -1.50 -9.38
N ASP A 68 13.24 -2.15 -9.46
CA ASP A 68 14.52 -1.47 -9.47
C ASP A 68 14.75 -0.69 -10.76
N ARG A 69 15.10 0.59 -10.62
CA ARG A 69 15.35 1.46 -11.78
C ARG A 69 16.70 1.16 -12.41
N GLU A 70 17.50 0.29 -11.77
CA GLU A 70 18.83 -0.04 -12.22
C GLU A 70 18.88 -1.36 -13.00
N THR A 71 17.75 -2.08 -13.07
CA THR A 71 17.75 -3.39 -13.75
C THR A 71 16.37 -3.67 -14.35
N GLY A 72 15.31 -3.04 -13.83
CA GLY A 72 13.98 -3.11 -14.44
C GLY A 72 13.20 -4.35 -13.99
N LYS A 73 13.51 -4.88 -12.80
CA LYS A 73 12.80 -6.05 -12.26
C LYS A 73 12.38 -5.79 -10.81
N LEU A 74 11.57 -6.68 -10.26
CA LEU A 74 10.96 -6.51 -8.92
C LEU A 74 12.01 -6.09 -7.90
N LYS A 75 11.74 -4.95 -7.25
CA LYS A 75 12.55 -4.43 -6.16
C LYS A 75 12.15 -5.12 -4.86
N GLY A 76 10.97 -5.73 -4.85
CA GLY A 76 10.40 -6.36 -3.67
C GLY A 76 9.45 -5.41 -2.93
N GLU A 77 9.25 -4.21 -3.48
CA GLU A 77 8.30 -3.25 -2.92
C GLU A 77 6.94 -3.36 -3.59
N ALA A 78 5.88 -3.02 -2.85
CA ALA A 78 4.52 -3.01 -3.37
C ALA A 78 3.64 -2.12 -2.49
N THR A 79 2.46 -1.75 -2.99
CA THR A 79 1.50 -0.97 -2.21
C THR A 79 0.08 -1.51 -2.35
N VAL A 80 -0.55 -1.84 -1.22
CA VAL A 80 -1.87 -2.48 -1.20
C VAL A 80 -2.87 -1.54 -0.52
N SER A 81 -3.95 -1.18 -1.21
CA SER A 81 -4.98 -0.36 -0.59
C SER A 81 -6.10 -1.22 -0.04
N PHE A 82 -6.44 -1.03 1.24
CA PHE A 82 -7.59 -1.69 1.86
C PHE A 82 -8.89 -0.96 1.62
N ASP A 83 -10.00 -1.70 1.52
CA ASP A 83 -11.31 -1.10 1.30
C ASP A 83 -11.78 -0.48 2.63
N ASP A 84 -11.16 -0.89 3.73
CA ASP A 84 -11.49 -0.41 5.06
C ASP A 84 -10.24 0.08 5.80
N PRO A 85 -10.30 1.26 6.44
CA PRO A 85 -9.15 1.86 7.08
C PRO A 85 -8.63 1.09 8.31
N PRO A 86 -9.46 0.41 9.12
CA PRO A 86 -8.96 -0.28 10.30
C PRO A 86 -8.23 -1.55 9.91
N SER A 87 -8.47 -2.06 8.71
CA SER A 87 -7.80 -3.26 8.23
C SER A 87 -6.37 -2.94 7.80
N ALA A 88 -6.14 -1.71 7.35
CA ALA A 88 -4.80 -1.28 6.96
C ALA A 88 -3.88 -1.24 8.17
N LYS A 89 -4.33 -0.63 9.27
CA LYS A 89 -3.51 -0.49 10.46
C LYS A 89 -3.19 -1.86 11.07
N ALA A 90 -4.16 -2.77 11.01
CA ALA A 90 -3.98 -4.12 11.51
C ALA A 90 -2.99 -4.89 10.64
N ALA A 91 -3.08 -4.71 9.32
CA ALA A 91 -2.21 -5.40 8.39
C ALA A 91 -0.77 -4.92 8.54
N ILE A 92 -0.58 -3.69 9.02
CA ILE A 92 0.75 -3.17 9.27
C ILE A 92 1.33 -3.84 10.52
N ASP A 93 0.62 -3.74 11.63
CA ASP A 93 1.05 -4.33 12.90
C ASP A 93 1.20 -5.84 12.84
N TRP A 94 0.53 -6.47 11.88
CA TRP A 94 0.54 -7.91 11.73
C TRP A 94 1.61 -8.41 10.76
N PHE A 95 1.53 -7.98 9.50
CA PHE A 95 2.43 -8.48 8.46
C PHE A 95 3.87 -8.05 8.60
N ASP A 96 4.11 -6.84 9.13
CA ASP A 96 5.47 -6.37 9.34
C ASP A 96 6.28 -7.32 10.24
N GLY A 97 7.29 -7.97 9.65
CA GLY A 97 8.21 -8.82 10.40
C GLY A 97 8.02 -10.32 10.08
N LYS A 98 6.90 -10.71 9.47
CA LYS A 98 6.69 -12.11 9.09
C LYS A 98 7.11 -12.33 7.65
N GLU A 99 6.84 -13.51 7.09
CA GLU A 99 7.22 -13.86 5.73
C GLU A 99 6.02 -13.73 4.79
N PHE A 100 6.26 -13.90 3.49
CA PHE A 100 5.20 -13.78 2.48
C PHE A 100 5.22 -14.99 1.56
N SER A 101 6.42 -15.49 1.22
CA SER A 101 6.59 -16.65 0.36
C SER A 101 7.77 -17.49 0.82
N GLY A 102 8.24 -17.24 2.05
CA GLY A 102 9.42 -17.91 2.60
C GLY A 102 10.50 -16.90 2.96
N ASN A 103 10.42 -15.70 2.38
CA ASN A 103 11.32 -14.60 2.71
C ASN A 103 10.59 -13.60 3.61
N PRO A 104 11.32 -12.92 4.51
CA PRO A 104 10.75 -11.95 5.43
C PRO A 104 10.29 -10.70 4.67
N ILE A 105 9.27 -10.02 5.21
CA ILE A 105 8.71 -8.83 4.59
C ILE A 105 8.42 -7.76 5.64
N LYS A 106 8.12 -6.55 5.18
CA LYS A 106 7.78 -5.42 6.03
C LYS A 106 6.55 -4.69 5.52
N VAL A 107 5.85 -4.01 6.42
CA VAL A 107 4.65 -3.26 6.10
C VAL A 107 4.57 -2.00 6.93
N SER A 108 4.02 -0.94 6.34
CA SER A 108 3.84 0.35 7.00
C SER A 108 2.66 1.08 6.34
N PHE A 109 2.26 2.22 6.91
CA PHE A 109 1.31 3.08 6.23
C PHE A 109 1.83 3.53 4.87
N ALA A 110 0.92 3.97 3.99
CA ALA A 110 1.29 4.46 2.68
C ALA A 110 0.61 5.78 2.41
N THR A 111 1.38 6.72 1.84
CA THR A 111 0.87 8.05 1.48
C THR A 111 1.46 8.47 0.14
N ARG A 112 0.62 9.02 -0.74
CA ARG A 112 0.98 9.28 -2.13
C ARG A 112 2.34 9.95 -2.21
N ARG A 113 3.29 9.31 -2.90
CA ARG A 113 4.66 9.80 -3.01
C ARG A 113 4.67 11.06 -3.87
N ALA A 114 3.72 11.16 -4.81
CA ALA A 114 3.66 12.29 -5.71
C ALA A 114 3.45 13.60 -4.94
N ASP A 115 2.70 13.55 -3.84
CA ASP A 115 2.40 14.73 -3.06
C ASP A 115 3.68 15.26 -2.39
N PHE A 116 4.78 14.51 -2.48
CA PHE A 116 6.04 14.89 -1.85
C PHE A 116 7.10 15.35 -2.83
N ASN A 117 6.87 15.17 -4.15
CA ASN A 117 7.82 15.66 -5.15
C ASN A 117 7.17 16.01 -6.49
N ARG A 118 6.20 15.20 -6.94
CA ARG A 118 5.57 15.41 -8.24
C ARG A 118 4.44 16.43 -8.15
N GLY A 119 4.16 16.94 -6.94
CA GLY A 119 3.09 17.90 -6.73
C GLY A 119 1.74 17.20 -6.54
N GLY A 120 1.74 15.87 -6.52
CA GLY A 120 0.54 15.08 -6.31
C GLY A 120 -0.36 15.05 -7.55
N GLY A 121 0.07 15.69 -8.64
CA GLY A 121 -0.71 15.77 -9.87
C GLY A 121 -0.56 14.49 -10.70
N ASN A 122 -1.51 14.28 -11.62
CA ASN A 122 -1.53 13.12 -12.49
C ASN A 122 -2.19 13.46 -13.83
N GLY A 123 -2.09 12.56 -14.81
CA GLY A 123 -2.67 12.76 -16.13
C GLY A 123 -4.19 12.57 -16.10
N ARG A 124 -4.84 12.98 -17.19
CA ARG A 124 -6.30 12.87 -17.31
C ARG A 124 -6.71 12.81 -18.78
N GLY A 125 -8.02 12.77 -19.01
CA GLY A 125 -8.60 12.61 -20.34
C GLY A 125 -10.12 12.76 -20.25
N GLY A 126 -10.83 12.28 -21.27
CA GLY A 126 -12.29 12.35 -21.29
C GLY A 126 -12.84 12.20 -22.71
N ARG A 127 -11.96 12.08 -23.70
CA ARG A 127 -12.34 11.94 -25.10
C ARG A 127 -11.26 11.13 -25.84
N GLY A 128 -11.67 10.37 -26.86
CA GLY A 128 -10.78 9.47 -27.57
C GLY A 128 -9.60 10.22 -28.18
N ARG A 129 -8.45 9.56 -28.26
CA ARG A 129 -7.23 10.14 -28.82
C ARG A 129 -7.41 10.38 -30.32
N GLY A 130 -6.75 11.43 -30.83
CA GLY A 130 -6.81 11.77 -32.25
C GLY A 130 -6.00 13.03 -32.54
N GLY A 131 -5.99 13.45 -33.81
CA GLY A 131 -5.26 14.63 -34.24
C GLY A 131 -3.75 14.37 -34.22
N GLY A 1 16.96 5.74 7.09
CA GLY A 1 15.93 4.71 7.28
C GLY A 1 14.75 5.26 8.07
N GLY A 2 14.12 4.40 8.87
CA GLY A 2 12.97 4.78 9.67
C GLY A 2 11.70 4.89 8.82
N PHE A 3 10.62 5.40 9.41
CA PHE A 3 9.35 5.56 8.72
C PHE A 3 9.36 6.68 7.67
N ASN A 4 8.23 6.86 6.98
CA ASN A 4 8.07 7.88 5.95
C ASN A 4 8.11 9.28 6.57
N LYS A 5 7.89 10.30 5.74
CA LYS A 5 7.95 11.69 6.18
C LYS A 5 6.88 12.00 7.24
N PHE A 6 5.84 11.15 7.33
CA PHE A 6 4.79 11.35 8.31
C PHE A 6 5.05 10.52 9.57
N GLY A 7 6.12 9.71 9.54
CA GLY A 7 6.62 9.02 10.72
C GLY A 7 5.94 7.69 11.03
N GLY A 8 5.10 7.17 10.12
CA GLY A 8 4.46 5.87 10.35
C GLY A 8 3.44 5.98 11.48
N PRO A 9 3.04 4.84 12.06
CA PRO A 9 2.14 4.78 13.20
C PRO A 9 2.81 5.29 14.49
N ARG A 10 3.68 6.29 14.39
CA ARG A 10 4.37 6.85 15.54
C ARG A 10 3.55 7.97 16.16
N ASP A 11 2.94 8.80 15.31
CA ASP A 11 2.16 9.95 15.75
C ASP A 11 0.67 9.74 15.44
N GLN A 12 0.29 8.49 15.18
CA GLN A 12 -1.05 8.17 14.71
C GLN A 12 -2.10 8.41 15.79
N GLY A 13 -1.68 8.40 17.07
CA GLY A 13 -2.61 8.56 18.17
C GLY A 13 -2.68 7.29 19.01
N SER A 14 -3.90 6.82 19.29
CA SER A 14 -4.14 5.69 20.18
C SER A 14 -3.86 4.34 19.49
N ARG A 15 -3.07 4.35 18.42
CA ARG A 15 -2.82 3.16 17.60
C ARG A 15 -2.11 2.05 18.39
N HIS A 16 -1.72 2.33 19.64
CA HIS A 16 -1.03 1.36 20.47
C HIS A 16 -2.02 0.48 21.24
N ASP A 17 -3.27 0.94 21.37
CA ASP A 17 -4.33 0.22 22.07
C ASP A 17 -5.57 -0.04 21.21
N SER A 18 -5.51 0.38 19.94
CA SER A 18 -6.61 0.24 19.01
C SER A 18 -6.05 0.13 17.59
N GLU A 19 -6.81 -0.46 16.69
CA GLU A 19 -6.38 -0.67 15.31
C GLU A 19 -7.04 0.33 14.35
N GLN A 20 -7.62 1.41 14.90
CA GLN A 20 -8.18 2.47 14.10
C GLN A 20 -7.17 3.63 14.03
N ASP A 21 -7.48 4.75 14.71
CA ASP A 21 -6.60 5.92 14.75
C ASP A 21 -6.21 6.48 13.39
N ASN A 22 -6.90 6.04 12.33
CA ASN A 22 -6.70 6.53 10.98
C ASN A 22 -8.04 6.50 10.25
N SER A 23 -8.23 7.38 9.27
CA SER A 23 -9.48 7.45 8.52
C SER A 23 -9.27 8.08 7.15
N ASP A 24 -8.35 9.04 7.06
CA ASP A 24 -7.95 9.62 5.78
C ASP A 24 -6.98 8.72 5.01
N ASN A 25 -6.75 7.51 5.55
CA ASN A 25 -5.84 6.54 4.98
C ASN A 25 -6.54 5.18 4.90
N ASN A 26 -6.17 4.40 3.89
CA ASN A 26 -6.70 3.05 3.70
C ASN A 26 -5.69 2.23 2.91
N THR A 27 -4.40 2.58 3.01
CA THR A 27 -3.36 1.98 2.19
C THR A 27 -2.11 1.61 2.99
N ILE A 28 -1.40 0.56 2.55
CA ILE A 28 -0.18 0.09 3.21
C ILE A 28 0.93 -0.12 2.19
N PHE A 29 2.17 0.13 2.59
CA PHE A 29 3.34 -0.13 1.77
C PHE A 29 3.92 -1.45 2.26
N VAL A 30 4.56 -2.20 1.37
CA VAL A 30 5.12 -3.50 1.69
C VAL A 30 6.53 -3.66 1.14
N GLN A 31 7.38 -4.41 1.86
CA GLN A 31 8.75 -4.67 1.47
C GLN A 31 9.06 -6.15 1.68
N GLY A 32 9.96 -6.71 0.87
CA GLY A 32 10.47 -8.06 1.07
C GLY A 32 9.72 -9.10 0.23
N LEU A 33 8.83 -8.63 -0.66
CA LEU A 33 8.02 -9.49 -1.50
C LEU A 33 8.89 -10.43 -2.32
N GLY A 34 9.81 -9.84 -3.09
CA GLY A 34 10.63 -10.55 -4.04
C GLY A 34 9.93 -10.62 -5.40
N GLU A 35 10.58 -11.25 -6.37
CA GLU A 35 10.12 -11.31 -7.75
C GLU A 35 9.00 -12.35 -7.95
N ASN A 36 8.76 -13.18 -6.94
CA ASN A 36 7.78 -14.25 -7.04
C ASN A 36 6.35 -13.73 -6.82
N VAL A 37 6.21 -12.42 -6.54
CA VAL A 37 4.94 -11.82 -6.20
C VAL A 37 4.28 -11.10 -7.39
N THR A 38 2.96 -10.94 -7.34
CA THR A 38 2.18 -10.33 -8.41
C THR A 38 0.87 -9.86 -7.80
N ILE A 39 0.10 -9.05 -8.54
CA ILE A 39 -1.14 -8.42 -8.06
C ILE A 39 -2.07 -9.41 -7.40
N GLU A 40 -2.18 -10.62 -7.96
CA GLU A 40 -3.06 -11.64 -7.41
C GLU A 40 -2.52 -12.21 -6.11
N SER A 41 -1.18 -12.23 -5.96
CA SER A 41 -0.55 -12.79 -4.78
C SER A 41 -0.71 -11.86 -3.59
N VAL A 42 -0.37 -10.57 -3.77
CA VAL A 42 -0.44 -9.57 -2.71
C VAL A 42 -1.90 -9.45 -2.22
N ALA A 43 -2.85 -9.22 -3.13
CA ALA A 43 -4.23 -9.05 -2.73
C ALA A 43 -4.75 -10.30 -2.03
N ASP A 44 -4.34 -11.49 -2.49
CA ASP A 44 -4.75 -12.75 -1.87
C ASP A 44 -4.01 -12.99 -0.56
N TYR A 45 -2.92 -12.25 -0.34
CA TYR A 45 -2.11 -12.39 0.86
C TYR A 45 -2.50 -11.40 1.95
N PHE A 46 -3.06 -10.26 1.53
CA PHE A 46 -3.47 -9.19 2.43
C PHE A 46 -4.96 -9.21 2.78
N LYS A 47 -5.77 -9.89 1.95
CA LYS A 47 -7.22 -9.86 2.09
C LYS A 47 -7.68 -10.53 3.38
N GLN A 48 -6.81 -11.36 3.98
CA GLN A 48 -7.14 -12.06 5.21
C GLN A 48 -7.37 -11.10 6.37
N ILE A 49 -6.84 -9.87 6.29
CA ILE A 49 -7.05 -8.87 7.32
C ILE A 49 -8.34 -8.09 7.03
N GLY A 50 -8.76 -8.06 5.77
CA GLY A 50 -9.92 -7.34 5.31
C GLY A 50 -9.85 -7.14 3.81
N ILE A 51 -10.91 -6.62 3.22
CA ILE A 51 -11.04 -6.52 1.78
C ILE A 51 -10.02 -5.55 1.19
N ILE A 52 -9.42 -5.96 0.07
CA ILE A 52 -8.54 -5.09 -0.70
C ILE A 52 -9.40 -4.13 -1.53
N LYS A 53 -9.07 -2.84 -1.53
CA LYS A 53 -9.84 -1.85 -2.27
C LYS A 53 -9.75 -2.13 -3.77
N THR A 54 -10.89 -2.11 -4.46
CA THR A 54 -10.94 -2.27 -5.91
C THR A 54 -10.84 -0.94 -6.64
N ASN A 55 -10.12 -0.92 -7.77
CA ASN A 55 -10.01 0.26 -8.60
C ASN A 55 -11.37 0.56 -9.24
N LYS A 56 -11.62 1.83 -9.56
CA LYS A 56 -12.92 2.28 -10.01
C LYS A 56 -13.23 1.83 -11.44
N LYS A 57 -12.22 1.52 -12.25
CA LYS A 57 -12.46 1.19 -13.66
C LYS A 57 -11.49 0.15 -14.22
N THR A 58 -10.40 -0.14 -13.53
CA THR A 58 -9.48 -1.20 -13.98
C THR A 58 -9.88 -2.58 -13.48
N GLY A 59 -10.78 -2.63 -12.48
CA GLY A 59 -11.40 -3.86 -12.00
C GLY A 59 -10.47 -4.72 -11.13
N GLN A 60 -9.16 -4.49 -11.21
CA GLN A 60 -8.19 -5.18 -10.38
C GLN A 60 -8.13 -4.53 -9.00
N PRO A 61 -7.59 -5.23 -7.99
CA PRO A 61 -7.31 -4.63 -6.70
C PRO A 61 -6.26 -3.54 -6.87
N MET A 62 -6.29 -2.54 -5.99
CA MET A 62 -5.40 -1.39 -6.08
C MET A 62 -4.00 -1.73 -5.57
N ILE A 63 -3.21 -2.37 -6.43
CA ILE A 63 -1.85 -2.78 -6.10
C ILE A 63 -0.88 -2.42 -7.23
N ASN A 64 0.39 -2.23 -6.88
CA ASN A 64 1.45 -2.00 -7.84
C ASN A 64 2.76 -2.55 -7.29
N LEU A 65 3.39 -3.48 -8.01
CA LEU A 65 4.67 -4.04 -7.62
C LEU A 65 5.79 -3.17 -8.20
N TYR A 66 6.64 -2.63 -7.32
CA TYR A 66 7.72 -1.76 -7.75
C TYR A 66 8.90 -2.53 -8.31
N THR A 67 9.77 -1.84 -9.05
CA THR A 67 10.93 -2.46 -9.69
C THR A 67 12.17 -1.59 -9.55
N ASP A 68 13.33 -2.25 -9.57
CA ASP A 68 14.62 -1.59 -9.59
C ASP A 68 14.82 -0.75 -10.85
N ARG A 69 15.34 0.47 -10.72
CA ARG A 69 15.55 1.34 -11.87
C ARG A 69 16.81 0.92 -12.63
N GLU A 70 17.63 0.06 -12.02
CA GLU A 70 18.91 -0.34 -12.57
C GLU A 70 18.82 -1.62 -13.39
N THR A 71 17.65 -2.27 -13.41
CA THR A 71 17.51 -3.54 -14.13
C THR A 71 16.08 -3.71 -14.65
N GLY A 72 15.11 -3.04 -14.01
CA GLY A 72 13.74 -3.02 -14.49
C GLY A 72 12.93 -4.23 -14.01
N LYS A 73 13.40 -4.94 -12.97
CA LYS A 73 12.70 -6.09 -12.44
C LYS A 73 12.33 -5.86 -10.97
N LEU A 74 11.50 -6.75 -10.42
CA LEU A 74 10.96 -6.61 -9.07
C LEU A 74 12.05 -6.23 -8.07
N LYS A 75 11.83 -5.09 -7.39
CA LYS A 75 12.68 -4.63 -6.32
C LYS A 75 12.33 -5.37 -5.03
N GLY A 76 11.11 -5.91 -4.96
CA GLY A 76 10.63 -6.61 -3.78
C GLY A 76 9.75 -5.70 -2.92
N GLU A 77 9.27 -4.59 -3.49
CA GLU A 77 8.39 -3.67 -2.79
C GLU A 77 7.06 -3.55 -3.51
N ALA A 78 6.00 -3.18 -2.77
CA ALA A 78 4.67 -3.03 -3.34
C ALA A 78 3.81 -2.13 -2.44
N THR A 79 2.63 -1.75 -2.92
CA THR A 79 1.65 -1.02 -2.12
C THR A 79 0.26 -1.61 -2.31
N VAL A 80 -0.42 -1.93 -1.21
CA VAL A 80 -1.74 -2.57 -1.23
C VAL A 80 -2.74 -1.64 -0.57
N SER A 81 -3.87 -1.36 -1.24
CA SER A 81 -4.91 -0.55 -0.63
C SER A 81 -6.02 -1.42 -0.07
N PHE A 82 -6.43 -1.14 1.17
CA PHE A 82 -7.58 -1.78 1.79
C PHE A 82 -8.88 -1.03 1.56
N ASP A 83 -10.00 -1.76 1.50
CA ASP A 83 -11.30 -1.14 1.31
C ASP A 83 -11.71 -0.41 2.60
N ASP A 84 -11.12 -0.82 3.73
CA ASP A 84 -11.46 -0.29 5.04
C ASP A 84 -10.22 0.25 5.77
N PRO A 85 -10.32 1.43 6.40
CA PRO A 85 -9.20 2.08 7.05
C PRO A 85 -8.61 1.28 8.23
N PRO A 86 -9.42 0.59 9.06
CA PRO A 86 -8.89 -0.10 10.22
C PRO A 86 -8.21 -1.41 9.83
N SER A 87 -8.45 -1.89 8.61
CA SER A 87 -7.83 -3.12 8.13
C SER A 87 -6.39 -2.84 7.72
N ALA A 88 -6.11 -1.62 7.26
CA ALA A 88 -4.76 -1.23 6.88
C ALA A 88 -3.85 -1.20 8.10
N LYS A 89 -4.32 -0.63 9.22
CA LYS A 89 -3.54 -0.53 10.43
C LYS A 89 -3.23 -1.91 11.00
N ALA A 90 -4.21 -2.81 10.94
CA ALA A 90 -4.04 -4.16 11.44
C ALA A 90 -3.07 -4.95 10.57
N ALA A 91 -3.13 -4.76 9.24
CA ALA A 91 -2.26 -5.47 8.33
C ALA A 91 -0.82 -4.99 8.51
N ILE A 92 -0.63 -3.76 8.99
CA ILE A 92 0.71 -3.25 9.27
C ILE A 92 1.27 -3.94 10.50
N ASP A 93 0.55 -3.81 11.63
CA ASP A 93 0.97 -4.42 12.89
C ASP A 93 1.09 -5.93 12.84
N TRP A 94 0.42 -6.56 11.88
CA TRP A 94 0.42 -8.00 11.73
C TRP A 94 1.50 -8.49 10.77
N PHE A 95 1.46 -8.04 9.52
CA PHE A 95 2.39 -8.53 8.50
C PHE A 95 3.84 -8.09 8.67
N ASP A 96 4.06 -6.87 9.18
CA ASP A 96 5.41 -6.41 9.43
C ASP A 96 6.20 -7.36 10.35
N GLY A 97 7.22 -8.03 9.79
CA GLY A 97 8.11 -8.89 10.55
C GLY A 97 7.93 -10.38 10.23
N LYS A 98 6.82 -10.77 9.59
CA LYS A 98 6.63 -12.16 9.19
C LYS A 98 7.10 -12.36 7.76
N GLU A 99 6.84 -13.53 7.18
CA GLU A 99 7.25 -13.85 5.82
C GLU A 99 6.07 -13.74 4.86
N PHE A 100 6.34 -13.85 3.56
CA PHE A 100 5.30 -13.75 2.53
C PHE A 100 5.35 -14.97 1.61
N SER A 101 6.55 -15.44 1.29
CA SER A 101 6.74 -16.60 0.42
C SER A 101 7.92 -17.45 0.90
N GLY A 102 8.48 -17.08 2.06
CA GLY A 102 9.63 -17.77 2.62
C GLY A 102 10.68 -16.76 3.10
N ASN A 103 10.64 -15.56 2.54
CA ASN A 103 11.51 -14.46 2.96
C ASN A 103 10.73 -13.49 3.84
N PRO A 104 11.40 -12.83 4.80
CA PRO A 104 10.78 -11.88 5.70
C PRO A 104 10.31 -10.64 4.94
N ILE A 105 9.27 -9.98 5.45
CA ILE A 105 8.71 -8.80 4.81
C ILE A 105 8.38 -7.72 5.84
N LYS A 106 8.13 -6.51 5.36
CA LYS A 106 7.75 -5.38 6.20
C LYS A 106 6.53 -4.66 5.66
N VAL A 107 5.81 -3.97 6.54
CA VAL A 107 4.62 -3.24 6.19
C VAL A 107 4.49 -1.96 7.00
N SER A 108 3.91 -0.91 6.40
CA SER A 108 3.68 0.37 7.04
C SER A 108 2.53 1.08 6.33
N PHE A 109 2.07 2.22 6.86
CA PHE A 109 1.10 3.03 6.14
C PHE A 109 1.62 3.51 4.79
N ALA A 110 0.70 3.75 3.86
CA ALA A 110 1.05 4.28 2.55
C ALA A 110 0.28 5.57 2.29
N THR A 111 0.97 6.57 1.74
CA THR A 111 0.40 7.86 1.44
C THR A 111 0.97 8.40 0.13
N ARG A 112 0.13 9.01 -0.70
CA ARG A 112 0.52 9.44 -2.04
C ARG A 112 1.89 10.12 -2.02
N ARG A 113 2.88 9.45 -2.58
CA ARG A 113 4.28 9.90 -2.51
C ARG A 113 4.45 11.15 -3.38
N ALA A 114 3.68 11.24 -4.46
CA ALA A 114 3.79 12.36 -5.38
C ALA A 114 3.44 13.67 -4.69
N ASP A 115 2.54 13.62 -3.72
CA ASP A 115 2.13 14.81 -2.99
C ASP A 115 3.27 15.43 -2.19
N PHE A 116 4.41 14.74 -2.11
CA PHE A 116 5.53 15.20 -1.29
C PHE A 116 6.72 15.67 -2.13
N ASN A 117 6.68 15.48 -3.46
CA ASN A 117 7.78 15.94 -4.31
C ASN A 117 7.34 16.26 -5.74
N ARG A 118 6.47 15.43 -6.34
CA ARG A 118 6.06 15.63 -7.72
C ARG A 118 4.96 16.68 -7.84
N GLY A 119 4.43 17.12 -6.70
CA GLY A 119 3.29 18.04 -6.69
C GLY A 119 1.98 17.27 -6.82
N GLY A 120 2.04 15.95 -6.63
CA GLY A 120 0.88 15.08 -6.70
C GLY A 120 0.63 14.60 -8.12
N GLY A 121 -0.40 13.77 -8.29
CA GLY A 121 -0.74 13.19 -9.59
C GLY A 121 -1.33 14.24 -10.53
N ASN A 122 -1.34 13.92 -11.82
CA ASN A 122 -1.85 14.82 -12.86
C ASN A 122 -2.26 14.04 -14.09
N GLY A 123 -2.94 14.71 -15.03
CA GLY A 123 -3.38 14.09 -16.27
C GLY A 123 -3.92 15.13 -17.25
N ARG A 124 -4.04 14.75 -18.52
CA ARG A 124 -4.56 15.63 -19.56
C ARG A 124 -6.09 15.71 -19.48
N GLY A 125 -6.67 16.77 -20.04
CA GLY A 125 -8.11 16.96 -20.03
C GLY A 125 -8.80 15.91 -20.90
N GLY A 126 -9.94 15.41 -20.40
CA GLY A 126 -10.70 14.39 -21.10
C GLY A 126 -11.83 15.00 -21.94
N ARG A 127 -12.48 14.16 -22.75
CA ARG A 127 -13.64 14.57 -23.52
C ARG A 127 -14.80 14.90 -22.58
N GLY A 128 -15.53 15.99 -22.87
CA GLY A 128 -16.67 16.38 -22.07
C GLY A 128 -17.90 15.57 -22.48
N ARG A 129 -18.62 15.02 -21.50
CA ARG A 129 -19.81 14.22 -21.78
C ARG A 129 -20.99 15.14 -22.06
N GLY A 130 -21.95 14.66 -22.88
CA GLY A 130 -23.17 15.41 -23.15
C GLY A 130 -24.10 15.39 -21.95
N GLY A 131 -25.37 15.77 -22.17
CA GLY A 131 -26.38 15.77 -21.11
C GLY A 131 -26.78 14.35 -20.73
N GLY A 1 15.62 6.44 11.77
CA GLY A 1 14.59 7.30 12.36
C GLY A 1 13.21 6.65 12.27
N GLY A 2 12.15 7.47 12.25
CA GLY A 2 10.79 6.99 12.17
C GLY A 2 10.46 6.49 10.76
N PHE A 3 9.29 5.87 10.60
CA PHE A 3 8.84 5.35 9.32
C PHE A 3 8.49 6.44 8.30
N ASN A 4 9.34 6.59 7.28
CA ASN A 4 9.16 7.60 6.25
C ASN A 4 9.12 9.01 6.86
N LYS A 5 8.70 9.98 6.06
CA LYS A 5 8.68 11.39 6.44
C LYS A 5 7.48 11.73 7.34
N PHE A 6 6.61 10.77 7.62
CA PHE A 6 5.47 11.00 8.50
C PHE A 6 5.59 10.12 9.76
N GLY A 7 6.56 9.20 9.78
CA GLY A 7 6.93 8.46 10.98
C GLY A 7 6.06 7.23 11.25
N GLY A 8 5.15 6.87 10.32
CA GLY A 8 4.25 5.74 10.56
C GLY A 8 3.30 6.05 11.72
N PRO A 9 2.88 5.03 12.47
CA PRO A 9 1.97 5.16 13.60
C PRO A 9 2.61 5.89 14.79
N ARG A 10 3.73 6.58 14.56
CA ARG A 10 4.44 7.29 15.61
C ARG A 10 3.81 8.66 15.84
N ASP A 11 3.14 9.21 14.83
CA ASP A 11 2.48 10.50 14.92
C ASP A 11 0.96 10.29 14.93
N GLN A 12 0.51 9.03 14.94
CA GLN A 12 -0.90 8.68 14.95
C GLN A 12 -1.54 9.01 16.30
N GLY A 13 -2.86 8.99 16.34
CA GLY A 13 -3.64 9.32 17.54
C GLY A 13 -3.67 8.14 18.51
N SER A 14 -4.87 7.58 18.71
CA SER A 14 -5.11 6.53 19.69
C SER A 14 -4.59 5.16 19.25
N ARG A 15 -3.52 5.12 18.44
CA ARG A 15 -3.00 3.86 17.92
C ARG A 15 -2.44 2.97 19.03
N HIS A 16 -2.38 3.48 20.27
CA HIS A 16 -1.87 2.73 21.40
C HIS A 16 -2.99 1.95 22.09
N ASP A 17 -4.24 2.32 21.84
CA ASP A 17 -5.41 1.69 22.47
C ASP A 17 -6.49 1.25 21.48
N SER A 18 -6.27 1.47 20.19
CA SER A 18 -7.24 1.16 19.14
C SER A 18 -6.56 0.68 17.88
N GLU A 19 -7.28 -0.10 17.08
CA GLU A 19 -6.77 -0.63 15.82
C GLU A 19 -7.16 0.28 14.64
N GLN A 20 -7.85 1.38 14.92
CA GLN A 20 -8.27 2.32 13.90
C GLN A 20 -7.19 3.38 13.68
N ASP A 21 -7.18 4.42 14.53
CA ASP A 21 -6.23 5.52 14.54
C ASP A 21 -6.00 6.20 13.18
N ASN A 22 -6.87 5.96 12.20
CA ASN A 22 -6.73 6.53 10.87
C ASN A 22 -8.10 6.67 10.22
N SER A 23 -8.21 7.55 9.22
CA SER A 23 -9.45 7.75 8.49
C SER A 23 -9.16 8.19 7.05
N ASP A 24 -7.87 8.27 6.69
CA ASP A 24 -7.42 8.74 5.40
C ASP A 24 -6.25 7.93 4.84
N ASN A 25 -5.95 6.80 5.50
CA ASN A 25 -4.78 6.01 5.20
C ASN A 25 -5.14 4.53 5.09
N ASN A 26 -6.08 4.20 4.20
CA ASN A 26 -6.48 2.83 3.94
C ASN A 26 -5.33 2.07 3.28
N THR A 27 -4.30 2.78 2.80
CA THR A 27 -3.21 2.18 2.07
C THR A 27 -2.03 1.77 2.94
N ILE A 28 -1.34 0.69 2.55
CA ILE A 28 -0.15 0.21 3.22
C ILE A 28 0.97 0.01 2.21
N PHE A 29 2.22 0.22 2.64
CA PHE A 29 3.38 -0.02 1.82
C PHE A 29 3.96 -1.35 2.31
N VAL A 30 4.57 -2.11 1.39
CA VAL A 30 5.13 -3.42 1.70
C VAL A 30 6.54 -3.55 1.15
N GLN A 31 7.38 -4.34 1.83
CA GLN A 31 8.76 -4.55 1.41
C GLN A 31 9.11 -6.03 1.59
N GLY A 32 10.00 -6.55 0.75
CA GLY A 32 10.54 -7.90 0.91
C GLY A 32 9.81 -8.95 0.07
N LEU A 33 8.88 -8.52 -0.78
CA LEU A 33 8.09 -9.42 -1.61
C LEU A 33 8.97 -10.32 -2.46
N GLY A 34 9.87 -9.71 -3.21
CA GLY A 34 10.65 -10.40 -4.22
C GLY A 34 9.91 -10.38 -5.55
N GLU A 35 10.45 -11.04 -6.56
CA GLU A 35 9.93 -11.04 -7.91
C GLU A 35 8.87 -12.13 -8.12
N ASN A 36 8.69 -13.02 -7.14
CA ASN A 36 7.74 -14.11 -7.25
C ASN A 36 6.31 -13.62 -7.02
N VAL A 37 6.15 -12.34 -6.65
CA VAL A 37 4.88 -11.75 -6.31
C VAL A 37 4.22 -11.06 -7.49
N THR A 38 2.90 -10.86 -7.41
CA THR A 38 2.11 -10.23 -8.47
C THR A 38 0.82 -9.73 -7.83
N ILE A 39 0.05 -8.90 -8.56
CA ILE A 39 -1.17 -8.26 -8.07
C ILE A 39 -2.10 -9.27 -7.39
N GLU A 40 -2.22 -10.47 -7.96
CA GLU A 40 -3.13 -11.47 -7.42
C GLU A 40 -2.56 -12.07 -6.14
N SER A 41 -1.24 -12.09 -5.99
CA SER A 41 -0.59 -12.68 -4.82
C SER A 41 -0.73 -11.75 -3.62
N VAL A 42 -0.40 -10.46 -3.79
CA VAL A 42 -0.47 -9.47 -2.72
C VAL A 42 -1.92 -9.36 -2.23
N ALA A 43 -2.87 -9.10 -3.12
CA ALA A 43 -4.27 -8.96 -2.73
C ALA A 43 -4.77 -10.21 -2.03
N ASP A 44 -4.35 -11.39 -2.50
CA ASP A 44 -4.76 -12.66 -1.88
C ASP A 44 -4.01 -12.90 -0.58
N TYR A 45 -2.92 -12.17 -0.35
CA TYR A 45 -2.10 -12.31 0.84
C TYR A 45 -2.49 -11.32 1.95
N PHE A 46 -3.04 -10.19 1.54
CA PHE A 46 -3.46 -9.13 2.45
C PHE A 46 -4.94 -9.16 2.80
N LYS A 47 -5.75 -9.83 1.97
CA LYS A 47 -7.21 -9.81 2.12
C LYS A 47 -7.66 -10.49 3.41
N GLN A 48 -6.79 -11.32 4.00
CA GLN A 48 -7.11 -12.03 5.23
C GLN A 48 -7.33 -11.07 6.40
N ILE A 49 -6.81 -9.85 6.32
CA ILE A 49 -7.01 -8.85 7.35
C ILE A 49 -8.29 -8.05 7.08
N GLY A 50 -8.69 -8.01 5.81
CA GLY A 50 -9.87 -7.29 5.37
C GLY A 50 -9.83 -7.13 3.86
N ILE A 51 -10.93 -6.69 3.27
CA ILE A 51 -11.08 -6.64 1.83
C ILE A 51 -10.13 -5.61 1.22
N ILE A 52 -9.51 -5.98 0.10
CA ILE A 52 -8.65 -5.08 -0.67
C ILE A 52 -9.52 -4.15 -1.50
N LYS A 53 -9.17 -2.85 -1.54
CA LYS A 53 -9.93 -1.88 -2.32
C LYS A 53 -9.73 -2.14 -3.81
N THR A 54 -10.76 -1.82 -4.61
CA THR A 54 -10.75 -2.11 -6.04
C THR A 54 -11.00 -0.88 -6.92
N ASN A 55 -10.25 -0.77 -8.01
CA ASN A 55 -10.43 0.32 -8.97
C ASN A 55 -11.73 0.13 -9.72
N LYS A 56 -12.46 1.23 -9.98
CA LYS A 56 -13.78 1.18 -10.56
C LYS A 56 -13.75 0.90 -12.07
N LYS A 57 -12.60 1.13 -12.73
CA LYS A 57 -12.50 0.99 -14.17
C LYS A 57 -11.62 -0.19 -14.58
N THR A 58 -10.52 -0.41 -13.86
CA THR A 58 -9.60 -1.49 -14.18
C THR A 58 -10.00 -2.85 -13.60
N GLY A 59 -10.85 -2.84 -12.57
CA GLY A 59 -11.45 -4.04 -12.01
C GLY A 59 -10.47 -4.85 -11.15
N GLN A 60 -9.17 -4.57 -11.25
CA GLN A 60 -8.17 -5.23 -10.41
C GLN A 60 -8.07 -4.51 -9.07
N PRO A 61 -7.56 -5.18 -8.03
CA PRO A 61 -7.32 -4.57 -6.74
C PRO A 61 -6.28 -3.47 -6.90
N MET A 62 -6.32 -2.47 -6.01
CA MET A 62 -5.46 -1.30 -6.11
C MET A 62 -4.06 -1.60 -5.59
N ILE A 63 -3.26 -2.26 -6.44
CA ILE A 63 -1.90 -2.65 -6.11
C ILE A 63 -0.95 -2.32 -7.25
N ASN A 64 0.34 -2.14 -6.92
CA ASN A 64 1.41 -2.02 -7.89
C ASN A 64 2.69 -2.57 -7.29
N LEU A 65 3.39 -3.45 -8.03
CA LEU A 65 4.66 -3.99 -7.57
C LEU A 65 5.77 -3.12 -8.13
N TYR A 66 6.57 -2.52 -7.24
CA TYR A 66 7.63 -1.61 -7.63
C TYR A 66 8.92 -2.32 -8.02
N THR A 67 9.76 -1.66 -8.82
CA THR A 67 10.91 -2.32 -9.42
C THR A 67 12.20 -1.54 -9.28
N ASP A 68 13.31 -2.27 -9.31
CA ASP A 68 14.63 -1.69 -9.39
C ASP A 68 14.87 -1.05 -10.75
N ARG A 69 15.20 0.24 -10.76
CA ARG A 69 15.40 0.98 -12.00
C ARG A 69 16.73 0.58 -12.65
N GLU A 70 17.51 -0.24 -11.97
CA GLU A 70 18.82 -0.69 -12.43
C GLU A 70 18.76 -2.05 -13.12
N THR A 71 17.61 -2.73 -13.10
CA THR A 71 17.52 -4.06 -13.68
C THR A 71 16.11 -4.32 -14.24
N GLY A 72 15.10 -3.61 -13.72
CA GLY A 72 13.76 -3.64 -14.28
C GLY A 72 12.91 -4.78 -13.73
N LYS A 73 13.24 -5.28 -12.53
CA LYS A 73 12.46 -6.33 -11.88
C LYS A 73 12.13 -5.92 -10.45
N LEU A 74 11.19 -6.64 -9.81
CA LEU A 74 10.68 -6.26 -8.50
C LEU A 74 11.83 -5.98 -7.54
N LYS A 75 11.81 -4.80 -6.91
CA LYS A 75 12.76 -4.45 -5.85
C LYS A 75 12.24 -4.96 -4.51
N GLY A 76 11.09 -5.64 -4.53
CA GLY A 76 10.47 -6.20 -3.34
C GLY A 76 9.48 -5.24 -2.71
N GLU A 77 9.34 -4.03 -3.27
CA GLU A 77 8.39 -3.05 -2.78
C GLU A 77 7.04 -3.20 -3.48
N ALA A 78 5.97 -2.92 -2.74
CA ALA A 78 4.62 -2.91 -3.29
C ALA A 78 3.72 -2.06 -2.40
N THR A 79 2.53 -1.72 -2.89
CA THR A 79 1.56 -0.92 -2.15
C THR A 79 0.15 -1.44 -2.32
N VAL A 80 -0.50 -1.82 -1.21
CA VAL A 80 -1.82 -2.44 -1.22
C VAL A 80 -2.81 -1.49 -0.56
N SER A 81 -3.92 -1.17 -1.24
CA SER A 81 -4.95 -0.34 -0.63
C SER A 81 -6.07 -1.22 -0.08
N PHE A 82 -6.42 -1.02 1.20
CA PHE A 82 -7.55 -1.69 1.81
C PHE A 82 -8.89 -1.01 1.55
N ASP A 83 -9.98 -1.78 1.46
CA ASP A 83 -11.29 -1.22 1.22
C ASP A 83 -11.80 -0.59 2.51
N ASP A 84 -11.19 -0.98 3.64
CA ASP A 84 -11.56 -0.52 4.96
C ASP A 84 -10.34 0.05 5.70
N PRO A 85 -10.47 1.22 6.34
CA PRO A 85 -9.35 1.89 6.97
C PRO A 85 -8.78 1.15 8.19
N PRO A 86 -9.57 0.42 9.01
CA PRO A 86 -9.03 -0.24 10.18
C PRO A 86 -8.25 -1.50 9.80
N SER A 87 -8.49 -2.03 8.60
CA SER A 87 -7.80 -3.24 8.15
C SER A 87 -6.38 -2.93 7.76
N ALA A 88 -6.12 -1.69 7.29
CA ALA A 88 -4.79 -1.26 6.92
C ALA A 88 -3.87 -1.25 8.14
N LYS A 89 -4.34 -0.66 9.24
CA LYS A 89 -3.54 -0.54 10.46
C LYS A 89 -3.22 -1.91 11.03
N ALA A 90 -4.19 -2.83 10.97
CA ALA A 90 -4.02 -4.19 11.47
C ALA A 90 -3.04 -4.96 10.59
N ALA A 91 -3.11 -4.77 9.27
CA ALA A 91 -2.23 -5.47 8.35
C ALA A 91 -0.79 -4.98 8.52
N ILE A 92 -0.61 -3.75 8.99
CA ILE A 92 0.72 -3.23 9.27
C ILE A 92 1.29 -3.90 10.51
N ASP A 93 0.57 -3.78 11.62
CA ASP A 93 0.99 -4.36 12.89
C ASP A 93 1.15 -5.88 12.84
N TRP A 94 0.49 -6.52 11.87
CA TRP A 94 0.51 -7.96 11.74
C TRP A 94 1.58 -8.45 10.77
N PHE A 95 1.52 -8.02 9.50
CA PHE A 95 2.42 -8.52 8.48
C PHE A 95 3.88 -8.08 8.64
N ASP A 96 4.10 -6.87 9.17
CA ASP A 96 5.45 -6.41 9.41
C ASP A 96 6.25 -7.38 10.29
N GLY A 97 7.26 -8.03 9.71
CA GLY A 97 8.18 -8.89 10.44
C GLY A 97 8.00 -10.37 10.11
N LYS A 98 6.89 -10.76 9.46
CA LYS A 98 6.70 -12.15 9.06
C LYS A 98 7.14 -12.34 7.61
N GLU A 99 6.87 -13.52 7.04
CA GLU A 99 7.29 -13.84 5.67
C GLU A 99 6.10 -13.70 4.72
N PHE A 100 6.35 -13.87 3.42
CA PHE A 100 5.32 -13.77 2.39
C PHE A 100 5.37 -14.97 1.46
N SER A 101 6.59 -15.44 1.14
CA SER A 101 6.79 -16.57 0.24
C SER A 101 7.98 -17.41 0.72
N GLY A 102 8.40 -17.20 1.98
CA GLY A 102 9.55 -17.86 2.54
C GLY A 102 10.64 -16.85 2.91
N ASN A 103 10.55 -15.65 2.34
CA ASN A 103 11.44 -14.54 2.69
C ASN A 103 10.69 -13.57 3.60
N PRO A 104 11.40 -12.89 4.52
CA PRO A 104 10.82 -11.93 5.44
C PRO A 104 10.35 -10.69 4.70
N ILE A 105 9.33 -10.01 5.24
CA ILE A 105 8.77 -8.82 4.64
C ILE A 105 8.47 -7.76 5.70
N LYS A 106 8.18 -6.54 5.24
CA LYS A 106 7.80 -5.43 6.12
C LYS A 106 6.58 -4.72 5.59
N VAL A 107 5.86 -4.05 6.49
CA VAL A 107 4.65 -3.31 6.15
C VAL A 107 4.57 -2.04 7.00
N SER A 108 4.02 -0.97 6.42
CA SER A 108 3.84 0.30 7.10
C SER A 108 2.69 1.05 6.44
N PHE A 109 2.26 2.17 7.02
CA PHE A 109 1.32 3.04 6.36
C PHE A 109 1.86 3.55 5.02
N ALA A 110 0.97 4.00 4.13
CA ALA A 110 1.37 4.52 2.84
C ALA A 110 0.71 5.87 2.59
N THR A 111 1.49 6.81 2.03
CA THR A 111 1.03 8.13 1.70
C THR A 111 1.65 8.60 0.38
N ARG A 112 0.84 9.21 -0.49
CA ARG A 112 1.25 9.55 -1.85
C ARG A 112 2.60 10.25 -1.83
N ARG A 113 3.63 9.55 -2.33
CA ARG A 113 5.02 10.00 -2.24
C ARG A 113 5.23 11.17 -3.22
N ALA A 114 4.51 11.17 -4.33
CA ALA A 114 4.64 12.23 -5.31
C ALA A 114 4.28 13.58 -4.72
N ASP A 115 3.34 13.61 -3.77
CA ASP A 115 2.91 14.86 -3.14
C ASP A 115 4.06 15.45 -2.32
N PHE A 116 5.13 14.67 -2.09
CA PHE A 116 6.26 15.13 -1.30
C PHE A 116 7.42 15.67 -2.12
N ASN A 117 7.42 15.44 -3.45
CA ASN A 117 8.52 15.91 -4.28
C ASN A 117 8.12 16.09 -5.75
N ARG A 118 7.32 15.17 -6.30
CA ARG A 118 6.97 15.21 -7.72
C ARG A 118 5.81 16.17 -8.00
N GLY A 119 5.26 16.80 -6.97
CA GLY A 119 4.13 17.71 -7.14
C GLY A 119 2.80 16.95 -7.13
N GLY A 120 2.82 15.68 -6.76
CA GLY A 120 1.62 14.85 -6.72
C GLY A 120 1.32 14.26 -8.09
N GLY A 121 0.05 13.87 -8.29
CA GLY A 121 -0.38 13.26 -9.55
C GLY A 121 -0.47 14.28 -10.68
N ASN A 122 -1.05 13.86 -11.81
CA ASN A 122 -1.18 14.70 -12.99
C ASN A 122 -2.43 14.30 -13.77
N GLY A 123 -2.81 15.11 -14.76
CA GLY A 123 -3.95 14.81 -15.61
C GLY A 123 -4.09 15.84 -16.72
N ARG A 124 -4.95 15.54 -17.69
CA ARG A 124 -5.23 16.43 -18.82
C ARG A 124 -6.73 16.49 -19.07
N GLY A 125 -7.17 17.49 -19.83
CA GLY A 125 -8.59 17.62 -20.17
C GLY A 125 -9.00 16.49 -21.11
N GLY A 126 -10.14 15.87 -20.81
CA GLY A 126 -10.64 14.75 -21.60
C GLY A 126 -11.59 15.21 -22.69
N ARG A 127 -12.03 14.27 -23.54
CA ARG A 127 -12.99 14.55 -24.60
C ARG A 127 -14.35 14.88 -24.01
N GLY A 128 -15.04 15.86 -24.61
CA GLY A 128 -16.38 16.26 -24.15
C GLY A 128 -17.45 15.30 -24.64
N ARG A 129 -18.68 15.47 -24.15
CA ARG A 129 -19.80 14.64 -24.56
C ARG A 129 -20.14 14.94 -26.02
N GLY A 130 -20.62 13.91 -26.75
CA GLY A 130 -20.97 14.06 -28.16
C GLY A 130 -22.26 14.86 -28.34
N GLY A 131 -22.61 15.16 -29.59
CA GLY A 131 -23.80 15.92 -29.93
C GLY A 131 -23.62 17.40 -29.56
#